data_1WP8
# 
_entry.id   1WP8 
# 
_audit_conform.dict_name       mmcif_pdbx.dic 
_audit_conform.dict_version    5.388 
_audit_conform.dict_location   http://mmcif.pdb.org/dictionaries/ascii/mmcif_pdbx.dic 
# 
loop_
_database_2.database_id 
_database_2.database_code 
_database_2.pdbx_database_accession 
_database_2.pdbx_DOI 
PDB   1WP8         pdb_00001wp8 10.2210/pdb1wp8/pdb 
RCSB  RCSB023841   ?            ?                   
WWPDB D_1000023841 ?            ?                   
# 
loop_
_pdbx_audit_revision_history.ordinal 
_pdbx_audit_revision_history.data_content_type 
_pdbx_audit_revision_history.major_revision 
_pdbx_audit_revision_history.minor_revision 
_pdbx_audit_revision_history.revision_date 
1 'Structure model' 1 0 2005-11-15 
2 'Structure model' 1 1 2008-04-30 
3 'Structure model' 1 2 2011-07-13 
4 'Structure model' 1 3 2017-06-07 
5 'Structure model' 1 4 2024-03-13 
# 
_pdbx_audit_revision_details.ordinal             1 
_pdbx_audit_revision_details.revision_ordinal    1 
_pdbx_audit_revision_details.data_content_type   'Structure model' 
_pdbx_audit_revision_details.provider            repository 
_pdbx_audit_revision_details.type                'Initial release' 
_pdbx_audit_revision_details.description         ? 
_pdbx_audit_revision_details.details             ? 
# 
loop_
_pdbx_audit_revision_group.ordinal 
_pdbx_audit_revision_group.revision_ordinal 
_pdbx_audit_revision_group.data_content_type 
_pdbx_audit_revision_group.group 
1 2 'Structure model' 'Version format compliance' 
2 3 'Structure model' 'Version format compliance' 
3 4 'Structure model' 'Database references'       
4 5 'Structure model' 'Data collection'           
5 5 'Structure model' 'Database references'       
# 
loop_
_pdbx_audit_revision_category.ordinal 
_pdbx_audit_revision_category.revision_ordinal 
_pdbx_audit_revision_category.data_content_type 
_pdbx_audit_revision_category.category 
1 5 'Structure model' chem_comp_atom 
2 5 'Structure model' chem_comp_bond 
3 5 'Structure model' database_2     
# 
loop_
_pdbx_audit_revision_item.ordinal 
_pdbx_audit_revision_item.revision_ordinal 
_pdbx_audit_revision_item.data_content_type 
_pdbx_audit_revision_item.item 
1 5 'Structure model' '_database_2.pdbx_DOI'                
2 5 'Structure model' '_database_2.pdbx_database_accession' 
# 
_pdbx_database_status.status_code                     REL 
_pdbx_database_status.entry_id                        1WP8 
_pdbx_database_status.recvd_initial_deposition_date   2004-08-31 
_pdbx_database_status.deposit_site                    PDBJ 
_pdbx_database_status.process_site                    PDBJ 
_pdbx_database_status.status_code_sf                  REL 
_pdbx_database_status.status_code_mr                  ? 
_pdbx_database_status.SG_entry                        ? 
_pdbx_database_status.pdb_format_compatible           Y 
_pdbx_database_status.status_code_cs                  ? 
_pdbx_database_status.methods_development_category    ? 
_pdbx_database_status.status_code_nmr_data            ? 
# 
loop_
_audit_author.name 
_audit_author.pdbx_ordinal 
_audit_author.identifier_ORCID 
'Xu, Y.'    1 ? 
'Liu, Y.'   2 ? 
'Lou, Z.'   3 ? 
'Su, N.'    4 ? 
'Bai, Z.'   5 ? 
'Gao, G.F.' 6 ? 
'Rao, Z.'   7 ? 
# 
_citation.id                        primary 
_citation.title                     'Crystal structures of Nipah and Hendra virus fusion core proteins' 
_citation.journal_abbrev            'FEBS J.' 
_citation.journal_volume            273 
_citation.page_first                4538 
_citation.page_last                 4547 
_citation.year                      2006 
_citation.journal_id_ASTM           ? 
_citation.country                   UK 
_citation.journal_id_ISSN           1742-464X 
_citation.journal_id_CSD            ? 
_citation.book_publisher            ? 
_citation.pdbx_database_id_PubMed   16972940 
_citation.pdbx_database_id_DOI      10.1111/j.1742-4658.2006.05459.x 
# 
loop_
_citation_author.citation_id 
_citation_author.name 
_citation_author.ordinal 
_citation_author.identifier_ORCID 
primary 'Lou, Z.'     1 ? 
primary 'Xu, Y.'      2 ? 
primary 'Xiang, K.'   3 ? 
primary 'Su, N.'      4 ? 
primary 'Qin, L.'     5 ? 
primary 'Li, X.'      6 ? 
primary 'Gao, G.F.'   7 ? 
primary 'Bartlam, M.' 8 ? 
primary 'Rao, Z.'     9 ? 
# 
loop_
_entity.id 
_entity.type 
_entity.src_method 
_entity.pdbx_description 
_entity.formula_weight 
_entity.pdbx_number_of_molecules 
_entity.pdbx_ec 
_entity.pdbx_mutation 
_entity.pdbx_fragment 
_entity.details 
1 polymer man 'Fusion glycoprotein F0,Fusion glycoprotein F0' 9748.781 3   ? ? 'UNP residues 137-178,UNP residues 453-485' ? 
2 water   nat water                                           18.015   183 ? ? ?                                           ? 
# 
_entity_name_com.entity_id   1 
_entity_name_com.name        fusion 
# 
_entity_poly.entity_id                      1 
_entity_poly.type                           'polypeptide(L)' 
_entity_poly.nstd_linkage                   no 
_entity_poly.nstd_monomer                   no 
_entity_poly.pdbx_seq_one_letter_code       
;AMKNADNINKLKSSIESTNEAVVKLQETAEKTVYVLTALQDYGGSGGSGGKVDISSQISSMNQSLQQSKDYIKEAQKILD
TVNHHHHHH
;
_entity_poly.pdbx_seq_one_letter_code_can   
;AMKNADNINKLKSSIESTNEAVVKLQETAEKTVYVLTALQDYGGSGGSGGKVDISSQISSMNQSLQQSKDYIKEAQKILD
TVNHHHHHH
;
_entity_poly.pdbx_strand_id                 A,B,C 
_entity_poly.pdbx_target_identifier         ? 
# 
_pdbx_entity_nonpoly.entity_id   2 
_pdbx_entity_nonpoly.name        water 
_pdbx_entity_nonpoly.comp_id     HOH 
# 
loop_
_entity_poly_seq.entity_id 
_entity_poly_seq.num 
_entity_poly_seq.mon_id 
_entity_poly_seq.hetero 
1 1  ALA n 
1 2  MET n 
1 3  LYS n 
1 4  ASN n 
1 5  ALA n 
1 6  ASP n 
1 7  ASN n 
1 8  ILE n 
1 9  ASN n 
1 10 LYS n 
1 11 LEU n 
1 12 LYS n 
1 13 SER n 
1 14 SER n 
1 15 ILE n 
1 16 GLU n 
1 17 SER n 
1 18 THR n 
1 19 ASN n 
1 20 GLU n 
1 21 ALA n 
1 22 VAL n 
1 23 VAL n 
1 24 LYS n 
1 25 LEU n 
1 26 GLN n 
1 27 GLU n 
1 28 THR n 
1 29 ALA n 
1 30 GLU n 
1 31 LYS n 
1 32 THR n 
1 33 VAL n 
1 34 TYR n 
1 35 VAL n 
1 36 LEU n 
1 37 THR n 
1 38 ALA n 
1 39 LEU n 
1 40 GLN n 
1 41 ASP n 
1 42 TYR n 
1 43 GLY n 
1 44 GLY n 
1 45 SER n 
1 46 GLY n 
1 47 GLY n 
1 48 SER n 
1 49 GLY n 
1 50 GLY n 
1 51 LYS n 
1 52 VAL n 
1 53 ASP n 
1 54 ILE n 
1 55 SER n 
1 56 SER n 
1 57 GLN n 
1 58 ILE n 
1 59 SER n 
1 60 SER n 
1 61 MET n 
1 62 ASN n 
1 63 GLN n 
1 64 SER n 
1 65 LEU n 
1 66 GLN n 
1 67 GLN n 
1 68 SER n 
1 69 LYS n 
1 70 ASP n 
1 71 TYR n 
1 72 ILE n 
1 73 LYS n 
1 74 GLU n 
1 75 ALA n 
1 76 GLN n 
1 77 LYS n 
1 78 ILE n 
1 79 LEU n 
1 80 ASP n 
1 81 THR n 
1 82 VAL n 
1 83 ASN n 
1 84 HIS n 
1 85 HIS n 
1 86 HIS n 
1 87 HIS n 
1 88 HIS n 
1 89 HIS n 
# 
loop_
_entity_src_gen.entity_id 
_entity_src_gen.pdbx_src_id 
_entity_src_gen.pdbx_alt_source_flag 
_entity_src_gen.pdbx_seq_type 
_entity_src_gen.pdbx_beg_seq_num 
_entity_src_gen.pdbx_end_seq_num 
_entity_src_gen.gene_src_common_name 
_entity_src_gen.gene_src_genus 
_entity_src_gen.pdbx_gene_src_gene 
_entity_src_gen.gene_src_species 
_entity_src_gen.gene_src_strain 
_entity_src_gen.gene_src_tissue 
_entity_src_gen.gene_src_tissue_fraction 
_entity_src_gen.gene_src_details 
_entity_src_gen.pdbx_gene_src_fragment 
_entity_src_gen.pdbx_gene_src_scientific_name 
_entity_src_gen.pdbx_gene_src_ncbi_taxonomy_id 
_entity_src_gen.pdbx_gene_src_variant 
_entity_src_gen.pdbx_gene_src_cell_line 
_entity_src_gen.pdbx_gene_src_atcc 
_entity_src_gen.pdbx_gene_src_organ 
_entity_src_gen.pdbx_gene_src_organelle 
_entity_src_gen.pdbx_gene_src_cell 
_entity_src_gen.pdbx_gene_src_cellular_location 
_entity_src_gen.host_org_common_name 
_entity_src_gen.pdbx_host_org_scientific_name 
_entity_src_gen.pdbx_host_org_ncbi_taxonomy_id 
_entity_src_gen.host_org_genus 
_entity_src_gen.pdbx_host_org_gene 
_entity_src_gen.pdbx_host_org_organ 
_entity_src_gen.host_org_species 
_entity_src_gen.pdbx_host_org_tissue 
_entity_src_gen.pdbx_host_org_tissue_fraction 
_entity_src_gen.pdbx_host_org_strain 
_entity_src_gen.pdbx_host_org_variant 
_entity_src_gen.pdbx_host_org_cell_line 
_entity_src_gen.pdbx_host_org_atcc 
_entity_src_gen.pdbx_host_org_culture_collection 
_entity_src_gen.pdbx_host_org_cell 
_entity_src_gen.pdbx_host_org_organelle 
_entity_src_gen.pdbx_host_org_cellular_location 
_entity_src_gen.pdbx_host_org_vector_type 
_entity_src_gen.pdbx_host_org_vector 
_entity_src_gen.host_org_details 
_entity_src_gen.expression_system_id 
_entity_src_gen.plasmid_name 
_entity_src_gen.plasmid_details 
_entity_src_gen.pdbx_description 
1 1 sample 'Biological sequence' 1  50 ? Henipavirus ? ? ? ? ? ? ? 'Hendra virus' 63330 ? ? ? ? ? ? ? ? 
'Escherichia coli BL21(DE3)' 469008 Escherichia ? ? 'Escherichia coli' ? ? 'BL21(DE3)' ? ? ? ? ? ? ? plasmid ? ? ? 'pET 22b' ? ? 
1 2 sample 'Biological sequence' 51 89 ? Henipavirus ? ? ? ? ? ? ? 'Hendra virus' 63330 ? ? ? ? ? ? ? ? 
'Escherichia coli BL21(DE3)' 469008 Escherichia ? ? 'Escherichia coli' ? ? 'BL21(DE3)' ? ? ? ? ? ? ? plasmid ? ? ? 'pET 22b' ? ? 
# 
loop_
_chem_comp.id 
_chem_comp.type 
_chem_comp.mon_nstd_flag 
_chem_comp.name 
_chem_comp.pdbx_synonyms 
_chem_comp.formula 
_chem_comp.formula_weight 
ALA 'L-peptide linking' y ALANINE         ? 'C3 H7 N O2'     89.093  
ASN 'L-peptide linking' y ASPARAGINE      ? 'C4 H8 N2 O3'    132.118 
ASP 'L-peptide linking' y 'ASPARTIC ACID' ? 'C4 H7 N O4'     133.103 
GLN 'L-peptide linking' y GLUTAMINE       ? 'C5 H10 N2 O3'   146.144 
GLU 'L-peptide linking' y 'GLUTAMIC ACID' ? 'C5 H9 N O4'     147.129 
GLY 'peptide linking'   y GLYCINE         ? 'C2 H5 N O2'     75.067  
HIS 'L-peptide linking' y HISTIDINE       ? 'C6 H10 N3 O2 1' 156.162 
HOH non-polymer         . WATER           ? 'H2 O'           18.015  
ILE 'L-peptide linking' y ISOLEUCINE      ? 'C6 H13 N O2'    131.173 
LEU 'L-peptide linking' y LEUCINE         ? 'C6 H13 N O2'    131.173 
LYS 'L-peptide linking' y LYSINE          ? 'C6 H15 N2 O2 1' 147.195 
MET 'L-peptide linking' y METHIONINE      ? 'C5 H11 N O2 S'  149.211 
SER 'L-peptide linking' y SERINE          ? 'C3 H7 N O3'     105.093 
THR 'L-peptide linking' y THREONINE       ? 'C4 H9 N O3'     119.119 
TYR 'L-peptide linking' y TYROSINE        ? 'C9 H11 N O3'    181.189 
VAL 'L-peptide linking' y VALINE          ? 'C5 H11 N O2'    117.146 
# 
loop_
_pdbx_poly_seq_scheme.asym_id 
_pdbx_poly_seq_scheme.entity_id 
_pdbx_poly_seq_scheme.seq_id 
_pdbx_poly_seq_scheme.mon_id 
_pdbx_poly_seq_scheme.ndb_seq_num 
_pdbx_poly_seq_scheme.pdb_seq_num 
_pdbx_poly_seq_scheme.auth_seq_num 
_pdbx_poly_seq_scheme.pdb_mon_id 
_pdbx_poly_seq_scheme.auth_mon_id 
_pdbx_poly_seq_scheme.pdb_strand_id 
_pdbx_poly_seq_scheme.pdb_ins_code 
_pdbx_poly_seq_scheme.hetero 
A 1 1  ALA 1  137 ?   ?   ?   A . n 
A 1 2  MET 2  138 ?   ?   ?   A . n 
A 1 3  LYS 3  139 ?   ?   ?   A . n 
A 1 4  ASN 4  140 ?   ?   ?   A . n 
A 1 5  ALA 5  141 ?   ?   ?   A . n 
A 1 6  ASP 6  142 ?   ?   ?   A . n 
A 1 7  ASN 7  143 143 ASN ASN A . n 
A 1 8  ILE 8  144 144 ILE ILE A . n 
A 1 9  ASN 9  145 145 ASN ASN A . n 
A 1 10 LYS 10 146 146 LYS LYS A . n 
A 1 11 LEU 11 147 147 LEU LEU A . n 
A 1 12 LYS 12 148 148 LYS LYS A . n 
A 1 13 SER 13 149 149 SER SER A . n 
A 1 14 SER 14 150 150 SER SER A . n 
A 1 15 ILE 15 151 151 ILE ILE A . n 
A 1 16 GLU 16 152 152 GLU GLU A . n 
A 1 17 SER 17 153 153 SER SER A . n 
A 1 18 THR 18 154 154 THR THR A . n 
A 1 19 ASN 19 155 155 ASN ASN A . n 
A 1 20 GLU 20 156 156 GLU GLU A . n 
A 1 21 ALA 21 157 157 ALA ALA A . n 
A 1 22 VAL 22 158 158 VAL VAL A . n 
A 1 23 VAL 23 159 159 VAL VAL A . n 
A 1 24 LYS 24 160 160 LYS LYS A . n 
A 1 25 LEU 25 161 161 LEU LEU A . n 
A 1 26 GLN 26 162 162 GLN GLN A . n 
A 1 27 GLU 27 163 163 GLU GLU A . n 
A 1 28 THR 28 164 164 THR THR A . n 
A 1 29 ALA 29 165 165 ALA ALA A . n 
A 1 30 GLU 30 166 166 GLU GLU A . n 
A 1 31 LYS 31 167 167 LYS LYS A . n 
A 1 32 THR 32 168 168 THR THR A . n 
A 1 33 VAL 33 169 169 VAL VAL A . n 
A 1 34 TYR 34 170 170 TYR TYR A . n 
A 1 35 VAL 35 171 171 VAL VAL A . n 
A 1 36 LEU 36 172 172 LEU LEU A . n 
A 1 37 THR 37 173 173 THR THR A . n 
A 1 38 ALA 38 174 174 ALA ALA A . n 
A 1 39 LEU 39 175 175 LEU LEU A . n 
A 1 40 GLN 40 176 176 GLN GLN A . n 
A 1 41 ASP 41 177 ?   ?   ?   A . n 
A 1 42 TYR 42 178 ?   ?   ?   A . n 
A 1 43 GLY 43 200 ?   ?   ?   A . n 
A 1 44 GLY 44 201 ?   ?   ?   A . n 
A 1 45 SER 45 202 ?   ?   ?   A . n 
A 1 46 GLY 46 203 ?   ?   ?   A . n 
A 1 47 GLY 47 204 ?   ?   ?   A . n 
A 1 48 SER 48 205 ?   ?   ?   A . n 
A 1 49 GLY 49 206 ?   ?   ?   A . n 
A 1 50 GLY 50 207 ?   ?   ?   A . n 
A 1 51 LYS 51 453 ?   ?   ?   A . n 
A 1 52 VAL 52 454 ?   ?   ?   A . n 
A 1 53 ASP 53 455 455 ASP ASP A . n 
A 1 54 ILE 54 456 456 ILE ILE A . n 
A 1 55 SER 55 457 457 SER SER A . n 
A 1 56 SER 56 458 458 SER SER A . n 
A 1 57 GLN 57 459 459 GLN GLN A . n 
A 1 58 ILE 58 460 460 ILE ILE A . n 
A 1 59 SER 59 461 461 SER SER A . n 
A 1 60 SER 60 462 462 SER SER A . n 
A 1 61 MET 61 463 463 MET MET A . n 
A 1 62 ASN 62 464 464 ASN ASN A . n 
A 1 63 GLN 63 465 465 GLN GLN A . n 
A 1 64 SER 64 466 466 SER SER A . n 
A 1 65 LEU 65 467 467 LEU LEU A . n 
A 1 66 GLN 66 468 468 GLN GLN A . n 
A 1 67 GLN 67 469 469 GLN GLN A . n 
A 1 68 SER 68 470 470 SER SER A . n 
A 1 69 LYS 69 471 471 LYS LYS A . n 
A 1 70 ASP 70 472 472 ASP ASP A . n 
A 1 71 TYR 71 473 473 TYR TYR A . n 
A 1 72 ILE 72 474 474 ILE ILE A . n 
A 1 73 LYS 73 475 475 LYS LYS A . n 
A 1 74 GLU 74 476 476 GLU GLU A . n 
A 1 75 ALA 75 477 477 ALA ALA A . n 
A 1 76 GLN 76 478 478 GLN GLN A . n 
A 1 77 LYS 77 479 479 LYS LYS A . n 
A 1 78 ILE 78 480 480 ILE ILE A . n 
A 1 79 LEU 79 481 481 LEU LEU A . n 
A 1 80 ASP 80 482 482 ASP ASP A . n 
A 1 81 THR 81 483 483 THR THR A . n 
A 1 82 VAL 82 484 484 VAL VAL A . n 
A 1 83 ASN 83 485 ?   ?   ?   A . n 
A 1 84 HIS 84 486 ?   ?   ?   A . n 
A 1 85 HIS 85 487 ?   ?   ?   A . n 
A 1 86 HIS 86 488 ?   ?   ?   A . n 
A 1 87 HIS 87 489 ?   ?   ?   A . n 
A 1 88 HIS 88 490 ?   ?   ?   A . n 
A 1 89 HIS 89 491 ?   ?   ?   A . n 
B 1 1  ALA 1  137 ?   ?   ?   B . n 
B 1 2  MET 2  138 ?   ?   ?   B . n 
B 1 3  LYS 3  139 ?   ?   ?   B . n 
B 1 4  ASN 4  140 ?   ?   ?   B . n 
B 1 5  ALA 5  141 ?   ?   ?   B . n 
B 1 6  ASP 6  142 ?   ?   ?   B . n 
B 1 7  ASN 7  143 143 ASN ASN B . n 
B 1 8  ILE 8  144 144 ILE ILE B . n 
B 1 9  ASN 9  145 145 ASN ASN B . n 
B 1 10 LYS 10 146 146 LYS LYS B . n 
B 1 11 LEU 11 147 147 LEU LEU B . n 
B 1 12 LYS 12 148 148 LYS LYS B . n 
B 1 13 SER 13 149 149 SER SER B . n 
B 1 14 SER 14 150 150 SER SER B . n 
B 1 15 ILE 15 151 151 ILE ILE B . n 
B 1 16 GLU 16 152 152 GLU GLU B . n 
B 1 17 SER 17 153 153 SER SER B . n 
B 1 18 THR 18 154 154 THR THR B . n 
B 1 19 ASN 19 155 155 ASN ASN B . n 
B 1 20 GLU 20 156 156 GLU GLU B . n 
B 1 21 ALA 21 157 157 ALA ALA B . n 
B 1 22 VAL 22 158 158 VAL VAL B . n 
B 1 23 VAL 23 159 159 VAL VAL B . n 
B 1 24 LYS 24 160 160 LYS LYS B . n 
B 1 25 LEU 25 161 161 LEU LEU B . n 
B 1 26 GLN 26 162 162 GLN GLN B . n 
B 1 27 GLU 27 163 163 GLU GLU B . n 
B 1 28 THR 28 164 164 THR THR B . n 
B 1 29 ALA 29 165 165 ALA ALA B . n 
B 1 30 GLU 30 166 166 GLU GLU B . n 
B 1 31 LYS 31 167 167 LYS LYS B . n 
B 1 32 THR 32 168 168 THR THR B . n 
B 1 33 VAL 33 169 169 VAL VAL B . n 
B 1 34 TYR 34 170 170 TYR TYR B . n 
B 1 35 VAL 35 171 171 VAL VAL B . n 
B 1 36 LEU 36 172 172 LEU LEU B . n 
B 1 37 THR 37 173 173 THR THR B . n 
B 1 38 ALA 38 174 174 ALA ALA B . n 
B 1 39 LEU 39 175 175 LEU LEU B . n 
B 1 40 GLN 40 176 ?   ?   ?   B . n 
B 1 41 ASP 41 177 ?   ?   ?   B . n 
B 1 42 TYR 42 178 ?   ?   ?   B . n 
B 1 43 GLY 43 200 ?   ?   ?   B . n 
B 1 44 GLY 44 201 ?   ?   ?   B . n 
B 1 45 SER 45 202 ?   ?   ?   B . n 
B 1 46 GLY 46 203 ?   ?   ?   B . n 
B 1 47 GLY 47 204 ?   ?   ?   B . n 
B 1 48 SER 48 205 ?   ?   ?   B . n 
B 1 49 GLY 49 206 ?   ?   ?   B . n 
B 1 50 GLY 50 207 ?   ?   ?   B . n 
B 1 51 LYS 51 453 ?   ?   ?   B . n 
B 1 52 VAL 52 454 454 VAL VAL B . n 
B 1 53 ASP 53 455 455 ASP ASP B . n 
B 1 54 ILE 54 456 456 ILE ILE B . n 
B 1 55 SER 55 457 457 SER SER B . n 
B 1 56 SER 56 458 458 SER SER B . n 
B 1 57 GLN 57 459 459 GLN GLN B . n 
B 1 58 ILE 58 460 460 ILE ILE B . n 
B 1 59 SER 59 461 461 SER SER B . n 
B 1 60 SER 60 462 462 SER SER B . n 
B 1 61 MET 61 463 463 MET MET B . n 
B 1 62 ASN 62 464 464 ASN ASN B . n 
B 1 63 GLN 63 465 465 GLN GLN B . n 
B 1 64 SER 64 466 466 SER SER B . n 
B 1 65 LEU 65 467 467 LEU LEU B . n 
B 1 66 GLN 66 468 468 GLN GLN B . n 
B 1 67 GLN 67 469 469 GLN GLN B . n 
B 1 68 SER 68 470 470 SER SER B . n 
B 1 69 LYS 69 471 471 LYS LYS B . n 
B 1 70 ASP 70 472 472 ASP ASP B . n 
B 1 71 TYR 71 473 473 TYR TYR B . n 
B 1 72 ILE 72 474 474 ILE ILE B . n 
B 1 73 LYS 73 475 475 LYS LYS B . n 
B 1 74 GLU 74 476 476 GLU GLU B . n 
B 1 75 ALA 75 477 477 ALA ALA B . n 
B 1 76 GLN 76 478 478 GLN GLN B . n 
B 1 77 LYS 77 479 479 LYS LYS B . n 
B 1 78 ILE 78 480 480 ILE ILE B . n 
B 1 79 LEU 79 481 481 LEU LEU B . n 
B 1 80 ASP 80 482 482 ASP ASP B . n 
B 1 81 THR 81 483 483 THR THR B . n 
B 1 82 VAL 82 484 484 VAL VAL B . n 
B 1 83 ASN 83 485 ?   ?   ?   B . n 
B 1 84 HIS 84 486 ?   ?   ?   B . n 
B 1 85 HIS 85 487 ?   ?   ?   B . n 
B 1 86 HIS 86 488 ?   ?   ?   B . n 
B 1 87 HIS 87 489 ?   ?   ?   B . n 
B 1 88 HIS 88 490 ?   ?   ?   B . n 
B 1 89 HIS 89 491 ?   ?   ?   B . n 
C 1 1  ALA 1  137 ?   ?   ?   C . n 
C 1 2  MET 2  138 ?   ?   ?   C . n 
C 1 3  LYS 3  139 ?   ?   ?   C . n 
C 1 4  ASN 4  140 ?   ?   ?   C . n 
C 1 5  ALA 5  141 ?   ?   ?   C . n 
C 1 6  ASP 6  142 ?   ?   ?   C . n 
C 1 7  ASN 7  143 143 ASN ASN C . n 
C 1 8  ILE 8  144 144 ILE ILE C . n 
C 1 9  ASN 9  145 145 ASN ASN C . n 
C 1 10 LYS 10 146 146 LYS LYS C . n 
C 1 11 LEU 11 147 147 LEU LEU C . n 
C 1 12 LYS 12 148 148 LYS LYS C . n 
C 1 13 SER 13 149 149 SER SER C . n 
C 1 14 SER 14 150 150 SER SER C . n 
C 1 15 ILE 15 151 151 ILE ILE C . n 
C 1 16 GLU 16 152 152 GLU GLU C . n 
C 1 17 SER 17 153 153 SER SER C . n 
C 1 18 THR 18 154 154 THR THR C . n 
C 1 19 ASN 19 155 155 ASN ASN C . n 
C 1 20 GLU 20 156 156 GLU GLU C . n 
C 1 21 ALA 21 157 157 ALA ALA C . n 
C 1 22 VAL 22 158 158 VAL VAL C . n 
C 1 23 VAL 23 159 159 VAL VAL C . n 
C 1 24 LYS 24 160 160 LYS LYS C . n 
C 1 25 LEU 25 161 161 LEU LEU C . n 
C 1 26 GLN 26 162 162 GLN GLN C . n 
C 1 27 GLU 27 163 163 GLU GLU C . n 
C 1 28 THR 28 164 164 THR THR C . n 
C 1 29 ALA 29 165 165 ALA ALA C . n 
C 1 30 GLU 30 166 166 GLU GLU C . n 
C 1 31 LYS 31 167 167 LYS LYS C . n 
C 1 32 THR 32 168 168 THR THR C . n 
C 1 33 VAL 33 169 169 VAL VAL C . n 
C 1 34 TYR 34 170 170 TYR TYR C . n 
C 1 35 VAL 35 171 171 VAL VAL C . n 
C 1 36 LEU 36 172 172 LEU LEU C . n 
C 1 37 THR 37 173 173 THR THR C . n 
C 1 38 ALA 38 174 174 ALA ALA C . n 
C 1 39 LEU 39 175 175 LEU LEU C . n 
C 1 40 GLN 40 176 176 GLN GLN C . n 
C 1 41 ASP 41 177 177 ASP ASP C . n 
C 1 42 TYR 42 178 ?   ?   ?   C . n 
C 1 43 GLY 43 200 ?   ?   ?   C . n 
C 1 44 GLY 44 201 ?   ?   ?   C . n 
C 1 45 SER 45 202 ?   ?   ?   C . n 
C 1 46 GLY 46 203 ?   ?   ?   C . n 
C 1 47 GLY 47 204 ?   ?   ?   C . n 
C 1 48 SER 48 205 ?   ?   ?   C . n 
C 1 49 GLY 49 206 ?   ?   ?   C . n 
C 1 50 GLY 50 207 ?   ?   ?   C . n 
C 1 51 LYS 51 453 ?   ?   ?   C . n 
C 1 52 VAL 52 454 ?   ?   ?   C . n 
C 1 53 ASP 53 455 ?   ?   ?   C . n 
C 1 54 ILE 54 456 ?   ?   ?   C . n 
C 1 55 SER 55 457 457 SER SER C . n 
C 1 56 SER 56 458 458 SER SER C . n 
C 1 57 GLN 57 459 459 GLN GLN C . n 
C 1 58 ILE 58 460 460 ILE ILE C . n 
C 1 59 SER 59 461 461 SER SER C . n 
C 1 60 SER 60 462 462 SER SER C . n 
C 1 61 MET 61 463 463 MET MET C . n 
C 1 62 ASN 62 464 464 ASN ASN C . n 
C 1 63 GLN 63 465 465 GLN GLN C . n 
C 1 64 SER 64 466 466 SER SER C . n 
C 1 65 LEU 65 467 467 LEU LEU C . n 
C 1 66 GLN 66 468 468 GLN GLN C . n 
C 1 67 GLN 67 469 469 GLN GLN C . n 
C 1 68 SER 68 470 470 SER SER C . n 
C 1 69 LYS 69 471 471 LYS LYS C . n 
C 1 70 ASP 70 472 472 ASP ASP C . n 
C 1 71 TYR 71 473 473 TYR TYR C . n 
C 1 72 ILE 72 474 474 ILE ILE C . n 
C 1 73 LYS 73 475 475 LYS LYS C . n 
C 1 74 GLU 74 476 476 GLU GLU C . n 
C 1 75 ALA 75 477 477 ALA ALA C . n 
C 1 76 GLN 76 478 478 GLN GLN C . n 
C 1 77 LYS 77 479 479 LYS LYS C . n 
C 1 78 ILE 78 480 480 ILE ILE C . n 
C 1 79 LEU 79 481 481 LEU LEU C . n 
C 1 80 ASP 80 482 482 ASP ASP C . n 
C 1 81 THR 81 483 483 THR THR C . n 
C 1 82 VAL 82 484 484 VAL VAL C . n 
C 1 83 ASN 83 485 ?   ?   ?   C . n 
C 1 84 HIS 84 486 ?   ?   ?   C . n 
C 1 85 HIS 85 487 ?   ?   ?   C . n 
C 1 86 HIS 86 488 ?   ?   ?   C . n 
C 1 87 HIS 87 489 ?   ?   ?   C . n 
C 1 88 HIS 88 490 ?   ?   ?   C . n 
C 1 89 HIS 89 491 ?   ?   ?   C . n 
# 
loop_
_pdbx_nonpoly_scheme.asym_id 
_pdbx_nonpoly_scheme.entity_id 
_pdbx_nonpoly_scheme.mon_id 
_pdbx_nonpoly_scheme.ndb_seq_num 
_pdbx_nonpoly_scheme.pdb_seq_num 
_pdbx_nonpoly_scheme.auth_seq_num 
_pdbx_nonpoly_scheme.pdb_mon_id 
_pdbx_nonpoly_scheme.auth_mon_id 
_pdbx_nonpoly_scheme.pdb_strand_id 
_pdbx_nonpoly_scheme.pdb_ins_code 
D 2 HOH 1  492 4   HOH HOH A . 
D 2 HOH 2  493 6   HOH HOH A . 
D 2 HOH 3  494 7   HOH HOH A . 
D 2 HOH 4  495 9   HOH HOH A . 
D 2 HOH 5  496 11  HOH HOH A . 
D 2 HOH 6  497 12  HOH HOH A . 
D 2 HOH 7  498 16  HOH HOH A . 
D 2 HOH 8  499 17  HOH HOH A . 
D 2 HOH 9  500 20  HOH HOH A . 
D 2 HOH 10 501 22  HOH HOH A . 
D 2 HOH 11 502 25  HOH HOH A . 
D 2 HOH 12 503 29  HOH HOH A . 
D 2 HOH 13 504 30  HOH HOH A . 
D 2 HOH 14 505 31  HOH HOH A . 
D 2 HOH 15 506 32  HOH HOH A . 
D 2 HOH 16 507 36  HOH HOH A . 
D 2 HOH 17 508 43  HOH HOH A . 
D 2 HOH 18 509 45  HOH HOH A . 
D 2 HOH 19 510 53  HOH HOH A . 
D 2 HOH 20 511 54  HOH HOH A . 
D 2 HOH 21 512 55  HOH HOH A . 
D 2 HOH 22 513 56  HOH HOH A . 
D 2 HOH 23 514 60  HOH HOH A . 
D 2 HOH 24 515 64  HOH HOH A . 
D 2 HOH 25 516 70  HOH HOH A . 
D 2 HOH 26 517 72  HOH HOH A . 
D 2 HOH 27 518 76  HOH HOH A . 
D 2 HOH 28 519 77  HOH HOH A . 
D 2 HOH 29 520 78  HOH HOH A . 
D 2 HOH 30 521 82  HOH HOH A . 
D 2 HOH 31 522 83  HOH HOH A . 
D 2 HOH 32 523 84  HOH HOH A . 
D 2 HOH 33 524 85  HOH HOH A . 
D 2 HOH 34 525 87  HOH HOH A . 
D 2 HOH 35 526 88  HOH HOH A . 
D 2 HOH 36 527 90  HOH HOH A . 
D 2 HOH 37 528 92  HOH HOH A . 
D 2 HOH 38 529 95  HOH HOH A . 
D 2 HOH 39 530 96  HOH HOH A . 
D 2 HOH 40 531 104 HOH HOH A . 
D 2 HOH 41 532 106 HOH HOH A . 
D 2 HOH 42 533 107 HOH HOH A . 
D 2 HOH 43 534 109 HOH HOH A . 
D 2 HOH 44 535 110 HOH HOH A . 
D 2 HOH 45 536 111 HOH HOH A . 
D 2 HOH 46 537 112 HOH HOH A . 
D 2 HOH 47 538 116 HOH HOH A . 
D 2 HOH 48 539 117 HOH HOH A . 
D 2 HOH 49 540 126 HOH HOH A . 
D 2 HOH 50 541 129 HOH HOH A . 
D 2 HOH 51 542 131 HOH HOH A . 
D 2 HOH 52 543 134 HOH HOH A . 
D 2 HOH 53 544 143 HOH HOH A . 
D 2 HOH 54 545 151 HOH HOH A . 
D 2 HOH 55 546 157 HOH HOH A . 
D 2 HOH 56 547 163 HOH HOH A . 
D 2 HOH 57 548 170 HOH HOH A . 
D 2 HOH 58 549 181 HOH HOH A . 
E 2 HOH 1  492 3   HOH HOH B . 
E 2 HOH 2  493 5   HOH HOH B . 
E 2 HOH 3  494 8   HOH HOH B . 
E 2 HOH 4  495 10  HOH HOH B . 
E 2 HOH 5  496 18  HOH HOH B . 
E 2 HOH 6  497 21  HOH HOH B . 
E 2 HOH 7  498 23  HOH HOH B . 
E 2 HOH 8  499 24  HOH HOH B . 
E 2 HOH 9  500 33  HOH HOH B . 
E 2 HOH 10 501 34  HOH HOH B . 
E 2 HOH 11 502 35  HOH HOH B . 
E 2 HOH 12 503 37  HOH HOH B . 
E 2 HOH 13 504 39  HOH HOH B . 
E 2 HOH 14 505 40  HOH HOH B . 
E 2 HOH 15 506 41  HOH HOH B . 
E 2 HOH 16 507 46  HOH HOH B . 
E 2 HOH 17 508 47  HOH HOH B . 
E 2 HOH 18 509 48  HOH HOH B . 
E 2 HOH 19 510 50  HOH HOH B . 
E 2 HOH 20 511 51  HOH HOH B . 
E 2 HOH 21 512 57  HOH HOH B . 
E 2 HOH 22 513 58  HOH HOH B . 
E 2 HOH 23 514 65  HOH HOH B . 
E 2 HOH 24 515 67  HOH HOH B . 
E 2 HOH 25 516 69  HOH HOH B . 
E 2 HOH 26 517 75  HOH HOH B . 
E 2 HOH 27 518 81  HOH HOH B . 
E 2 HOH 28 519 89  HOH HOH B . 
E 2 HOH 29 520 99  HOH HOH B . 
E 2 HOH 30 521 100 HOH HOH B . 
E 2 HOH 31 522 102 HOH HOH B . 
E 2 HOH 32 523 105 HOH HOH B . 
E 2 HOH 33 524 113 HOH HOH B . 
E 2 HOH 34 525 114 HOH HOH B . 
E 2 HOH 35 526 120 HOH HOH B . 
E 2 HOH 36 527 121 HOH HOH B . 
E 2 HOH 37 528 122 HOH HOH B . 
E 2 HOH 38 529 124 HOH HOH B . 
E 2 HOH 39 530 125 HOH HOH B . 
E 2 HOH 40 531 135 HOH HOH B . 
E 2 HOH 41 532 136 HOH HOH B . 
E 2 HOH 42 533 139 HOH HOH B . 
E 2 HOH 43 534 140 HOH HOH B . 
E 2 HOH 44 535 141 HOH HOH B . 
E 2 HOH 45 536 142 HOH HOH B . 
E 2 HOH 46 537 145 HOH HOH B . 
E 2 HOH 47 538 147 HOH HOH B . 
E 2 HOH 48 539 152 HOH HOH B . 
E 2 HOH 49 540 153 HOH HOH B . 
E 2 HOH 50 541 156 HOH HOH B . 
E 2 HOH 51 542 158 HOH HOH B . 
E 2 HOH 52 543 159 HOH HOH B . 
E 2 HOH 53 544 160 HOH HOH B . 
E 2 HOH 54 545 161 HOH HOH B . 
E 2 HOH 55 546 164 HOH HOH B . 
E 2 HOH 56 547 168 HOH HOH B . 
E 2 HOH 57 548 169 HOH HOH B . 
E 2 HOH 58 549 171 HOH HOH B . 
E 2 HOH 59 550 172 HOH HOH B . 
E 2 HOH 60 551 173 HOH HOH B . 
E 2 HOH 61 552 175 HOH HOH B . 
E 2 HOH 62 553 176 HOH HOH B . 
E 2 HOH 63 554 178 HOH HOH B . 
E 2 HOH 64 555 179 HOH HOH B . 
E 2 HOH 65 556 183 HOH HOH B . 
F 2 HOH 1  492 1   HOH HOH C . 
F 2 HOH 2  493 2   HOH HOH C . 
F 2 HOH 3  494 13  HOH HOH C . 
F 2 HOH 4  495 14  HOH HOH C . 
F 2 HOH 5  496 15  HOH HOH C . 
F 2 HOH 6  497 19  HOH HOH C . 
F 2 HOH 7  498 26  HOH HOH C . 
F 2 HOH 8  499 27  HOH HOH C . 
F 2 HOH 9  500 28  HOH HOH C . 
F 2 HOH 10 501 38  HOH HOH C . 
F 2 HOH 11 502 42  HOH HOH C . 
F 2 HOH 12 503 44  HOH HOH C . 
F 2 HOH 13 504 49  HOH HOH C . 
F 2 HOH 14 505 52  HOH HOH C . 
F 2 HOH 15 506 59  HOH HOH C . 
F 2 HOH 16 507 61  HOH HOH C . 
F 2 HOH 17 508 62  HOH HOH C . 
F 2 HOH 18 509 63  HOH HOH C . 
F 2 HOH 19 510 66  HOH HOH C . 
F 2 HOH 20 511 68  HOH HOH C . 
F 2 HOH 21 512 71  HOH HOH C . 
F 2 HOH 22 513 73  HOH HOH C . 
F 2 HOH 23 514 74  HOH HOH C . 
F 2 HOH 24 515 79  HOH HOH C . 
F 2 HOH 25 516 80  HOH HOH C . 
F 2 HOH 26 517 86  HOH HOH C . 
F 2 HOH 27 518 91  HOH HOH C . 
F 2 HOH 28 519 93  HOH HOH C . 
F 2 HOH 29 520 94  HOH HOH C . 
F 2 HOH 30 521 97  HOH HOH C . 
F 2 HOH 31 522 98  HOH HOH C . 
F 2 HOH 32 523 101 HOH HOH C . 
F 2 HOH 33 524 103 HOH HOH C . 
F 2 HOH 34 525 108 HOH HOH C . 
F 2 HOH 35 526 115 HOH HOH C . 
F 2 HOH 36 527 118 HOH HOH C . 
F 2 HOH 37 528 119 HOH HOH C . 
F 2 HOH 38 529 123 HOH HOH C . 
F 2 HOH 39 530 127 HOH HOH C . 
F 2 HOH 40 531 128 HOH HOH C . 
F 2 HOH 41 532 130 HOH HOH C . 
F 2 HOH 42 533 132 HOH HOH C . 
F 2 HOH 43 534 133 HOH HOH C . 
F 2 HOH 44 535 137 HOH HOH C . 
F 2 HOH 45 536 138 HOH HOH C . 
F 2 HOH 46 537 144 HOH HOH C . 
F 2 HOH 47 538 146 HOH HOH C . 
F 2 HOH 48 539 148 HOH HOH C . 
F 2 HOH 49 540 149 HOH HOH C . 
F 2 HOH 50 541 150 HOH HOH C . 
F 2 HOH 51 542 154 HOH HOH C . 
F 2 HOH 52 543 155 HOH HOH C . 
F 2 HOH 53 544 162 HOH HOH C . 
F 2 HOH 54 545 165 HOH HOH C . 
F 2 HOH 55 546 166 HOH HOH C . 
F 2 HOH 56 547 167 HOH HOH C . 
F 2 HOH 57 548 174 HOH HOH C . 
F 2 HOH 58 549 177 HOH HOH C . 
F 2 HOH 59 550 180 HOH HOH C . 
F 2 HOH 60 551 182 HOH HOH C . 
# 
loop_
_software.name 
_software.classification 
_software.version 
_software.citation_id 
_software.pdbx_ordinal 
_software.date 
_software.type 
_software.location 
_software.language 
DENZO     'data reduction' . ? 1 ? ? ? ? 
SCALEPACK 'data scaling'   . ? 2 ? ? ? ? 
CNS       refinement       . ? 3 ? ? ? ? 
CNS       phasing          . ? 4 ? ? ? ? 
# 
_cell.entry_id           1WP8 
_cell.length_a           32.188 
_cell.length_b           31.897 
_cell.length_c           53.868 
_cell.angle_alpha        86.33 
_cell.angle_beta         86.16 
_cell.angle_gamma        67.98 
_cell.Z_PDB              3 
_cell.pdbx_unique_axis   ? 
# 
_symmetry.entry_id                         1WP8 
_symmetry.space_group_name_H-M             'P 1' 
_symmetry.pdbx_full_space_group_name_H-M   ? 
_symmetry.cell_setting                     ? 
_symmetry.Int_Tables_number                1 
_symmetry.space_group_name_Hall            ? 
# 
_exptl.entry_id          1WP8 
_exptl.method            'X-RAY DIFFRACTION' 
_exptl.crystals_number   1 
# 
_exptl_crystal.id                    1 
_exptl_crystal.density_meas          ? 
_exptl_crystal.density_Matthews      1.7 
_exptl_crystal.density_percent_sol   29.62 
_exptl_crystal.description           ? 
_exptl_crystal.F_000                 ? 
_exptl_crystal.preparation           ? 
# 
_exptl_crystal_grow.crystal_id      1 
_exptl_crystal_grow.method          'VAPOR DIFFUSION, HANGING DROP' 
_exptl_crystal_grow.temp            291 
_exptl_crystal_grow.temp_details    ? 
_exptl_crystal_grow.pH              6.5 
_exptl_crystal_grow.pdbx_details    'PEG4000, pH 6.5, VAPOR DIFFUSION, HANGING DROP, temperature 291K' 
_exptl_crystal_grow.pdbx_pH_range   . 
# 
_diffrn.id                     1 
_diffrn.ambient_temp           ? 
_diffrn.ambient_temp_details   ? 
_diffrn.crystal_id             1 
# 
_diffrn_detector.diffrn_id              1 
_diffrn_detector.detector               ? 
_diffrn_detector.type                   ? 
_diffrn_detector.pdbx_collection_date   2003-11-12 
_diffrn_detector.details                ? 
# 
_diffrn_radiation.diffrn_id                        1 
_diffrn_radiation.wavelength_id                    1 
_diffrn_radiation.pdbx_monochromatic_or_laue_m_l   M 
_diffrn_radiation.monochromator                    ? 
_diffrn_radiation.pdbx_diffrn_protocol             MAD 
_diffrn_radiation.pdbx_scattering_type             x-ray 
# 
loop_
_diffrn_radiation_wavelength.id 
_diffrn_radiation_wavelength.wavelength 
_diffrn_radiation_wavelength.wt 
1 0.9799 1.0 
2 0.9801 1.0 
3 0.950  1.0 
# 
_diffrn_source.diffrn_id                   1 
_diffrn_source.source                      SYNCHROTRON 
_diffrn_source.type                        'BSRF BEAMLINE 3W1A' 
_diffrn_source.pdbx_synchrotron_site       BSRF 
_diffrn_source.pdbx_synchrotron_beamline   3W1A 
_diffrn_source.pdbx_wavelength             ? 
_diffrn_source.pdbx_wavelength_list        '0.9799, 0.9801, 0.950' 
# 
_reflns.entry_id                     1WP8 
_reflns.observed_criterion_sigma_F   ? 
_reflns.observed_criterion_sigma_I   ? 
_reflns.d_resolution_high            2.2 
_reflns.d_resolution_low             35 
_reflns.number_all                   9875 
_reflns.number_obs                   9875 
_reflns.percent_possible_obs         ? 
_reflns.pdbx_Rmerge_I_obs            ? 
_reflns.pdbx_Rsym_value              ? 
_reflns.pdbx_netI_over_sigmaI        ? 
_reflns.B_iso_Wilson_estimate        ? 
_reflns.pdbx_redundancy              ? 
_reflns.R_free_details               ? 
_reflns.limit_h_max                  ? 
_reflns.limit_h_min                  ? 
_reflns.limit_k_max                  ? 
_reflns.limit_k_min                  ? 
_reflns.limit_l_max                  ? 
_reflns.limit_l_min                  ? 
_reflns.observed_criterion_F_max     ? 
_reflns.observed_criterion_F_min     ? 
_reflns.pdbx_chi_squared             ? 
_reflns.pdbx_scaling_rejects         ? 
_reflns.pdbx_diffrn_id               1 
_reflns.pdbx_ordinal                 1 
# 
_reflns_shell.d_res_high             2.20 
_reflns_shell.d_res_low              2.25 
_reflns_shell.percent_possible_all   ? 
_reflns_shell.Rmerge_I_obs           ? 
_reflns_shell.pdbx_Rsym_value        ? 
_reflns_shell.meanI_over_sigI_obs    ? 
_reflns_shell.pdbx_redundancy        ? 
_reflns_shell.percent_possible_obs   ? 
_reflns_shell.number_unique_all      ? 
_reflns_shell.number_measured_all    ? 
_reflns_shell.number_measured_obs    ? 
_reflns_shell.number_unique_obs      ? 
_reflns_shell.pdbx_chi_squared       ? 
_reflns_shell.pdbx_diffrn_id         ? 
_reflns_shell.pdbx_ordinal           1 
# 
_refine.entry_id                                 1WP8 
_refine.ls_d_res_high                            2.2 
_refine.ls_d_res_low                             35 
_refine.pdbx_ls_sigma_F                          ? 
_refine.pdbx_ls_sigma_I                          ? 
_refine.ls_number_reflns_all                     10071 
_refine.ls_number_reflns_obs                     9483 
_refine.ls_number_reflns_R_free                  504 
_refine.ls_percent_reflns_obs                    ? 
_refine.ls_R_factor_all                          ? 
_refine.ls_R_factor_obs                          0.2129 
_refine.ls_R_factor_R_work                       0.2129 
_refine.ls_R_factor_R_free                       0.2739 
_refine.ls_redundancy_reflns_obs                 ? 
_refine.pdbx_data_cutoff_high_absF               ? 
_refine.pdbx_data_cutoff_low_absF                ? 
_refine.ls_number_parameters                     ? 
_refine.ls_number_restraints                     ? 
_refine.ls_percent_reflns_R_free                 ? 
_refine.ls_R_factor_R_free_error                 ? 
_refine.ls_R_factor_R_free_error_details         ? 
_refine.pdbx_method_to_determine_struct          MAD 
_refine.pdbx_starting_model                      ? 
_refine.pdbx_ls_cross_valid_method               ? 
_refine.pdbx_R_Free_selection_details            ? 
_refine.pdbx_stereochem_target_val_spec_case     ? 
_refine.pdbx_stereochemistry_target_values       ? 
_refine.solvent_model_details                    ? 
_refine.solvent_model_param_bsol                 ? 
_refine.solvent_model_param_ksol                 ? 
_refine.occupancy_max                            ? 
_refine.occupancy_min                            ? 
_refine.pdbx_isotropic_thermal_model             ? 
_refine.B_iso_mean                               ? 
_refine.aniso_B[1][1]                            ? 
_refine.aniso_B[1][2]                            ? 
_refine.aniso_B[1][3]                            ? 
_refine.aniso_B[2][2]                            ? 
_refine.aniso_B[2][3]                            ? 
_refine.aniso_B[3][3]                            ? 
_refine.details                                  ? 
_refine.B_iso_min                                ? 
_refine.B_iso_max                                ? 
_refine.correlation_coeff_Fo_to_Fc               ? 
_refine.correlation_coeff_Fo_to_Fc_free          ? 
_refine.pdbx_solvent_vdw_probe_radii             ? 
_refine.pdbx_solvent_ion_probe_radii             ? 
_refine.pdbx_solvent_shrinkage_radii             ? 
_refine.overall_SU_R_Cruickshank_DPI             ? 
_refine.overall_SU_R_free                        ? 
_refine.overall_SU_B                             ? 
_refine.overall_SU_ML                            ? 
_refine.pdbx_overall_ESU_R                       ? 
_refine.pdbx_overall_ESU_R_Free                  ? 
_refine.pdbx_data_cutoff_high_rms_absF           ? 
_refine.ls_wR_factor_R_free                      ? 
_refine.ls_wR_factor_R_work                      ? 
_refine.overall_FOM_free_R_set                   ? 
_refine.overall_FOM_work_R_set                   ? 
_refine.pdbx_refine_id                           'X-RAY DIFFRACTION' 
_refine.pdbx_diffrn_id                           1 
_refine.pdbx_TLS_residual_ADP_flag               ? 
_refine.pdbx_overall_phase_error                 ? 
_refine.pdbx_overall_SU_R_free_Cruickshank_DPI   ? 
_refine.pdbx_overall_SU_R_Blow_DPI               ? 
_refine.pdbx_overall_SU_R_free_Blow_DPI          ? 
# 
_refine_hist.pdbx_refine_id                   'X-RAY DIFFRACTION' 
_refine_hist.cycle_id                         LAST 
_refine_hist.pdbx_number_atoms_protein        1487 
_refine_hist.pdbx_number_atoms_nucleic_acid   0 
_refine_hist.pdbx_number_atoms_ligand         0 
_refine_hist.number_atoms_solvent             183 
_refine_hist.number_atoms_total               1670 
_refine_hist.d_res_high                       2.2 
_refine_hist.d_res_low                        35 
# 
_struct.entry_id                  1WP8 
_struct.title                     'crystal structure of Hendra Virus fusion core' 
_struct.pdbx_model_details        ? 
_struct.pdbx_CASP_flag            ? 
_struct.pdbx_model_type_details   ? 
# 
_struct_keywords.entry_id        1WP8 
_struct_keywords.pdbx_keywords   'VIRAL PROTEIN' 
_struct_keywords.text            'Hendra Virus, Fusion Core, heptad repeat, Viral protein' 
# 
loop_
_struct_asym.id 
_struct_asym.pdbx_blank_PDB_chainid_flag 
_struct_asym.pdbx_modified 
_struct_asym.entity_id 
_struct_asym.details 
A N N 1 ? 
B N N 1 ? 
C N N 1 ? 
D N N 2 ? 
E N N 2 ? 
F N N 2 ? 
# 
loop_
_struct_ref.id 
_struct_ref.db_name 
_struct_ref.db_code 
_struct_ref.pdbx_db_accession 
_struct_ref.pdbx_db_isoform 
_struct_ref.entity_id 
_struct_ref.pdbx_seq_one_letter_code 
_struct_ref.pdbx_align_begin 
1 UNP FUS_HENDH O89342 ? 1 AMKNADNINKLKSSIESTNEAVVKLQETAEKTVYVLTALQDY 137 
2 UNP FUS_HENDH O89342 ? 1 KVDISSQISSMNQSLQQSKDYIKEAQKILDTVN          453 
# 
loop_
_struct_ref_seq.align_id 
_struct_ref_seq.ref_id 
_struct_ref_seq.pdbx_PDB_id_code 
_struct_ref_seq.pdbx_strand_id 
_struct_ref_seq.seq_align_beg 
_struct_ref_seq.pdbx_seq_align_beg_ins_code 
_struct_ref_seq.seq_align_end 
_struct_ref_seq.pdbx_seq_align_end_ins_code 
_struct_ref_seq.pdbx_db_accession 
_struct_ref_seq.db_align_beg 
_struct_ref_seq.pdbx_db_align_beg_ins_code 
_struct_ref_seq.db_align_end 
_struct_ref_seq.pdbx_db_align_end_ins_code 
_struct_ref_seq.pdbx_auth_seq_align_beg 
_struct_ref_seq.pdbx_auth_seq_align_end 
1 1 1WP8 A 1  ? 42 ? O89342 137 ? 178 ? 137 178 
2 2 1WP8 A 51 ? 83 ? O89342 453 ? 485 ? 453 485 
3 1 1WP8 B 1  ? 42 ? O89342 137 ? 178 ? 137 178 
4 2 1WP8 B 51 ? 83 ? O89342 453 ? 485 ? 453 485 
5 1 1WP8 C 1  ? 42 ? O89342 137 ? 178 ? 137 178 
6 2 1WP8 C 51 ? 83 ? O89342 453 ? 485 ? 453 485 
# 
loop_
_struct_ref_seq_dif.align_id 
_struct_ref_seq_dif.pdbx_pdb_id_code 
_struct_ref_seq_dif.mon_id 
_struct_ref_seq_dif.pdbx_pdb_strand_id 
_struct_ref_seq_dif.seq_num 
_struct_ref_seq_dif.pdbx_pdb_ins_code 
_struct_ref_seq_dif.pdbx_seq_db_name 
_struct_ref_seq_dif.pdbx_seq_db_accession_code 
_struct_ref_seq_dif.db_mon_id 
_struct_ref_seq_dif.pdbx_seq_db_seq_num 
_struct_ref_seq_dif.details 
_struct_ref_seq_dif.pdbx_auth_seq_num 
_struct_ref_seq_dif.pdbx_ordinal 
1 1WP8 GLY A 43 ? UNP O89342 ? ? linker           200 1  
1 1WP8 GLY A 44 ? UNP O89342 ? ? linker           201 2  
1 1WP8 SER A 45 ? UNP O89342 ? ? linker           202 3  
1 1WP8 GLY A 46 ? UNP O89342 ? ? linker           203 4  
1 1WP8 GLY A 47 ? UNP O89342 ? ? linker           204 5  
1 1WP8 SER A 48 ? UNP O89342 ? ? linker           205 6  
1 1WP8 GLY A 49 ? UNP O89342 ? ? linker           206 7  
1 1WP8 GLY A 50 ? UNP O89342 ? ? linker           207 8  
2 1WP8 HIS A 84 ? UNP O89342 ? ? 'expression tag' 486 9  
2 1WP8 HIS A 85 ? UNP O89342 ? ? 'expression tag' 487 10 
2 1WP8 HIS A 86 ? UNP O89342 ? ? 'expression tag' 488 11 
2 1WP8 HIS A 87 ? UNP O89342 ? ? 'expression tag' 489 12 
2 1WP8 HIS A 88 ? UNP O89342 ? ? 'expression tag' 490 13 
2 1WP8 HIS A 89 ? UNP O89342 ? ? 'expression tag' 491 14 
3 1WP8 GLY B 43 ? UNP O89342 ? ? linker           200 15 
3 1WP8 GLY B 44 ? UNP O89342 ? ? linker           201 16 
3 1WP8 SER B 45 ? UNP O89342 ? ? linker           202 17 
3 1WP8 GLY B 46 ? UNP O89342 ? ? linker           203 18 
3 1WP8 GLY B 47 ? UNP O89342 ? ? linker           204 19 
3 1WP8 SER B 48 ? UNP O89342 ? ? linker           205 20 
3 1WP8 GLY B 49 ? UNP O89342 ? ? linker           206 21 
3 1WP8 GLY B 50 ? UNP O89342 ? ? linker           207 22 
4 1WP8 HIS B 84 ? UNP O89342 ? ? 'expression tag' 486 23 
4 1WP8 HIS B 85 ? UNP O89342 ? ? 'expression tag' 487 24 
4 1WP8 HIS B 86 ? UNP O89342 ? ? 'expression tag' 488 25 
4 1WP8 HIS B 87 ? UNP O89342 ? ? 'expression tag' 489 26 
4 1WP8 HIS B 88 ? UNP O89342 ? ? 'expression tag' 490 27 
4 1WP8 HIS B 89 ? UNP O89342 ? ? 'expression tag' 491 28 
5 1WP8 GLY C 43 ? UNP O89342 ? ? linker           200 29 
5 1WP8 GLY C 44 ? UNP O89342 ? ? linker           201 30 
5 1WP8 SER C 45 ? UNP O89342 ? ? linker           202 31 
5 1WP8 GLY C 46 ? UNP O89342 ? ? linker           203 32 
5 1WP8 GLY C 47 ? UNP O89342 ? ? linker           204 33 
5 1WP8 SER C 48 ? UNP O89342 ? ? linker           205 34 
5 1WP8 GLY C 49 ? UNP O89342 ? ? linker           206 35 
5 1WP8 GLY C 50 ? UNP O89342 ? ? linker           207 36 
6 1WP8 HIS C 84 ? UNP O89342 ? ? 'expression tag' 486 37 
6 1WP8 HIS C 85 ? UNP O89342 ? ? 'expression tag' 487 38 
6 1WP8 HIS C 86 ? UNP O89342 ? ? 'expression tag' 488 39 
6 1WP8 HIS C 87 ? UNP O89342 ? ? 'expression tag' 489 40 
6 1WP8 HIS C 88 ? UNP O89342 ? ? 'expression tag' 490 41 
6 1WP8 HIS C 89 ? UNP O89342 ? ? 'expression tag' 491 42 
# 
_pdbx_struct_assembly.id                   1 
_pdbx_struct_assembly.details              author_and_software_defined_assembly 
_pdbx_struct_assembly.method_details       PISA 
_pdbx_struct_assembly.oligomeric_details   trimeric 
_pdbx_struct_assembly.oligomeric_count     3 
# 
loop_
_pdbx_struct_assembly_prop.biol_id 
_pdbx_struct_assembly_prop.type 
_pdbx_struct_assembly_prop.value 
_pdbx_struct_assembly_prop.details 
1 'ABSA (A^2)' 5460 ? 
1 MORE         -53  ? 
1 'SSA (A^2)'  8880 ? 
# 
_pdbx_struct_assembly_gen.assembly_id       1 
_pdbx_struct_assembly_gen.oper_expression   1 
_pdbx_struct_assembly_gen.asym_id_list      A,B,C,D,E,F 
# 
_pdbx_struct_oper_list.id                   1 
_pdbx_struct_oper_list.type                 'identity operation' 
_pdbx_struct_oper_list.name                 1_555 
_pdbx_struct_oper_list.symmetry_operation   x,y,z 
_pdbx_struct_oper_list.matrix[1][1]         1.0000000000 
_pdbx_struct_oper_list.matrix[1][2]         0.0000000000 
_pdbx_struct_oper_list.matrix[1][3]         0.0000000000 
_pdbx_struct_oper_list.vector[1]            0.0000000000 
_pdbx_struct_oper_list.matrix[2][1]         0.0000000000 
_pdbx_struct_oper_list.matrix[2][2]         1.0000000000 
_pdbx_struct_oper_list.matrix[2][3]         0.0000000000 
_pdbx_struct_oper_list.vector[2]            0.0000000000 
_pdbx_struct_oper_list.matrix[3][1]         0.0000000000 
_pdbx_struct_oper_list.matrix[3][2]         0.0000000000 
_pdbx_struct_oper_list.matrix[3][3]         1.0000000000 
_pdbx_struct_oper_list.vector[3]            0.0000000000 
# 
loop_
_struct_conf.conf_type_id 
_struct_conf.id 
_struct_conf.pdbx_PDB_helix_id 
_struct_conf.beg_label_comp_id 
_struct_conf.beg_label_asym_id 
_struct_conf.beg_label_seq_id 
_struct_conf.pdbx_beg_PDB_ins_code 
_struct_conf.end_label_comp_id 
_struct_conf.end_label_asym_id 
_struct_conf.end_label_seq_id 
_struct_conf.pdbx_end_PDB_ins_code 
_struct_conf.beg_auth_comp_id 
_struct_conf.beg_auth_asym_id 
_struct_conf.beg_auth_seq_id 
_struct_conf.end_auth_comp_id 
_struct_conf.end_auth_asym_id 
_struct_conf.end_auth_seq_id 
_struct_conf.pdbx_PDB_helix_class 
_struct_conf.details 
_struct_conf.pdbx_PDB_helix_length 
HELX_P HELX_P1 1 ASN A 7  ? LEU A 39 ? ASN A 143 LEU A 175 1 ? 33 
HELX_P HELX_P2 2 ASP A 53 ? ASP A 80 ? ASP A 455 ASP A 482 1 ? 28 
HELX_P HELX_P3 3 ASN B 7  ? LEU B 39 ? ASN B 143 LEU B 175 1 ? 33 
HELX_P HELX_P4 4 ASP B 53 ? THR B 81 ? ASP B 455 THR B 483 1 ? 29 
HELX_P HELX_P5 5 ASN C 7  ? GLN C 40 ? ASN C 143 GLN C 176 1 ? 34 
HELX_P HELX_P6 6 SER C 55 ? VAL C 82 ? SER C 457 VAL C 484 1 ? 28 
# 
_struct_conf_type.id          HELX_P 
_struct_conf_type.criteria    ? 
_struct_conf_type.reference   ? 
# 
loop_
_pdbx_validate_torsion.id 
_pdbx_validate_torsion.PDB_model_num 
_pdbx_validate_torsion.auth_comp_id 
_pdbx_validate_torsion.auth_asym_id 
_pdbx_validate_torsion.auth_seq_id 
_pdbx_validate_torsion.PDB_ins_code 
_pdbx_validate_torsion.label_alt_id 
_pdbx_validate_torsion.phi 
_pdbx_validate_torsion.psi 
1 1 LEU A 175 ? ? -58.27  44.41 
2 1 ASP B 455 ? ? -151.54 59.27 
3 1 GLN C 176 ? ? -99.37  34.88 
# 
loop_
_pdbx_unobs_or_zero_occ_residues.id 
_pdbx_unobs_or_zero_occ_residues.PDB_model_num 
_pdbx_unobs_or_zero_occ_residues.polymer_flag 
_pdbx_unobs_or_zero_occ_residues.occupancy_flag 
_pdbx_unobs_or_zero_occ_residues.auth_asym_id 
_pdbx_unobs_or_zero_occ_residues.auth_comp_id 
_pdbx_unobs_or_zero_occ_residues.auth_seq_id 
_pdbx_unobs_or_zero_occ_residues.PDB_ins_code 
_pdbx_unobs_or_zero_occ_residues.label_asym_id 
_pdbx_unobs_or_zero_occ_residues.label_comp_id 
_pdbx_unobs_or_zero_occ_residues.label_seq_id 
1  1 Y 1 A ALA 137 ? A ALA 1  
2  1 Y 1 A MET 138 ? A MET 2  
3  1 Y 1 A LYS 139 ? A LYS 3  
4  1 Y 1 A ASN 140 ? A ASN 4  
5  1 Y 1 A ALA 141 ? A ALA 5  
6  1 Y 1 A ASP 142 ? A ASP 6  
7  1 Y 1 A ASP 177 ? A ASP 41 
8  1 Y 1 A TYR 178 ? A TYR 42 
9  1 Y 1 A GLY 200 ? A GLY 43 
10 1 Y 1 A GLY 201 ? A GLY 44 
11 1 Y 1 A SER 202 ? A SER 45 
12 1 Y 1 A GLY 203 ? A GLY 46 
13 1 Y 1 A GLY 204 ? A GLY 47 
14 1 Y 1 A SER 205 ? A SER 48 
15 1 Y 1 A GLY 206 ? A GLY 49 
16 1 Y 1 A GLY 207 ? A GLY 50 
17 1 Y 1 A LYS 453 ? A LYS 51 
18 1 Y 1 A VAL 454 ? A VAL 52 
19 1 Y 1 A ASN 485 ? A ASN 83 
20 1 Y 1 A HIS 486 ? A HIS 84 
21 1 Y 1 A HIS 487 ? A HIS 85 
22 1 Y 1 A HIS 488 ? A HIS 86 
23 1 Y 1 A HIS 489 ? A HIS 87 
24 1 Y 1 A HIS 490 ? A HIS 88 
25 1 Y 1 A HIS 491 ? A HIS 89 
26 1 Y 1 B ALA 137 ? B ALA 1  
27 1 Y 1 B MET 138 ? B MET 2  
28 1 Y 1 B LYS 139 ? B LYS 3  
29 1 Y 1 B ASN 140 ? B ASN 4  
30 1 Y 1 B ALA 141 ? B ALA 5  
31 1 Y 1 B ASP 142 ? B ASP 6  
32 1 Y 1 B GLN 176 ? B GLN 40 
33 1 Y 1 B ASP 177 ? B ASP 41 
34 1 Y 1 B TYR 178 ? B TYR 42 
35 1 Y 1 B GLY 200 ? B GLY 43 
36 1 Y 1 B GLY 201 ? B GLY 44 
37 1 Y 1 B SER 202 ? B SER 45 
38 1 Y 1 B GLY 203 ? B GLY 46 
39 1 Y 1 B GLY 204 ? B GLY 47 
40 1 Y 1 B SER 205 ? B SER 48 
41 1 Y 1 B GLY 206 ? B GLY 49 
42 1 Y 1 B GLY 207 ? B GLY 50 
43 1 Y 1 B LYS 453 ? B LYS 51 
44 1 Y 1 B ASN 485 ? B ASN 83 
45 1 Y 1 B HIS 486 ? B HIS 84 
46 1 Y 1 B HIS 487 ? B HIS 85 
47 1 Y 1 B HIS 488 ? B HIS 86 
48 1 Y 1 B HIS 489 ? B HIS 87 
49 1 Y 1 B HIS 490 ? B HIS 88 
50 1 Y 1 B HIS 491 ? B HIS 89 
51 1 Y 1 C ALA 137 ? C ALA 1  
52 1 Y 1 C MET 138 ? C MET 2  
53 1 Y 1 C LYS 139 ? C LYS 3  
54 1 Y 1 C ASN 140 ? C ASN 4  
55 1 Y 1 C ALA 141 ? C ALA 5  
56 1 Y 1 C ASP 142 ? C ASP 6  
57 1 Y 1 C TYR 178 ? C TYR 42 
58 1 Y 1 C GLY 200 ? C GLY 43 
59 1 Y 1 C GLY 201 ? C GLY 44 
60 1 Y 1 C SER 202 ? C SER 45 
61 1 Y 1 C GLY 203 ? C GLY 46 
62 1 Y 1 C GLY 204 ? C GLY 47 
63 1 Y 1 C SER 205 ? C SER 48 
64 1 Y 1 C GLY 206 ? C GLY 49 
65 1 Y 1 C GLY 207 ? C GLY 50 
66 1 Y 1 C LYS 453 ? C LYS 51 
67 1 Y 1 C VAL 454 ? C VAL 52 
68 1 Y 1 C ASP 455 ? C ASP 53 
69 1 Y 1 C ILE 456 ? C ILE 54 
70 1 Y 1 C ASN 485 ? C ASN 83 
71 1 Y 1 C HIS 486 ? C HIS 84 
72 1 Y 1 C HIS 487 ? C HIS 85 
73 1 Y 1 C HIS 488 ? C HIS 86 
74 1 Y 1 C HIS 489 ? C HIS 87 
75 1 Y 1 C HIS 490 ? C HIS 88 
76 1 Y 1 C HIS 491 ? C HIS 89 
# 
loop_
_chem_comp_atom.comp_id 
_chem_comp_atom.atom_id 
_chem_comp_atom.type_symbol 
_chem_comp_atom.pdbx_aromatic_flag 
_chem_comp_atom.pdbx_stereo_config 
_chem_comp_atom.pdbx_ordinal 
ALA N    N N N 1   
ALA CA   C N S 2   
ALA C    C N N 3   
ALA O    O N N 4   
ALA CB   C N N 5   
ALA OXT  O N N 6   
ALA H    H N N 7   
ALA H2   H N N 8   
ALA HA   H N N 9   
ALA HB1  H N N 10  
ALA HB2  H N N 11  
ALA HB3  H N N 12  
ALA HXT  H N N 13  
ASN N    N N N 14  
ASN CA   C N S 15  
ASN C    C N N 16  
ASN O    O N N 17  
ASN CB   C N N 18  
ASN CG   C N N 19  
ASN OD1  O N N 20  
ASN ND2  N N N 21  
ASN OXT  O N N 22  
ASN H    H N N 23  
ASN H2   H N N 24  
ASN HA   H N N 25  
ASN HB2  H N N 26  
ASN HB3  H N N 27  
ASN HD21 H N N 28  
ASN HD22 H N N 29  
ASN HXT  H N N 30  
ASP N    N N N 31  
ASP CA   C N S 32  
ASP C    C N N 33  
ASP O    O N N 34  
ASP CB   C N N 35  
ASP CG   C N N 36  
ASP OD1  O N N 37  
ASP OD2  O N N 38  
ASP OXT  O N N 39  
ASP H    H N N 40  
ASP H2   H N N 41  
ASP HA   H N N 42  
ASP HB2  H N N 43  
ASP HB3  H N N 44  
ASP HD2  H N N 45  
ASP HXT  H N N 46  
GLN N    N N N 47  
GLN CA   C N S 48  
GLN C    C N N 49  
GLN O    O N N 50  
GLN CB   C N N 51  
GLN CG   C N N 52  
GLN CD   C N N 53  
GLN OE1  O N N 54  
GLN NE2  N N N 55  
GLN OXT  O N N 56  
GLN H    H N N 57  
GLN H2   H N N 58  
GLN HA   H N N 59  
GLN HB2  H N N 60  
GLN HB3  H N N 61  
GLN HG2  H N N 62  
GLN HG3  H N N 63  
GLN HE21 H N N 64  
GLN HE22 H N N 65  
GLN HXT  H N N 66  
GLU N    N N N 67  
GLU CA   C N S 68  
GLU C    C N N 69  
GLU O    O N N 70  
GLU CB   C N N 71  
GLU CG   C N N 72  
GLU CD   C N N 73  
GLU OE1  O N N 74  
GLU OE2  O N N 75  
GLU OXT  O N N 76  
GLU H    H N N 77  
GLU H2   H N N 78  
GLU HA   H N N 79  
GLU HB2  H N N 80  
GLU HB3  H N N 81  
GLU HG2  H N N 82  
GLU HG3  H N N 83  
GLU HE2  H N N 84  
GLU HXT  H N N 85  
GLY N    N N N 86  
GLY CA   C N N 87  
GLY C    C N N 88  
GLY O    O N N 89  
GLY OXT  O N N 90  
GLY H    H N N 91  
GLY H2   H N N 92  
GLY HA2  H N N 93  
GLY HA3  H N N 94  
GLY HXT  H N N 95  
HIS N    N N N 96  
HIS CA   C N S 97  
HIS C    C N N 98  
HIS O    O N N 99  
HIS CB   C N N 100 
HIS CG   C Y N 101 
HIS ND1  N Y N 102 
HIS CD2  C Y N 103 
HIS CE1  C Y N 104 
HIS NE2  N Y N 105 
HIS OXT  O N N 106 
HIS H    H N N 107 
HIS H2   H N N 108 
HIS HA   H N N 109 
HIS HB2  H N N 110 
HIS HB3  H N N 111 
HIS HD1  H N N 112 
HIS HD2  H N N 113 
HIS HE1  H N N 114 
HIS HE2  H N N 115 
HIS HXT  H N N 116 
HOH O    O N N 117 
HOH H1   H N N 118 
HOH H2   H N N 119 
ILE N    N N N 120 
ILE CA   C N S 121 
ILE C    C N N 122 
ILE O    O N N 123 
ILE CB   C N S 124 
ILE CG1  C N N 125 
ILE CG2  C N N 126 
ILE CD1  C N N 127 
ILE OXT  O N N 128 
ILE H    H N N 129 
ILE H2   H N N 130 
ILE HA   H N N 131 
ILE HB   H N N 132 
ILE HG12 H N N 133 
ILE HG13 H N N 134 
ILE HG21 H N N 135 
ILE HG22 H N N 136 
ILE HG23 H N N 137 
ILE HD11 H N N 138 
ILE HD12 H N N 139 
ILE HD13 H N N 140 
ILE HXT  H N N 141 
LEU N    N N N 142 
LEU CA   C N S 143 
LEU C    C N N 144 
LEU O    O N N 145 
LEU CB   C N N 146 
LEU CG   C N N 147 
LEU CD1  C N N 148 
LEU CD2  C N N 149 
LEU OXT  O N N 150 
LEU H    H N N 151 
LEU H2   H N N 152 
LEU HA   H N N 153 
LEU HB2  H N N 154 
LEU HB3  H N N 155 
LEU HG   H N N 156 
LEU HD11 H N N 157 
LEU HD12 H N N 158 
LEU HD13 H N N 159 
LEU HD21 H N N 160 
LEU HD22 H N N 161 
LEU HD23 H N N 162 
LEU HXT  H N N 163 
LYS N    N N N 164 
LYS CA   C N S 165 
LYS C    C N N 166 
LYS O    O N N 167 
LYS CB   C N N 168 
LYS CG   C N N 169 
LYS CD   C N N 170 
LYS CE   C N N 171 
LYS NZ   N N N 172 
LYS OXT  O N N 173 
LYS H    H N N 174 
LYS H2   H N N 175 
LYS HA   H N N 176 
LYS HB2  H N N 177 
LYS HB3  H N N 178 
LYS HG2  H N N 179 
LYS HG3  H N N 180 
LYS HD2  H N N 181 
LYS HD3  H N N 182 
LYS HE2  H N N 183 
LYS HE3  H N N 184 
LYS HZ1  H N N 185 
LYS HZ2  H N N 186 
LYS HZ3  H N N 187 
LYS HXT  H N N 188 
MET N    N N N 189 
MET CA   C N S 190 
MET C    C N N 191 
MET O    O N N 192 
MET CB   C N N 193 
MET CG   C N N 194 
MET SD   S N N 195 
MET CE   C N N 196 
MET OXT  O N N 197 
MET H    H N N 198 
MET H2   H N N 199 
MET HA   H N N 200 
MET HB2  H N N 201 
MET HB3  H N N 202 
MET HG2  H N N 203 
MET HG3  H N N 204 
MET HE1  H N N 205 
MET HE2  H N N 206 
MET HE3  H N N 207 
MET HXT  H N N 208 
SER N    N N N 209 
SER CA   C N S 210 
SER C    C N N 211 
SER O    O N N 212 
SER CB   C N N 213 
SER OG   O N N 214 
SER OXT  O N N 215 
SER H    H N N 216 
SER H2   H N N 217 
SER HA   H N N 218 
SER HB2  H N N 219 
SER HB3  H N N 220 
SER HG   H N N 221 
SER HXT  H N N 222 
THR N    N N N 223 
THR CA   C N S 224 
THR C    C N N 225 
THR O    O N N 226 
THR CB   C N R 227 
THR OG1  O N N 228 
THR CG2  C N N 229 
THR OXT  O N N 230 
THR H    H N N 231 
THR H2   H N N 232 
THR HA   H N N 233 
THR HB   H N N 234 
THR HG1  H N N 235 
THR HG21 H N N 236 
THR HG22 H N N 237 
THR HG23 H N N 238 
THR HXT  H N N 239 
TYR N    N N N 240 
TYR CA   C N S 241 
TYR C    C N N 242 
TYR O    O N N 243 
TYR CB   C N N 244 
TYR CG   C Y N 245 
TYR CD1  C Y N 246 
TYR CD2  C Y N 247 
TYR CE1  C Y N 248 
TYR CE2  C Y N 249 
TYR CZ   C Y N 250 
TYR OH   O N N 251 
TYR OXT  O N N 252 
TYR H    H N N 253 
TYR H2   H N N 254 
TYR HA   H N N 255 
TYR HB2  H N N 256 
TYR HB3  H N N 257 
TYR HD1  H N N 258 
TYR HD2  H N N 259 
TYR HE1  H N N 260 
TYR HE2  H N N 261 
TYR HH   H N N 262 
TYR HXT  H N N 263 
VAL N    N N N 264 
VAL CA   C N S 265 
VAL C    C N N 266 
VAL O    O N N 267 
VAL CB   C N N 268 
VAL CG1  C N N 269 
VAL CG2  C N N 270 
VAL OXT  O N N 271 
VAL H    H N N 272 
VAL H2   H N N 273 
VAL HA   H N N 274 
VAL HB   H N N 275 
VAL HG11 H N N 276 
VAL HG12 H N N 277 
VAL HG13 H N N 278 
VAL HG21 H N N 279 
VAL HG22 H N N 280 
VAL HG23 H N N 281 
VAL HXT  H N N 282 
# 
loop_
_chem_comp_bond.comp_id 
_chem_comp_bond.atom_id_1 
_chem_comp_bond.atom_id_2 
_chem_comp_bond.value_order 
_chem_comp_bond.pdbx_aromatic_flag 
_chem_comp_bond.pdbx_stereo_config 
_chem_comp_bond.pdbx_ordinal 
ALA N   CA   sing N N 1   
ALA N   H    sing N N 2   
ALA N   H2   sing N N 3   
ALA CA  C    sing N N 4   
ALA CA  CB   sing N N 5   
ALA CA  HA   sing N N 6   
ALA C   O    doub N N 7   
ALA C   OXT  sing N N 8   
ALA CB  HB1  sing N N 9   
ALA CB  HB2  sing N N 10  
ALA CB  HB3  sing N N 11  
ALA OXT HXT  sing N N 12  
ASN N   CA   sing N N 13  
ASN N   H    sing N N 14  
ASN N   H2   sing N N 15  
ASN CA  C    sing N N 16  
ASN CA  CB   sing N N 17  
ASN CA  HA   sing N N 18  
ASN C   O    doub N N 19  
ASN C   OXT  sing N N 20  
ASN CB  CG   sing N N 21  
ASN CB  HB2  sing N N 22  
ASN CB  HB3  sing N N 23  
ASN CG  OD1  doub N N 24  
ASN CG  ND2  sing N N 25  
ASN ND2 HD21 sing N N 26  
ASN ND2 HD22 sing N N 27  
ASN OXT HXT  sing N N 28  
ASP N   CA   sing N N 29  
ASP N   H    sing N N 30  
ASP N   H2   sing N N 31  
ASP CA  C    sing N N 32  
ASP CA  CB   sing N N 33  
ASP CA  HA   sing N N 34  
ASP C   O    doub N N 35  
ASP C   OXT  sing N N 36  
ASP CB  CG   sing N N 37  
ASP CB  HB2  sing N N 38  
ASP CB  HB3  sing N N 39  
ASP CG  OD1  doub N N 40  
ASP CG  OD2  sing N N 41  
ASP OD2 HD2  sing N N 42  
ASP OXT HXT  sing N N 43  
GLN N   CA   sing N N 44  
GLN N   H    sing N N 45  
GLN N   H2   sing N N 46  
GLN CA  C    sing N N 47  
GLN CA  CB   sing N N 48  
GLN CA  HA   sing N N 49  
GLN C   O    doub N N 50  
GLN C   OXT  sing N N 51  
GLN CB  CG   sing N N 52  
GLN CB  HB2  sing N N 53  
GLN CB  HB3  sing N N 54  
GLN CG  CD   sing N N 55  
GLN CG  HG2  sing N N 56  
GLN CG  HG3  sing N N 57  
GLN CD  OE1  doub N N 58  
GLN CD  NE2  sing N N 59  
GLN NE2 HE21 sing N N 60  
GLN NE2 HE22 sing N N 61  
GLN OXT HXT  sing N N 62  
GLU N   CA   sing N N 63  
GLU N   H    sing N N 64  
GLU N   H2   sing N N 65  
GLU CA  C    sing N N 66  
GLU CA  CB   sing N N 67  
GLU CA  HA   sing N N 68  
GLU C   O    doub N N 69  
GLU C   OXT  sing N N 70  
GLU CB  CG   sing N N 71  
GLU CB  HB2  sing N N 72  
GLU CB  HB3  sing N N 73  
GLU CG  CD   sing N N 74  
GLU CG  HG2  sing N N 75  
GLU CG  HG3  sing N N 76  
GLU CD  OE1  doub N N 77  
GLU CD  OE2  sing N N 78  
GLU OE2 HE2  sing N N 79  
GLU OXT HXT  sing N N 80  
GLY N   CA   sing N N 81  
GLY N   H    sing N N 82  
GLY N   H2   sing N N 83  
GLY CA  C    sing N N 84  
GLY CA  HA2  sing N N 85  
GLY CA  HA3  sing N N 86  
GLY C   O    doub N N 87  
GLY C   OXT  sing N N 88  
GLY OXT HXT  sing N N 89  
HIS N   CA   sing N N 90  
HIS N   H    sing N N 91  
HIS N   H2   sing N N 92  
HIS CA  C    sing N N 93  
HIS CA  CB   sing N N 94  
HIS CA  HA   sing N N 95  
HIS C   O    doub N N 96  
HIS C   OXT  sing N N 97  
HIS CB  CG   sing N N 98  
HIS CB  HB2  sing N N 99  
HIS CB  HB3  sing N N 100 
HIS CG  ND1  sing Y N 101 
HIS CG  CD2  doub Y N 102 
HIS ND1 CE1  doub Y N 103 
HIS ND1 HD1  sing N N 104 
HIS CD2 NE2  sing Y N 105 
HIS CD2 HD2  sing N N 106 
HIS CE1 NE2  sing Y N 107 
HIS CE1 HE1  sing N N 108 
HIS NE2 HE2  sing N N 109 
HIS OXT HXT  sing N N 110 
HOH O   H1   sing N N 111 
HOH O   H2   sing N N 112 
ILE N   CA   sing N N 113 
ILE N   H    sing N N 114 
ILE N   H2   sing N N 115 
ILE CA  C    sing N N 116 
ILE CA  CB   sing N N 117 
ILE CA  HA   sing N N 118 
ILE C   O    doub N N 119 
ILE C   OXT  sing N N 120 
ILE CB  CG1  sing N N 121 
ILE CB  CG2  sing N N 122 
ILE CB  HB   sing N N 123 
ILE CG1 CD1  sing N N 124 
ILE CG1 HG12 sing N N 125 
ILE CG1 HG13 sing N N 126 
ILE CG2 HG21 sing N N 127 
ILE CG2 HG22 sing N N 128 
ILE CG2 HG23 sing N N 129 
ILE CD1 HD11 sing N N 130 
ILE CD1 HD12 sing N N 131 
ILE CD1 HD13 sing N N 132 
ILE OXT HXT  sing N N 133 
LEU N   CA   sing N N 134 
LEU N   H    sing N N 135 
LEU N   H2   sing N N 136 
LEU CA  C    sing N N 137 
LEU CA  CB   sing N N 138 
LEU CA  HA   sing N N 139 
LEU C   O    doub N N 140 
LEU C   OXT  sing N N 141 
LEU CB  CG   sing N N 142 
LEU CB  HB2  sing N N 143 
LEU CB  HB3  sing N N 144 
LEU CG  CD1  sing N N 145 
LEU CG  CD2  sing N N 146 
LEU CG  HG   sing N N 147 
LEU CD1 HD11 sing N N 148 
LEU CD1 HD12 sing N N 149 
LEU CD1 HD13 sing N N 150 
LEU CD2 HD21 sing N N 151 
LEU CD2 HD22 sing N N 152 
LEU CD2 HD23 sing N N 153 
LEU OXT HXT  sing N N 154 
LYS N   CA   sing N N 155 
LYS N   H    sing N N 156 
LYS N   H2   sing N N 157 
LYS CA  C    sing N N 158 
LYS CA  CB   sing N N 159 
LYS CA  HA   sing N N 160 
LYS C   O    doub N N 161 
LYS C   OXT  sing N N 162 
LYS CB  CG   sing N N 163 
LYS CB  HB2  sing N N 164 
LYS CB  HB3  sing N N 165 
LYS CG  CD   sing N N 166 
LYS CG  HG2  sing N N 167 
LYS CG  HG3  sing N N 168 
LYS CD  CE   sing N N 169 
LYS CD  HD2  sing N N 170 
LYS CD  HD3  sing N N 171 
LYS CE  NZ   sing N N 172 
LYS CE  HE2  sing N N 173 
LYS CE  HE3  sing N N 174 
LYS NZ  HZ1  sing N N 175 
LYS NZ  HZ2  sing N N 176 
LYS NZ  HZ3  sing N N 177 
LYS OXT HXT  sing N N 178 
MET N   CA   sing N N 179 
MET N   H    sing N N 180 
MET N   H2   sing N N 181 
MET CA  C    sing N N 182 
MET CA  CB   sing N N 183 
MET CA  HA   sing N N 184 
MET C   O    doub N N 185 
MET C   OXT  sing N N 186 
MET CB  CG   sing N N 187 
MET CB  HB2  sing N N 188 
MET CB  HB3  sing N N 189 
MET CG  SD   sing N N 190 
MET CG  HG2  sing N N 191 
MET CG  HG3  sing N N 192 
MET SD  CE   sing N N 193 
MET CE  HE1  sing N N 194 
MET CE  HE2  sing N N 195 
MET CE  HE3  sing N N 196 
MET OXT HXT  sing N N 197 
SER N   CA   sing N N 198 
SER N   H    sing N N 199 
SER N   H2   sing N N 200 
SER CA  C    sing N N 201 
SER CA  CB   sing N N 202 
SER CA  HA   sing N N 203 
SER C   O    doub N N 204 
SER C   OXT  sing N N 205 
SER CB  OG   sing N N 206 
SER CB  HB2  sing N N 207 
SER CB  HB3  sing N N 208 
SER OG  HG   sing N N 209 
SER OXT HXT  sing N N 210 
THR N   CA   sing N N 211 
THR N   H    sing N N 212 
THR N   H2   sing N N 213 
THR CA  C    sing N N 214 
THR CA  CB   sing N N 215 
THR CA  HA   sing N N 216 
THR C   O    doub N N 217 
THR C   OXT  sing N N 218 
THR CB  OG1  sing N N 219 
THR CB  CG2  sing N N 220 
THR CB  HB   sing N N 221 
THR OG1 HG1  sing N N 222 
THR CG2 HG21 sing N N 223 
THR CG2 HG22 sing N N 224 
THR CG2 HG23 sing N N 225 
THR OXT HXT  sing N N 226 
TYR N   CA   sing N N 227 
TYR N   H    sing N N 228 
TYR N   H2   sing N N 229 
TYR CA  C    sing N N 230 
TYR CA  CB   sing N N 231 
TYR CA  HA   sing N N 232 
TYR C   O    doub N N 233 
TYR C   OXT  sing N N 234 
TYR CB  CG   sing N N 235 
TYR CB  HB2  sing N N 236 
TYR CB  HB3  sing N N 237 
TYR CG  CD1  doub Y N 238 
TYR CG  CD2  sing Y N 239 
TYR CD1 CE1  sing Y N 240 
TYR CD1 HD1  sing N N 241 
TYR CD2 CE2  doub Y N 242 
TYR CD2 HD2  sing N N 243 
TYR CE1 CZ   doub Y N 244 
TYR CE1 HE1  sing N N 245 
TYR CE2 CZ   sing Y N 246 
TYR CE2 HE2  sing N N 247 
TYR CZ  OH   sing N N 248 
TYR OH  HH   sing N N 249 
TYR OXT HXT  sing N N 250 
VAL N   CA   sing N N 251 
VAL N   H    sing N N 252 
VAL N   H2   sing N N 253 
VAL CA  C    sing N N 254 
VAL CA  CB   sing N N 255 
VAL CA  HA   sing N N 256 
VAL C   O    doub N N 257 
VAL C   OXT  sing N N 258 
VAL CB  CG1  sing N N 259 
VAL CB  CG2  sing N N 260 
VAL CB  HB   sing N N 261 
VAL CG1 HG11 sing N N 262 
VAL CG1 HG12 sing N N 263 
VAL CG1 HG13 sing N N 264 
VAL CG2 HG21 sing N N 265 
VAL CG2 HG22 sing N N 266 
VAL CG2 HG23 sing N N 267 
VAL OXT HXT  sing N N 268 
# 
_atom_sites.entry_id                    1WP8 
_atom_sites.fract_transf_matrix[1][1]   0.02069437 
_atom_sites.fract_transf_matrix[1][2]   0.00419606 
_atom_sites.fract_transf_matrix[1][3]   0.02606916 
_atom_sites.fract_transf_matrix[2][1]   -0.01016014 
_atom_sites.fract_transf_matrix[2][2]   0.02959261 
_atom_sites.fract_transf_matrix[2][3]   -0.01291255 
_atom_sites.fract_transf_matrix[3][1]   -0.01498570 
_atom_sites.fract_transf_matrix[3][2]   -0.00124837 
_atom_sites.fract_transf_matrix[3][3]   0.01098404 
_atom_sites.fract_transf_vector[1]      0.323057 
_atom_sites.fract_transf_vector[2]      -0.082108 
_atom_sites.fract_transf_vector[3]      -0.189260 
# 
loop_
_atom_type.symbol 
C 
N 
O 
S 
# 
loop_
_atom_site.group_PDB 
_atom_site.id 
_atom_site.type_symbol 
_atom_site.label_atom_id 
_atom_site.label_alt_id 
_atom_site.label_comp_id 
_atom_site.label_asym_id 
_atom_site.label_entity_id 
_atom_site.label_seq_id 
_atom_site.pdbx_PDB_ins_code 
_atom_site.Cartn_x 
_atom_site.Cartn_y 
_atom_site.Cartn_z 
_atom_site.occupancy 
_atom_site.B_iso_or_equiv 
_atom_site.pdbx_formal_charge 
_atom_site.auth_seq_id 
_atom_site.auth_comp_id 
_atom_site.auth_asym_id 
_atom_site.auth_atom_id 
_atom_site.pdbx_PDB_model_num 
ATOM   1    N N   . ASN A 1 7  ? 22.921  -12.258 -3.373  1.00 33.74  ? 143 ASN A N   1 
ATOM   2    C CA  . ASN A 1 7  ? 22.531  -11.283 -2.316  1.00 34.98  ? 143 ASN A CA  1 
ATOM   3    C C   . ASN A 1 7  ? 21.902  -10.045 -2.951  1.00 35.74  ? 143 ASN A C   1 
ATOM   4    O O   . ASN A 1 7  ? 20.943  -9.484  -2.427  1.00 32.25  ? 143 ASN A O   1 
ATOM   5    C CB  . ASN A 1 7  ? 23.755  -10.904 -1.483  1.00 35.74  ? 143 ASN A CB  1 
ATOM   6    C CG  . ASN A 1 7  ? 23.504  -11.028 0.015   1.00 35.29  ? 143 ASN A CG  1 
ATOM   7    O OD1 . ASN A 1 7  ? 22.869  -11.978 0.473   1.00 34.21  ? 143 ASN A OD1 1 
ATOM   8    N ND2 . ASN A 1 7  ? 24.015  -10.076 0.782   1.00 33.19  ? 143 ASN A ND2 1 
ATOM   9    N N   . ILE A 1 8  ? 22.457  -9.616  -4.080  1.00 36.66  ? 144 ILE A N   1 
ATOM   10   C CA  . ILE A 1 8  ? 21.915  -8.477  -4.817  1.00 34.94  ? 144 ILE A CA  1 
ATOM   11   C C   . ILE A 1 8  ? 20.635  -9.012  -5.443  1.00 33.78  ? 144 ILE A C   1 
ATOM   12   O O   . ILE A 1 8  ? 19.588  -8.368  -5.419  1.00 29.96  ? 144 ILE A O   1 
ATOM   13   C CB  . ILE A 1 8  ? 22.870  -8.030  -5.951  1.00 35.87  ? 144 ILE A CB  1 
ATOM   14   C CG1 . ILE A 1 8  ? 24.127  -7.394  -5.355  1.00 35.50  ? 144 ILE A CG1 1 
ATOM   15   C CG2 . ILE A 1 8  ? 22.162  -7.061  -6.888  1.00 35.09  ? 144 ILE A CG2 1 
ATOM   16   C CD1 . ILE A 1 8  ? 23.858  -6.147  -4.546  1.00 38.14  ? 144 ILE A CD1 1 
ATOM   17   N N   . ASN A 1 9  ? 20.748  -10.214 -5.999  1.00 36.58  ? 145 ASN A N   1 
ATOM   18   C CA  . ASN A 1 9  ? 19.634  -10.906 -6.637  1.00 38.60  ? 145 ASN A CA  1 
ATOM   19   C C   . ASN A 1 9  ? 18.577  -11.131 -5.561  1.00 36.50  ? 145 ASN A C   1 
ATOM   20   O O   . ASN A 1 9  ? 17.376  -11.024 -5.806  1.00 32.16  ? 145 ASN A O   1 
ATOM   21   C CB  . ASN A 1 9  ? 20.110  -12.258 -7.181  1.00 43.04  ? 145 ASN A CB  1 
ATOM   22   C CG  . ASN A 1 9  ? 21.360  -12.140 -8.047  1.00 49.85  ? 145 ASN A CG  1 
ATOM   23   O OD1 . ASN A 1 9  ? 22.150  -13.083 -8.145  1.00 52.54  ? 145 ASN A OD1 1 
ATOM   24   N ND2 . ASN A 1 9  ? 21.538  -10.987 -8.687  1.00 52.88  ? 145 ASN A ND2 1 
ATOM   25   N N   . LYS A 1 10 ? 19.055  -11.447 -4.364  1.00 36.23  ? 146 LYS A N   1 
ATOM   26   C CA  . LYS A 1 10 ? 18.198  -11.691 -3.214  1.00 37.09  ? 146 LYS A CA  1 
ATOM   27   C C   . LYS A 1 10 ? 17.296  -10.486 -2.957  1.00 33.95  ? 146 LYS A C   1 
ATOM   28   O O   . LYS A 1 10 ? 16.089  -10.633 -2.761  1.00 33.00  ? 146 LYS A O   1 
ATOM   29   C CB  . LYS A 1 10 ? 19.070  -11.969 -1.990  1.00 40.55  ? 146 LYS A CB  1 
ATOM   30   C CG  . LYS A 1 10 ? 18.310  -12.356 -0.745  1.00 45.90  ? 146 LYS A CG  1 
ATOM   31   C CD  . LYS A 1 10 ? 18.883  -13.623 -0.115  1.00 51.36  ? 146 LYS A CD  1 
ATOM   32   C CE  . LYS A 1 10 ? 20.365  -13.502 0.231   1.00 53.89  ? 146 LYS A CE  1 
ATOM   33   N NZ  . LYS A 1 10 ? 21.265  -13.574 -0.955  1.00 55.65  ? 146 LYS A NZ  1 
ATOM   34   N N   . LEU A 1 11 ? 17.887  -9.298  -2.970  1.00 31.77  ? 147 LEU A N   1 
ATOM   35   C CA  . LEU A 1 11 ? 17.141  -8.067  -2.745  1.00 30.76  ? 147 LEU A CA  1 
ATOM   36   C C   . LEU A 1 11 ? 16.138  -7.794  -3.858  1.00 29.79  ? 147 LEU A C   1 
ATOM   37   O O   . LEU A 1 11 ? 14.990  -7.440  -3.598  1.00 27.22  ? 147 LEU A O   1 
ATOM   38   C CB  . LEU A 1 11 ? 18.097  -6.882  -2.631  1.00 29.97  ? 147 LEU A CB  1 
ATOM   39   C CG  . LEU A 1 11 ? 18.806  -6.765  -1.286  1.00 33.94  ? 147 LEU A CG  1 
ATOM   40   C CD1 . LEU A 1 11 ? 19.758  -5.578  -1.293  1.00 30.60  ? 147 LEU A CD1 1 
ATOM   41   C CD2 . LEU A 1 11 ? 17.751  -6.617  -0.192  1.00 30.27  ? 147 LEU A CD2 1 
ATOM   42   N N   . LYS A 1 12 ? 16.576  -7.970  -5.100  1.00 29.14  ? 148 LYS A N   1 
ATOM   43   C CA  . LYS A 1 12 ? 15.709  -7.729  -6.247  1.00 27.22  ? 148 LYS A CA  1 
ATOM   44   C C   . LYS A 1 12 ? 14.462  -8.599  -6.200  1.00 26.79  ? 148 LYS A C   1 
ATOM   45   O O   . LYS A 1 12 ? 13.346  -8.095  -6.309  1.00 28.01  ? 148 LYS A O   1 
ATOM   46   C CB  . LYS A 1 12 ? 16.478  -7.981  -7.549  1.00 26.70  ? 148 LYS A CB  1 
ATOM   47   C CG  . LYS A 1 12 ? 15.708  -7.661  -8.823  1.00 24.52  ? 148 LYS A CG  1 
ATOM   48   C CD  . LYS A 1 12 ? 16.578  -7.892  -10.053 1.00 28.95  ? 148 LYS A CD  1 
ATOM   49   C CE  . LYS A 1 12 ? 15.805  -7.680  -11.343 1.00 30.96  ? 148 LYS A CE  1 
ATOM   50   N NZ  . LYS A 1 12 ? 16.677  -7.834  -12.543 1.00 34.44  ? 148 LYS A NZ  1 
ATOM   51   N N   . SER A 1 13 ? 14.651  -9.902  -6.023  1.00 25.81  ? 149 SER A N   1 
ATOM   52   C CA  . SER A 1 13 ? 13.522  -10.827 -5.979  1.00 25.08  ? 149 SER A CA  1 
ATOM   53   C C   . SER A 1 13 ? 12.566  -10.446 -4.860  1.00 23.70  ? 149 SER A C   1 
ATOM   54   O O   . SER A 1 13 ? 11.346  -10.494 -5.025  1.00 23.97  ? 149 SER A O   1 
ATOM   55   C CB  . SER A 1 13 ? 14.017  -12.257 -5.774  1.00 26.34  ? 149 SER A CB  1 
ATOM   56   O OG  . SER A 1 13 ? 12.951  -13.180 -5.908  1.00 30.76  ? 149 SER A OG  1 
ATOM   57   N N   . SER A 1 14 ? 13.129  -10.065 -3.723  1.00 19.51  ? 150 SER A N   1 
ATOM   58   C CA  . SER A 1 14 ? 12.329  -9.658  -2.577  1.00 22.11  ? 150 SER A CA  1 
ATOM   59   C C   . SER A 1 14 ? 11.535  -8.372  -2.865  1.00 18.53  ? 150 SER A C   1 
ATOM   60   O O   . SER A 1 14 ? 10.340  -8.280  -2.563  1.00 15.78  ? 150 SER A O   1 
ATOM   61   C CB  . SER A 1 14 ? 13.236  -9.437  -1.365  1.00 20.66  ? 150 SER A CB  1 
ATOM   62   O OG  . SER A 1 14 ? 12.475  -9.064  -0.232  1.00 23.44  ? 150 SER A OG  1 
ATOM   63   N N   . ILE A 1 15 ? 12.211  -7.385  -3.444  1.00 18.31  ? 151 ILE A N   1 
ATOM   64   C CA  . ILE A 1 15 ? 11.579  -6.112  -3.765  1.00 20.99  ? 151 ILE A CA  1 
ATOM   65   C C   . ILE A 1 15 ? 10.438  -6.308  -4.758  1.00 22.16  ? 151 ILE A C   1 
ATOM   66   O O   . ILE A 1 15 ? 9.403   -5.651  -4.657  1.00 21.48  ? 151 ILE A O   1 
ATOM   67   C CB  . ILE A 1 15 ? 12.590  -5.122  -4.358  1.00 20.12  ? 151 ILE A CB  1 
ATOM   68   C CG1 . ILE A 1 15 ? 13.792  -4.985  -3.426  1.00 22.36  ? 151 ILE A CG1 1 
ATOM   69   C CG2 . ILE A 1 15 ? 11.938  -3.768  -4.540  1.00 17.66  ? 151 ILE A CG2 1 
ATOM   70   C CD1 . ILE A 1 15 ? 13.438  -4.574  -2.029  1.00 25.52  ? 151 ILE A CD1 1 
ATOM   71   N N   . GLU A 1 16 ? 10.631  -7.216  -5.710  1.00 19.82  ? 152 GLU A N   1 
ATOM   72   C CA  . GLU A 1 16 ? 9.607   -7.502  -6.704  1.00 22.67  ? 152 GLU A CA  1 
ATOM   73   C C   . GLU A 1 16 ? 8.296   -7.900  -6.048  1.00 22.88  ? 152 GLU A C   1 
ATOM   74   O O   . GLU A 1 16 ? 7.227   -7.473  -6.479  1.00 27.34  ? 152 GLU A O   1 
ATOM   75   C CB  . GLU A 1 16 ? 10.056  -8.625  -7.635  1.00 26.00  ? 152 GLU A CB  1 
ATOM   76   C CG  . GLU A 1 16 ? 10.783  -8.152  -8.876  1.00 34.77  ? 152 GLU A CG  1 
ATOM   77   C CD  . GLU A 1 16 ? 11.260  -9.305  -9.737  1.00 41.02  ? 152 GLU A CD  1 
ATOM   78   O OE1 . GLU A 1 16 ? 10.440  -10.194 -10.057 1.00 41.35  ? 152 GLU A OE1 1 
ATOM   79   O OE2 . GLU A 1 16 ? 12.456  -9.319  -10.097 1.00 45.86  ? 152 GLU A OE2 1 
ATOM   80   N N   . SER A 1 17 ? 8.378   -8.727  -5.014  1.00 22.48  ? 153 SER A N   1 
ATOM   81   C CA  . SER A 1 17 ? 7.187   -9.169  -4.294  1.00 19.71  ? 153 SER A CA  1 
ATOM   82   C C   . SER A 1 17 ? 6.551   -8.011  -3.527  1.00 17.05  ? 153 SER A C   1 
ATOM   83   O O   . SER A 1 17 ? 5.336   -7.947  -3.365  1.00 17.88  ? 153 SER A O   1 
ATOM   84   C CB  . SER A 1 17 ? 7.547   -10.298 -3.336  1.00 20.25  ? 153 SER A CB  1 
ATOM   85   O OG  . SER A 1 17 ? 8.061   -11.399 -4.061  1.00 23.23  ? 153 SER A OG  1 
ATOM   86   N N   . THR A 1 18 ? 7.383   -7.099  -3.046  1.00 18.57  ? 154 THR A N   1 
ATOM   87   C CA  . THR A 1 18 ? 6.881   -5.943  -2.331  1.00 19.32  ? 154 THR A CA  1 
ATOM   88   C C   . THR A 1 18 ? 6.071   -5.106  -3.327  1.00 19.80  ? 154 THR A C   1 
ATOM   89   O O   . THR A 1 18 ? 4.976   -4.638  -3.023  1.00 18.30  ? 154 THR A O   1 
ATOM   90   C CB  . THR A 1 18 ? 8.036   -5.089  -1.776  1.00 20.04  ? 154 THR A CB  1 
ATOM   91   O OG1 . THR A 1 18 ? 8.751   -5.838  -0.789  1.00 24.10  ? 154 THR A OG1 1 
ATOM   92   C CG2 . THR A 1 18 ? 7.509   -3.811  -1.153  1.00 15.06  ? 154 THR A CG2 1 
ATOM   93   N N   . ASN A 1 19 ? 6.617   -4.941  -4.526  1.00 19.40  ? 155 ASN A N   1 
ATOM   94   C CA  . ASN A 1 19 ? 5.950   -4.155  -5.555  1.00 19.65  ? 155 ASN A CA  1 
ATOM   95   C C   . ASN A 1 19 ? 4.607   -4.760  -5.975  1.00 17.13  ? 155 ASN A C   1 
ATOM   96   O O   . ASN A 1 19 ? 3.620   -4.040  -6.123  1.00 21.05  ? 155 ASN A O   1 
ATOM   97   C CB  . ASN A 1 19 ? 6.894   -3.950  -6.759  1.00 15.34  ? 155 ASN A CB  1 
ATOM   98   C CG  . ASN A 1 19 ? 8.048   -2.997  -6.431  1.00 18.27  ? 155 ASN A CG  1 
ATOM   99   O OD1 . ASN A 1 19 ? 7.976   -2.227  -5.465  1.00 15.16  ? 155 ASN A OD1 1 
ATOM   100  N ND2 . ASN A 1 19 ? 9.105   -3.030  -7.241  1.00 16.65  ? 155 ASN A ND2 1 
ATOM   101  N N   . GLU A 1 20 ? 4.555   -6.074  -6.151  1.00 19.84  ? 156 GLU A N   1 
ATOM   102  C CA  . GLU A 1 20 ? 3.295   -6.713  -6.518  1.00 19.79  ? 156 GLU A CA  1 
ATOM   103  C C   . GLU A 1 20 ? 2.291   -6.505  -5.380  1.00 19.61  ? 156 GLU A C   1 
ATOM   104  O O   . GLU A 1 20 ? 1.102   -6.285  -5.618  1.00 18.01  ? 156 GLU A O   1 
ATOM   105  C CB  . GLU A 1 20 ? 3.500   -8.205  -6.767  1.00 22.00  ? 156 GLU A CB  1 
ATOM   106  C CG  . GLU A 1 20 ? 4.210   -8.541  -8.073  1.00 30.38  ? 156 GLU A CG  1 
ATOM   107  C CD  . GLU A 1 20 ? 3.321   -8.341  -9.285  1.00 36.03  ? 156 GLU A CD  1 
ATOM   108  O OE1 . GLU A 1 20 ? 2.929   -7.187  -9.571  1.00 36.80  ? 156 GLU A OE1 1 
ATOM   109  O OE2 . GLU A 1 20 ? 3.007   -9.350  -9.947  1.00 41.15  ? 156 GLU A OE2 1 
ATOM   110  N N   . ALA A 1 21 ? 2.774   -6.580  -4.143  1.00 15.14  ? 157 ALA A N   1 
ATOM   111  C CA  . ALA A 1 21 ? 1.909   -6.374  -2.994  1.00 14.76  ? 157 ALA A CA  1 
ATOM   112  C C   . ALA A 1 21 ? 1.284   -4.977  -3.066  1.00 15.23  ? 157 ALA A C   1 
ATOM   113  O O   . ALA A 1 21 ? 0.106   -4.798  -2.741  1.00 16.36  ? 157 ALA A O   1 
ATOM   114  C CB  . ALA A 1 21 ? 2.702   -6.531  -1.706  1.00 14.03  ? 157 ALA A CB  1 
ATOM   115  N N   . VAL A 1 22 ? 2.080   -3.997  -3.491  1.00 13.42  ? 158 VAL A N   1 
ATOM   116  C CA  . VAL A 1 22 ? 1.618   -2.613  -3.616  1.00 14.71  ? 158 VAL A CA  1 
ATOM   117  C C   . VAL A 1 22 ? 0.594   -2.482  -4.750  1.00 15.29  ? 158 VAL A C   1 
ATOM   118  O O   . VAL A 1 22 ? -0.405  -1.762  -4.627  1.00 12.93  ? 158 VAL A O   1 
ATOM   119  C CB  . VAL A 1 22 ? 2.810   -1.663  -3.874  1.00 14.83  ? 158 VAL A CB  1 
ATOM   120  C CG1 . VAL A 1 22 ? 2.326   -0.241  -4.094  1.00 15.63  ? 158 VAL A CG1 1 
ATOM   121  C CG2 . VAL A 1 22 ? 3.754   -1.720  -2.697  1.00 17.93  ? 158 VAL A CG2 1 
ATOM   122  N N   . VAL A 1 23 ? 0.852   -3.183  -5.854  1.00 16.93  ? 159 VAL A N   1 
ATOM   123  C CA  . VAL A 1 23 ? -0.058  -3.166  -6.995  1.00 12.60  ? 159 VAL A CA  1 
ATOM   124  C C   . VAL A 1 23 ? -1.396  -3.735  -6.547  1.00 16.59  ? 159 VAL A C   1 
ATOM   125  O O   . VAL A 1 23 ? -2.460  -3.217  -6.901  1.00 19.05  ? 159 VAL A O   1 
ATOM   126  C CB  . VAL A 1 23 ? 0.477   -4.019  -8.159  1.00 13.49  ? 159 VAL A CB  1 
ATOM   127  C CG1 . VAL A 1 23 ? -0.611  -4.201  -9.218  1.00 14.43  ? 159 VAL A CG1 1 
ATOM   128  C CG2 . VAL A 1 23 ? 1.710   -3.339  -8.782  1.00 13.24  ? 159 VAL A CG2 1 
ATOM   129  N N   . LYS A 1 24 ? -1.347  -4.801  -5.756  1.00 17.42  ? 160 LYS A N   1 
ATOM   130  C CA  . LYS A 1 24 ? -2.578  -5.410  -5.281  1.00 19.32  ? 160 LYS A CA  1 
ATOM   131  C C   . LYS A 1 24 ? -3.370  -4.478  -4.382  1.00 19.76  ? 160 LYS A C   1 
ATOM   132  O O   . LYS A 1 24 ? -4.599  -4.532  -4.362  1.00 20.14  ? 160 LYS A O   1 
ATOM   133  C CB  . LYS A 1 24 ? -2.282  -6.727  -4.569  1.00 17.58  ? 160 LYS A CB  1 
ATOM   134  C CG  . LYS A 1 24 ? -2.004  -7.850  -5.561  1.00 23.12  ? 160 LYS A CG  1 
ATOM   135  C CD  . LYS A 1 24 ? -3.144  -7.935  -6.580  1.00 22.91  ? 160 LYS A CD  1 
ATOM   136  C CE  . LYS A 1 24 ? -2.778  -8.774  -7.793  1.00 25.95  ? 160 LYS A CE  1 
ATOM   137  N NZ  . LYS A 1 24 ? -3.797  -8.617  -8.868  1.00 23.04  ? 160 LYS A NZ  1 
ATOM   138  N N   . LEU A 1 25 ? -2.672  -3.624  -3.640  1.00 19.32  ? 161 LEU A N   1 
ATOM   139  C CA  . LEU A 1 25 ? -3.357  -2.676  -2.780  1.00 21.18  ? 161 LEU A CA  1 
ATOM   140  C C   . LEU A 1 25 ? -3.971  -1.588  -3.650  1.00 19.72  ? 161 LEU A C   1 
ATOM   141  O O   . LEU A 1 25 ? -5.055  -1.093  -3.363  1.00 23.14  ? 161 LEU A O   1 
ATOM   142  C CB  . LEU A 1 25 ? -2.387  -2.057  -1.774  1.00 22.31  ? 161 LEU A CB  1 
ATOM   143  C CG  . LEU A 1 25 ? -2.159  -2.872  -0.498  1.00 21.47  ? 161 LEU A CG  1 
ATOM   144  C CD1 . LEU A 1 25 ? -0.950  -2.337  0.246   1.00 21.78  ? 161 LEU A CD1 1 
ATOM   145  C CD2 . LEU A 1 25 ? -3.411  -2.813  0.370   1.00 21.38  ? 161 LEU A CD2 1 
ATOM   146  N N   . GLN A 1 26 ? -3.274  -1.219  -4.717  1.00 19.12  ? 162 GLN A N   1 
ATOM   147  C CA  . GLN A 1 26 ? -3.781  -0.189  -5.616  1.00 17.06  ? 162 GLN A CA  1 
ATOM   148  C C   . GLN A 1 26 ? -5.039  -0.735  -6.289  1.00 19.64  ? 162 GLN A C   1 
ATOM   149  O O   . GLN A 1 26 ? -6.047  -0.039  -6.408  1.00 21.55  ? 162 GLN A O   1 
ATOM   150  C CB  . GLN A 1 26 ? -2.718  0.174   -6.668  1.00 18.86  ? 162 GLN A CB  1 
ATOM   151  C CG  . GLN A 1 26 ? -1.384  0.640   -6.082  1.00 18.44  ? 162 GLN A CG  1 
ATOM   152  C CD  . GLN A 1 26 ? -0.304  0.878   -7.135  1.00 24.40  ? 162 GLN A CD  1 
ATOM   153  O OE1 . GLN A 1 26 ? -0.269  0.214   -8.170  1.00 23.57  ? 162 GLN A OE1 1 
ATOM   154  N NE2 . GLN A 1 26 ? 0.597   1.817   -6.857  1.00 25.53  ? 162 GLN A NE2 1 
ATOM   155  N N   . GLU A 1 27 ? -4.985  -1.989  -6.726  1.00 18.62  ? 163 GLU A N   1 
ATOM   156  C CA  . GLU A 1 27 ? -6.143  -2.582  -7.373  1.00 18.22  ? 163 GLU A CA  1 
ATOM   157  C C   . GLU A 1 27 ? -7.294  -2.609  -6.378  1.00 18.96  ? 163 GLU A C   1 
ATOM   158  O O   . GLU A 1 27 ? -8.447  -2.398  -6.738  1.00 15.69  ? 163 GLU A O   1 
ATOM   159  C CB  . GLU A 1 27 ? -5.828  -4.001  -7.857  1.00 20.86  ? 163 GLU A CB  1 
ATOM   160  C CG  . GLU A 1 27 ? -4.960  -4.059  -9.108  1.00 20.33  ? 163 GLU A CG  1 
ATOM   161  C CD  . GLU A 1 27 ? -4.604  -5.485  -9.506  1.00 26.23  ? 163 GLU A CD  1 
ATOM   162  O OE1 . GLU A 1 27 ? -5.341  -6.408  -9.103  1.00 25.03  ? 163 GLU A OE1 1 
ATOM   163  O OE2 . GLU A 1 27 ? -3.604  -5.685  -10.233 1.00 28.07  ? 163 GLU A OE2 1 
ATOM   164  N N   . THR A 1 28 ? -6.979  -2.865  -5.117  1.00 18.32  ? 164 THR A N   1 
ATOM   165  C CA  . THR A 1 28 ? -8.018  -2.905  -4.106  1.00 18.76  ? 164 THR A CA  1 
ATOM   166  C C   . THR A 1 28 ? -8.562  -1.498  -3.878  1.00 20.10  ? 164 THR A C   1 
ATOM   167  O O   . THR A 1 28 ? -9.766  -1.300  -3.787  1.00 21.37  ? 164 THR A O   1 
ATOM   168  C CB  . THR A 1 28 ? -7.484  -3.466  -2.770  1.00 17.77  ? 164 THR A CB  1 
ATOM   169  O OG1 . THR A 1 28 ? -6.921  -4.766  -2.994  1.00 15.41  ? 164 THR A OG1 1 
ATOM   170  C CG2 . THR A 1 28 ? -8.624  -3.576  -1.745  1.00 18.20  ? 164 THR A CG2 1 
ATOM   171  N N   . ALA A 1 29 ? -7.672  -0.518  -3.807  1.00 18.59  ? 165 ALA A N   1 
ATOM   172  C CA  . ALA A 1 29 ? -8.088  0.855   -3.574  1.00 15.37  ? 165 ALA A CA  1 
ATOM   173  C C   . ALA A 1 29 ? -8.988  1.407   -4.683  1.00 19.13  ? 165 ALA A C   1 
ATOM   174  O O   . ALA A 1 29 ? -9.867  2.229   -4.414  1.00 16.73  ? 165 ALA A O   1 
ATOM   175  C CB  . ALA A 1 29 ? -6.867  1.736   -3.403  1.00 14.20  ? 165 ALA A CB  1 
ATOM   176  N N   . GLU A 1 30 ? -8.787  0.968   -5.927  1.00 17.05  ? 166 GLU A N   1 
ATOM   177  C CA  . GLU A 1 30 ? -9.624  1.482   -7.004  1.00 19.55  ? 166 GLU A CA  1 
ATOM   178  C C   . GLU A 1 30 ? -11.042 0.953   -6.886  1.00 18.88  ? 166 GLU A C   1 
ATOM   179  O O   . GLU A 1 30 ? -11.995 1.641   -7.240  1.00 17.51  ? 166 GLU A O   1 
ATOM   180  C CB  . GLU A 1 30 ? -9.033  1.162   -8.382  1.00 23.26  ? 166 GLU A CB  1 
ATOM   181  C CG  . GLU A 1 30 ? -8.644  -0.273  -8.618  1.00 33.66  ? 166 GLU A CG  1 
ATOM   182  C CD  . GLU A 1 30 ? -7.996  -0.476  -9.987  1.00 40.72  ? 166 GLU A CD  1 
ATOM   183  O OE1 . GLU A 1 30 ? -7.102  0.322   -10.352 1.00 37.92  ? 166 GLU A OE1 1 
ATOM   184  O OE2 . GLU A 1 30 ? -8.375  -1.441  -10.688 1.00 41.28  ? 166 GLU A OE2 1 
ATOM   185  N N   . LYS A 1 31 ? -11.183 -0.266  -6.379  1.00 18.49  ? 167 LYS A N   1 
ATOM   186  C CA  . LYS A 1 31 ? -12.505 -0.837  -6.184  1.00 21.02  ? 167 LYS A CA  1 
ATOM   187  C C   . LYS A 1 31 ? -13.199 -0.065  -5.050  1.00 23.01  ? 167 LYS A C   1 
ATOM   188  O O   . LYS A 1 31 ? -14.417 0.134   -5.080  1.00 22.21  ? 167 LYS A O   1 
ATOM   189  C CB  . LYS A 1 31 ? -12.392 -2.319  -5.827  1.00 24.02  ? 167 LYS A CB  1 
ATOM   190  C CG  . LYS A 1 31 ? -11.782 -3.170  -6.939  1.00 28.78  ? 167 LYS A CG  1 
ATOM   191  C CD  . LYS A 1 31 ? -11.271 -4.486  -6.388  1.00 31.82  ? 167 LYS A CD  1 
ATOM   192  C CE  . LYS A 1 31 ? -10.478 -5.241  -7.433  1.00 34.84  ? 167 LYS A CE  1 
ATOM   193  N NZ  . LYS A 1 31 ? -9.666  -6.314  -6.815  1.00 33.93  ? 167 LYS A NZ  1 
ATOM   194  N N   . THR A 1 32 ? -12.418 0.379   -4.061  1.00 24.32  ? 168 THR A N   1 
ATOM   195  C CA  . THR A 1 32 ? -12.961 1.149   -2.938  1.00 23.88  ? 168 THR A CA  1 
ATOM   196  C C   . THR A 1 32 ? -13.610 2.416   -3.475  1.00 22.73  ? 168 THR A C   1 
ATOM   197  O O   . THR A 1 32 ? -14.728 2.765   -3.093  1.00 25.97  ? 168 THR A O   1 
ATOM   198  C CB  . THR A 1 32 ? -11.866 1.570   -1.930  1.00 26.19  ? 168 THR A CB  1 
ATOM   199  O OG1 . THR A 1 32 ? -11.213 0.411   -1.409  1.00 27.76  ? 168 THR A OG1 1 
ATOM   200  C CG2 . THR A 1 32 ? -12.478 2.351   -0.776  1.00 27.86  ? 168 THR A CG2 1 
ATOM   201  N N   . VAL A 1 33 ? -12.900 3.106   -4.362  1.00 22.96  ? 169 VAL A N   1 
ATOM   202  C CA  . VAL A 1 33 ? -13.417 4.331   -4.956  1.00 22.66  ? 169 VAL A CA  1 
ATOM   203  C C   . VAL A 1 33 ? -14.744 4.056   -5.657  1.00 24.67  ? 169 VAL A C   1 
ATOM   204  O O   . VAL A 1 33 ? -15.677 4.852   -5.574  1.00 25.89  ? 169 VAL A O   1 
ATOM   205  C CB  . VAL A 1 33 ? -12.426 4.926   -5.980  1.00 20.00  ? 169 VAL A CB  1 
ATOM   206  C CG1 . VAL A 1 33 ? -13.088 6.061   -6.740  1.00 21.98  ? 169 VAL A CG1 1 
ATOM   207  C CG2 . VAL A 1 33 ? -11.173 5.431   -5.269  1.00 17.34  ? 169 VAL A CG2 1 
ATOM   208  N N   . TYR A 1 34 ? -14.825 2.925   -6.348  1.00 25.65  ? 170 TYR A N   1 
ATOM   209  C CA  . TYR A 1 34 ? -16.047 2.559   -7.049  1.00 25.29  ? 170 TYR A CA  1 
ATOM   210  C C   . TYR A 1 34 ? -17.201 2.350   -6.080  1.00 23.34  ? 170 TYR A C   1 
ATOM   211  O O   . TYR A 1 34 ? -18.293 2.884   -6.275  1.00 21.91  ? 170 TYR A O   1 
ATOM   212  C CB  . TYR A 1 34 ? -15.833 1.287   -7.871  1.00 30.56  ? 170 TYR A CB  1 
ATOM   213  C CG  . TYR A 1 34 ? -14.946 1.487   -9.078  1.00 40.55  ? 170 TYR A CG  1 
ATOM   214  C CD1 . TYR A 1 34 ? -13.750 0.782   -9.217  1.00 44.95  ? 170 TYR A CD1 1 
ATOM   215  C CD2 . TYR A 1 34 ? -15.290 2.401   -10.075 1.00 42.83  ? 170 TYR A CD2 1 
ATOM   216  C CE1 . TYR A 1 34 ? -12.912 0.985   -10.317 1.00 48.10  ? 170 TYR A CE1 1 
ATOM   217  C CE2 . TYR A 1 34 ? -14.460 2.612   -11.180 1.00 46.91  ? 170 TYR A CE2 1 
ATOM   218  C CZ  . TYR A 1 34 ? -13.273 1.902   -11.293 1.00 48.19  ? 170 TYR A CZ  1 
ATOM   219  O OH  . TYR A 1 34 ? -12.442 2.120   -12.373 1.00 51.38  ? 170 TYR A OH  1 
ATOM   220  N N   . VAL A 1 35 ? -16.965 1.577   -5.027  1.00 24.19  ? 171 VAL A N   1 
ATOM   221  C CA  . VAL A 1 35 ? -18.025 1.319   -4.065  1.00 21.41  ? 171 VAL A CA  1 
ATOM   222  C C   . VAL A 1 35 ? -18.453 2.579   -3.325  1.00 23.94  ? 171 VAL A C   1 
ATOM   223  O O   . VAL A 1 35 ? -19.640 2.771   -3.073  1.00 25.27  ? 171 VAL A O   1 
ATOM   224  C CB  . VAL A 1 35 ? -17.614 0.243   -3.054  1.00 19.01  ? 171 VAL A CB  1 
ATOM   225  C CG1 . VAL A 1 35 ? -18.715 0.048   -2.011  1.00 17.70  ? 171 VAL A CG1 1 
ATOM   226  C CG2 . VAL A 1 35 ? -17.356 -1.062  -3.781  1.00 17.11  ? 171 VAL A CG2 1 
ATOM   227  N N   . LEU A 1 36 ? -17.500 3.438   -2.978  1.00 22.88  ? 172 LEU A N   1 
ATOM   228  C CA  . LEU A 1 36 ? -17.845 4.670   -2.275  1.00 24.55  ? 172 LEU A CA  1 
ATOM   229  C C   . LEU A 1 36 ? -18.663 5.572   -3.179  1.00 25.63  ? 172 LEU A C   1 
ATOM   230  O O   . LEU A 1 36 ? -19.601 6.227   -2.737  1.00 26.47  ? 172 LEU A O   1 
ATOM   231  C CB  . LEU A 1 36 ? -16.588 5.392   -1.809  1.00 21.39  ? 172 LEU A CB  1 
ATOM   232  C CG  . LEU A 1 36 ? -15.830 4.617   -0.737  1.00 18.92  ? 172 LEU A CG  1 
ATOM   233  C CD1 . LEU A 1 36 ? -14.613 5.408   -0.284  1.00 13.51  ? 172 LEU A CD1 1 
ATOM   234  C CD2 . LEU A 1 36 ? -16.770 4.343   0.423   1.00 16.62  ? 172 LEU A CD2 1 
ATOM   235  N N   . THR A 1 37 ? -18.305 5.601   -4.453  1.00 29.52  ? 173 THR A N   1 
ATOM   236  C CA  . THR A 1 37 ? -19.039 6.401   -5.415  1.00 31.20  ? 173 THR A CA  1 
ATOM   237  C C   . THR A 1 37 ? -20.466 5.866   -5.419  1.00 33.52  ? 173 THR A C   1 
ATOM   238  O O   . THR A 1 37 ? -21.427 6.594   -5.162  1.00 36.02  ? 173 THR A O   1 
ATOM   239  C CB  . THR A 1 37 ? -18.443 6.252   -6.832  1.00 32.21  ? 173 THR A CB  1 
ATOM   240  O OG1 . THR A 1 37 ? -17.117 6.797   -6.854  1.00 34.95  ? 173 THR A OG1 1 
ATOM   241  C CG2 . THR A 1 37 ? -19.305 6.969   -7.861  1.00 31.28  ? 173 THR A CG2 1 
ATOM   242  N N   . ALA A 1 38 ? -20.581 4.570   -5.684  1.00 32.41  ? 174 ALA A N   1 
ATOM   243  C CA  . ALA A 1 38 ? -21.863 3.890   -5.746  1.00 33.09  ? 174 ALA A CA  1 
ATOM   244  C C   . ALA A 1 38 ? -22.806 4.243   -4.607  1.00 34.84  ? 174 ALA A C   1 
ATOM   245  O O   . ALA A 1 38 ? -23.963 4.594   -4.845  1.00 34.41  ? 174 ALA A O   1 
ATOM   246  C CB  . ALA A 1 38 ? -21.644 2.388   -5.778  1.00 34.50  ? 174 ALA A CB  1 
ATOM   247  N N   . LEU A 1 39 ? -22.312 4.141   -3.377  1.00 34.02  ? 175 LEU A N   1 
ATOM   248  C CA  . LEU A 1 39 ? -23.122 4.422   -2.199  1.00 36.34  ? 175 LEU A CA  1 
ATOM   249  C C   . LEU A 1 39 ? -23.693 5.830   -2.188  1.00 37.73  ? 175 LEU A C   1 
ATOM   250  O O   . LEU A 1 39 ? -23.675 6.501   -1.163  1.00 35.69  ? 175 LEU A O   1 
ATOM   251  C CB  . LEU A 1 39 ? -22.300 4.182   -0.929  1.00 36.22  ? 175 LEU A CB  1 
ATOM   252  C CG  . LEU A 1 39 ? -21.938 2.721   -0.651  1.00 35.92  ? 175 LEU A CG  1 
ATOM   253  C CD1 . LEU A 1 39 ? -21.062 2.634   0.593   1.00 36.80  ? 175 LEU A CD1 1 
ATOM   254  C CD2 . LEU A 1 39 ? -23.219 1.895   -0.474  1.00 32.85  ? 175 LEU A CD2 1 
ATOM   255  N N   . GLN A 1 40 ? -24.213 6.256   -3.334  1.00 42.41  ? 176 GLN A N   1 
ATOM   256  C CA  . GLN A 1 40 ? -24.799 7.579   -3.503  1.00 44.07  ? 176 GLN A CA  1 
ATOM   257  C C   . GLN A 1 40 ? -25.668 7.597   -4.755  1.00 44.37  ? 176 GLN A C   1 
ATOM   258  O O   . GLN A 1 40 ? -26.589 6.793   -4.890  1.00 44.68  ? 176 GLN A O   1 
ATOM   259  C CB  . GLN A 1 40 ? -23.693 8.624   -3.632  1.00 46.52  ? 176 GLN A CB  1 
ATOM   260  C CG  . GLN A 1 40 ? -22.835 8.771   -2.390  1.00 48.65  ? 176 GLN A CG  1 
ATOM   261  C CD  . GLN A 1 40 ? -21.634 9.650   -2.622  1.00 51.27  ? 176 GLN A CD  1 
ATOM   262  O OE1 . GLN A 1 40 ? -20.754 9.315   -3.412  1.00 53.75  ? 176 GLN A OE1 1 
ATOM   263  N NE2 . GLN A 1 40 ? -21.594 10.788  -1.942  1.00 53.63  ? 176 GLN A NE2 1 
ATOM   264  N N   . ASP A 1 53 ? -24.022 -5.457  -7.578  1.00 40.17  ? 455 ASP A N   1 
ATOM   265  C CA  . ASP A 1 53 ? -22.713 -5.052  -8.073  1.00 39.20  ? 455 ASP A CA  1 
ATOM   266  C C   . ASP A 1 53 ? -21.745 -4.690  -6.941  1.00 36.22  ? 455 ASP A C   1 
ATOM   267  O O   . ASP A 1 53 ? -20.558 -4.999  -7.030  1.00 35.54  ? 455 ASP A O   1 
ATOM   268  C CB  . ASP A 1 53 ? -22.856 -3.872  -9.043  1.00 41.23  ? 455 ASP A CB  1 
ATOM   269  C CG  . ASP A 1 53 ? -23.377 -2.613  -8.366  1.00 46.97  ? 455 ASP A CG  1 
ATOM   270  O OD1 . ASP A 1 53 ? -24.411 -2.687  -7.665  1.00 51.00  ? 455 ASP A OD1 1 
ATOM   271  O OD2 . ASP A 1 53 ? -22.755 -1.542  -8.542  1.00 47.01  ? 455 ASP A OD2 1 
ATOM   272  N N   . ILE A 1 54 ? -22.240 -4.046  -5.882  1.00 32.25  ? 456 ILE A N   1 
ATOM   273  C CA  . ILE A 1 54 ? -21.380 -3.669  -4.755  1.00 28.86  ? 456 ILE A CA  1 
ATOM   274  C C   . ILE A 1 54 ? -20.834 -4.891  -4.041  1.00 26.81  ? 456 ILE A C   1 
ATOM   275  O O   . ILE A 1 54 ? -19.693 -4.897  -3.584  1.00 28.82  ? 456 ILE A O   1 
ATOM   276  C CB  . ILE A 1 54 ? -22.124 -2.811  -3.707  1.00 28.27  ? 456 ILE A CB  1 
ATOM   277  C CG1 . ILE A 1 54 ? -22.275 -1.375  -4.206  1.00 30.04  ? 456 ILE A CG1 1 
ATOM   278  C CG2 . ILE A 1 54 ? -21.358 -2.819  -2.394  1.00 22.96  ? 456 ILE A CG2 1 
ATOM   279  C CD1 . ILE A 1 54 ? -23.159 -0.518  -3.323  1.00 28.59  ? 456 ILE A CD1 1 
ATOM   280  N N   . SER A 1 55 ? -21.663 -5.921  -3.931  1.00 25.05  ? 457 SER A N   1 
ATOM   281  C CA  . SER A 1 55 ? -21.255 -7.154  -3.280  1.00 27.29  ? 457 SER A CA  1 
ATOM   282  C C   . SER A 1 55 ? -20.215 -7.905  -4.105  1.00 26.19  ? 457 SER A C   1 
ATOM   283  O O   . SER A 1 55 ? -19.370 -8.607  -3.551  1.00 28.19  ? 457 SER A O   1 
ATOM   284  C CB  . SER A 1 55 ? -22.469 -8.044  -3.032  1.00 26.48  ? 457 SER A CB  1 
ATOM   285  O OG  . SER A 1 55 ? -23.310 -7.448  -2.059  1.00 34.50  ? 457 SER A OG  1 
ATOM   286  N N   . SER A 1 56 ? -20.271 -7.765  -5.427  1.00 23.93  ? 458 SER A N   1 
ATOM   287  C CA  . SER A 1 56 ? -19.292 -8.440  -6.270  1.00 21.91  ? 458 SER A CA  1 
ATOM   288  C C   . SER A 1 56 ? -18.008 -7.605  -6.290  1.00 21.33  ? 458 SER A C   1 
ATOM   289  O O   . SER A 1 56 ? -16.926 -8.108  -6.600  1.00 21.89  ? 458 SER A O   1 
ATOM   290  C CB  . SER A 1 56 ? -19.849 -8.664  -7.692  1.00 20.26  ? 458 SER A CB  1 
ATOM   291  O OG  . SER A 1 56 ? -19.995 -7.467  -8.424  1.00 19.90  ? 458 SER A OG  1 
ATOM   292  N N   . GLN A 1 57 ? -18.132 -6.326  -5.946  1.00 21.16  ? 459 GLN A N   1 
ATOM   293  C CA  . GLN A 1 57 ? -16.967 -5.450  -5.894  1.00 18.59  ? 459 GLN A CA  1 
ATOM   294  C C   . GLN A 1 57 ? -16.261 -5.760  -4.587  1.00 20.35  ? 459 GLN A C   1 
ATOM   295  O O   . GLN A 1 57 ? -15.040 -5.776  -4.527  1.00 20.62  ? 459 GLN A O   1 
ATOM   296  C CB  . GLN A 1 57 ? -17.382 -3.980  -5.934  1.00 21.94  ? 459 GLN A CB  1 
ATOM   297  C CG  . GLN A 1 57 ? -18.107 -3.566  -7.211  1.00 24.95  ? 459 GLN A CG  1 
ATOM   298  C CD  . GLN A 1 57 ? -17.423 -4.096  -8.454  1.00 28.76  ? 459 GLN A CD  1 
ATOM   299  O OE1 . GLN A 1 57 ? -16.288 -3.736  -8.753  1.00 23.91  ? 459 GLN A OE1 1 
ATOM   300  N NE2 . GLN A 1 57 ? -18.111 -4.975  -9.178  1.00 32.11  ? 459 GLN A NE2 1 
ATOM   301  N N   . ILE A 1 58 ? -17.050 -6.025  -3.546  1.00 20.36  ? 460 ILE A N   1 
ATOM   302  C CA  . ILE A 1 58 ? -16.511 -6.360  -2.238  1.00 19.09  ? 460 ILE A CA  1 
ATOM   303  C C   . ILE A 1 58 ? -15.774 -7.690  -2.305  1.00 19.55  ? 460 ILE A C   1 
ATOM   304  O O   . ILE A 1 58 ? -14.711 -7.839  -1.714  1.00 21.57  ? 460 ILE A O   1 
ATOM   305  C CB  . ILE A 1 58 ? -17.630 -6.460  -1.167  1.00 23.32  ? 460 ILE A CB  1 
ATOM   306  C CG1 . ILE A 1 58 ? -18.244 -5.081  -0.923  1.00 23.83  ? 460 ILE A CG1 1 
ATOM   307  C CG2 . ILE A 1 58 ? -17.057 -7.000  0.134   1.00 21.38  ? 460 ILE A CG2 1 
ATOM   308  C CD1 . ILE A 1 58 ? -19.334 -5.065  0.140   1.00 26.55  ? 460 ILE A CD1 1 
ATOM   309  N N   . SER A 1 59 ? -16.336 -8.665  -3.010  1.00 17.09  ? 461 SER A N   1 
ATOM   310  C CA  . SER A 1 59 ? -15.662 -9.950  -3.130  1.00 20.31  ? 461 SER A CA  1 
ATOM   311  C C   . SER A 1 59 ? -14.362 -9.753  -3.890  1.00 21.51  ? 461 SER A C   1 
ATOM   312  O O   . SER A 1 59 ? -13.354 -10.388 -3.585  1.00 23.52  ? 461 SER A O   1 
ATOM   313  C CB  . SER A 1 59 ? -16.525 -10.966 -3.881  1.00 21.52  ? 461 SER A CB  1 
ATOM   314  O OG  . SER A 1 59 ? -17.591 -11.430 -3.072  1.00 32.03  ? 461 SER A OG  1 
ATOM   315  N N   . SER A 1 60 ? -14.392 -8.870  -4.882  1.00 19.74  ? 462 SER A N   1 
ATOM   316  C CA  . SER A 1 60 ? -13.210 -8.598  -5.684  1.00 17.54  ? 462 SER A CA  1 
ATOM   317  C C   . SER A 1 60 ? -12.125 -7.998  -4.799  1.00 18.65  ? 462 SER A C   1 
ATOM   318  O O   . SER A 1 60 ? -10.972 -8.423  -4.862  1.00 18.87  ? 462 SER A O   1 
ATOM   319  C CB  . SER A 1 60 ? -13.542 -7.641  -6.832  1.00 17.91  ? 462 SER A CB  1 
ATOM   320  O OG  . SER A 1 60 ? -12.382 -7.365  -7.607  1.00 18.86  ? 462 SER A OG  1 
ATOM   321  N N   . MET A 1 61 ? -12.500 -7.018  -3.976  1.00 17.81  ? 463 MET A N   1 
ATOM   322  C CA  . MET A 1 61 ? -11.552 -6.379  -3.064  1.00 19.28  ? 463 MET A CA  1 
ATOM   323  C C   . MET A 1 61 ? -10.879 -7.465  -2.221  1.00 19.74  ? 463 MET A C   1 
ATOM   324  O O   . MET A 1 61 ? -9.668  -7.435  -2.011  1.00 21.76  ? 463 MET A O   1 
ATOM   325  C CB  . MET A 1 61 ? -12.252 -5.383  -2.120  1.00 14.74  ? 463 MET A CB  1 
ATOM   326  C CG  . MET A 1 61 ? -13.046 -4.276  -2.791  1.00 17.91  ? 463 MET A CG  1 
ATOM   327  S SD  . MET A 1 61 ? -13.556 -2.944  -1.652  1.00 4.85   ? 463 MET A SD  1 
ATOM   328  C CE  . MET A 1 61 ? -14.758 -3.732  -0.718  1.00 22.96  ? 463 MET A CE  1 
ATOM   329  N N   . ASN A 1 62 ? -11.678 -8.417  -1.740  1.00 19.89  ? 464 ASN A N   1 
ATOM   330  C CA  . ASN A 1 62 ? -11.171 -9.515  -0.926  1.00 20.20  ? 464 ASN A CA  1 
ATOM   331  C C   . ASN A 1 62 ? -10.127 -10.314 -1.688  1.00 21.46  ? 464 ASN A C   1 
ATOM   332  O O   . ASN A 1 62 ? -9.090  -10.672 -1.134  1.00 20.59  ? 464 ASN A O   1 
ATOM   333  C CB  . ASN A 1 62 ? -12.312 -10.450 -0.491  1.00 18.65  ? 464 ASN A CB  1 
ATOM   334  C CG  . ASN A 1 62 ? -12.886 -10.078 0.866   1.00 21.93  ? 464 ASN A CG  1 
ATOM   335  O OD1 . ASN A 1 62 ? -12.147 -9.936  1.842   1.00 24.02  ? 464 ASN A OD1 1 
ATOM   336  N ND2 . ASN A 1 62 ? -14.208 -9.924  0.937   1.00 18.03  ? 464 ASN A ND2 1 
ATOM   337  N N   . GLN A 1 63 ? -10.397 -10.593 -2.958  1.00 22.45  ? 465 GLN A N   1 
ATOM   338  C CA  . GLN A 1 63 ? -9.450  -11.357 -3.768  1.00 20.88  ? 465 GLN A CA  1 
ATOM   339  C C   . GLN A 1 63 ? -8.108  -10.631 -3.881  1.00 19.57  ? 465 GLN A C   1 
ATOM   340  O O   . GLN A 1 63 ? -7.067  -11.172 -3.520  1.00 18.58  ? 465 GLN A O   1 
ATOM   341  C CB  . GLN A 1 63 ? -10.011 -11.603 -5.170  1.00 22.34  ? 465 GLN A CB  1 
ATOM   342  C CG  . GLN A 1 63 ? -9.053  -12.368 -6.091  1.00 27.97  ? 465 GLN A CG  1 
ATOM   343  C CD  . GLN A 1 63 ? -8.969  -13.859 -5.762  1.00 29.38  ? 465 GLN A CD  1 
ATOM   344  O OE1 . GLN A 1 63 ? -9.117  -14.265 -4.611  1.00 31.45  ? 465 GLN A OE1 1 
ATOM   345  N NE2 . GLN A 1 63 ? -8.720  -14.675 -6.777  1.00 31.94  ? 465 GLN A NE2 1 
ATOM   346  N N   . SER A 1 64 ? -8.134  -9.397  -4.375  1.00 18.58  ? 466 SER A N   1 
ATOM   347  C CA  . SER A 1 64 ? -6.898  -8.645  -4.538  1.00 18.24  ? 466 SER A CA  1 
ATOM   348  C C   . SER A 1 64 ? -6.206  -8.341  -3.212  1.00 16.41  ? 466 SER A C   1 
ATOM   349  O O   . SER A 1 64 ? -4.988  -8.185  -3.173  1.00 19.81  ? 466 SER A O   1 
ATOM   350  C CB  . SER A 1 64 ? -7.154  -7.343  -5.310  1.00 16.29  ? 466 SER A CB  1 
ATOM   351  O OG  . SER A 1 64 ? -7.969  -6.452  -4.577  1.00 21.37  ? 466 SER A OG  1 
ATOM   352  N N   . LEU A 1 65 ? -6.967  -8.256  -2.126  1.00 14.12  ? 467 LEU A N   1 
ATOM   353  C CA  . LEU A 1 65 ? -6.360  -7.980  -0.830  1.00 17.54  ? 467 LEU A CA  1 
ATOM   354  C C   . LEU A 1 65 ? -5.582  -9.196  -0.333  1.00 17.57  ? 467 LEU A C   1 
ATOM   355  O O   . LEU A 1 65 ? -4.479  -9.067  0.210   1.00 17.07  ? 467 LEU A O   1 
ATOM   356  C CB  . LEU A 1 65 ? -7.426  -7.601  0.207   1.00 18.02  ? 467 LEU A CB  1 
ATOM   357  C CG  . LEU A 1 65 ? -6.917  -7.417  1.644   1.00 21.61  ? 467 LEU A CG  1 
ATOM   358  C CD1 . LEU A 1 65 ? -5.775  -6.428  1.653   1.00 20.17  ? 467 LEU A CD1 1 
ATOM   359  C CD2 . LEU A 1 65 ? -8.034  -6.924  2.549   1.00 20.64  ? 467 LEU A CD2 1 
ATOM   360  N N   . GLN A 1 66 ? -6.157  -10.380 -0.520  1.00 13.75  ? 468 GLN A N   1 
ATOM   361  C CA  . GLN A 1 66 ? -5.500  -11.591 -0.073  1.00 14.29  ? 468 GLN A CA  1 
ATOM   362  C C   . GLN A 1 66 ? -4.219  -11.773 -0.892  1.00 14.24  ? 468 GLN A C   1 
ATOM   363  O O   . GLN A 1 66 ? -3.186  -12.199 -0.374  1.00 15.59  ? 468 GLN A O   1 
ATOM   364  C CB  . GLN A 1 66 ? -6.440  -12.794 -0.230  1.00 14.76  ? 468 GLN A CB  1 
ATOM   365  C CG  . GLN A 1 66 ? -5.891  -14.092 0.383   1.00 15.24  ? 468 GLN A CG  1 
ATOM   366  C CD  . GLN A 1 66 ? -5.526  -13.941 1.850   1.00 17.28  ? 468 GLN A CD  1 
ATOM   367  O OE1 . GLN A 1 66 ? -6.387  -13.690 2.694   1.00 21.87  ? 468 GLN A OE1 1 
ATOM   368  N NE2 . GLN A 1 66 ? -4.244  -14.092 2.158   1.00 17.44  ? 468 GLN A NE2 1 
ATOM   369  N N   . GLN A 1 67 ? -4.277  -11.434 -2.171  1.00 14.93  ? 469 GLN A N   1 
ATOM   370  C CA  . GLN A 1 67 ? -3.091  -11.547 -3.008  1.00 16.00  ? 469 GLN A CA  1 
ATOM   371  C C   . GLN A 1 67 ? -2.008  -10.594 -2.515  1.00 14.21  ? 469 GLN A C   1 
ATOM   372  O O   . GLN A 1 67 ? -0.835  -10.964 -2.443  1.00 13.78  ? 469 GLN A O   1 
ATOM   373  C CB  . GLN A 1 67 ? -3.433  -11.244 -4.463  1.00 18.27  ? 469 GLN A CB  1 
ATOM   374  C CG  . GLN A 1 67 ? -4.301  -12.302 -5.105  1.00 20.48  ? 469 GLN A CG  1 
ATOM   375  C CD  . GLN A 1 67 ? -4.623  -11.968 -6.534  1.00 28.49  ? 469 GLN A CD  1 
ATOM   376  O OE1 . GLN A 1 67 ? -3.750  -12.000 -7.402  1.00 40.39  ? 469 GLN A OE1 1 
ATOM   377  N NE2 . GLN A 1 67 ? -5.872  -11.630 -6.790  1.00 29.42  ? 469 GLN A NE2 1 
ATOM   378  N N   . SER A 1 68 ? -2.390  -9.363  -2.179  1.00 13.87  ? 470 SER A N   1 
ATOM   379  C CA  . SER A 1 68 ? -1.408  -8.409  -1.663  1.00 12.86  ? 470 SER A CA  1 
ATOM   380  C C   . SER A 1 68 ? -0.727  -9.037  -0.445  1.00 15.06  ? 470 SER A C   1 
ATOM   381  O O   . SER A 1 68 ? 0.501   -9.041  -0.337  1.00 15.07  ? 470 SER A O   1 
ATOM   382  C CB  . SER A 1 68 ? -2.083  -7.106  -1.240  1.00 12.15  ? 470 SER A CB  1 
ATOM   383  O OG  . SER A 1 68 ? -1.119  -6.156  -0.804  1.00 14.17  ? 470 SER A OG  1 
ATOM   384  N N   . LYS A 1 69 ? -1.536  -9.579  0.463   1.00 16.10  ? 471 LYS A N   1 
ATOM   385  C CA  . LYS A 1 69 ? -1.000  -10.208 1.661   1.00 18.22  ? 471 LYS A CA  1 
ATOM   386  C C   . LYS A 1 69 ? -0.086  -11.369 1.291   1.00 18.41  ? 471 LYS A C   1 
ATOM   387  O O   . LYS A 1 69 ? 0.985   -11.530 1.880   1.00 19.49  ? 471 LYS A O   1 
ATOM   388  C CB  . LYS A 1 69 ? -2.142  -10.669 2.576   1.00 18.21  ? 471 LYS A CB  1 
ATOM   389  C CG  . LYS A 1 69 ? -2.842  -9.499  3.228   1.00 21.92  ? 471 LYS A CG  1 
ATOM   390  C CD  . LYS A 1 69 ? -4.165  -9.878  3.845   1.00 27.08  ? 471 LYS A CD  1 
ATOM   391  C CE  . LYS A 1 69 ? -3.991  -10.743 5.073   1.00 34.92  ? 471 LYS A CE  1 
ATOM   392  N NZ  . LYS A 1 69 ? -5.292  -10.888 5.791   1.00 37.38  ? 471 LYS A NZ  1 
ATOM   393  N N   . ASP A 1 70 ? -0.494  -12.164 0.304   1.00 18.55  ? 472 ASP A N   1 
ATOM   394  C CA  . ASP A 1 70 ? 0.331   -13.286 -0.135  1.00 21.12  ? 472 ASP A CA  1 
ATOM   395  C C   . ASP A 1 70 ? 1.678   -12.791 -0.664  1.00 21.74  ? 472 ASP A C   1 
ATOM   396  O O   . ASP A 1 70 ? 2.724   -13.384 -0.391  1.00 23.23  ? 472 ASP A O   1 
ATOM   397  C CB  . ASP A 1 70 ? -0.375  -14.100 -1.226  1.00 19.72  ? 472 ASP A CB  1 
ATOM   398  C CG  . ASP A 1 70 ? -1.517  -14.951 -0.680  1.00 22.60  ? 472 ASP A CG  1 
ATOM   399  O OD1 . ASP A 1 70 ? -1.607  -15.122 0.556   1.00 22.15  ? 472 ASP A OD1 1 
ATOM   400  O OD2 . ASP A 1 70 ? -2.318  -15.461 -1.490  1.00 16.70  ? 472 ASP A OD2 1 
ATOM   401  N N   . TYR A 1 71 ? 1.652   -11.701 -1.421  1.00 20.96  ? 473 TYR A N   1 
ATOM   402  C CA  . TYR A 1 71 ? 2.876   -11.150 -1.980  1.00 17.90  ? 473 TYR A CA  1 
ATOM   403  C C   . TYR A 1 71 ? 3.793   -10.578 -0.903  1.00 16.64  ? 473 TYR A C   1 
ATOM   404  O O   . TYR A 1 71 ? 5.003   -10.764 -0.958  1.00 17.49  ? 473 TYR A O   1 
ATOM   405  C CB  . TYR A 1 71 ? 2.556   -10.056 -3.016  1.00 20.93  ? 473 TYR A CB  1 
ATOM   406  C CG  . TYR A 1 71 ? 2.221   -10.561 -4.414  1.00 18.86  ? 473 TYR A CG  1 
ATOM   407  C CD1 . TYR A 1 71 ? 1.041   -10.175 -5.055  1.00 18.86  ? 473 TYR A CD1 1 
ATOM   408  C CD2 . TYR A 1 71 ? 3.099   -11.399 -5.108  1.00 22.38  ? 473 TYR A CD2 1 
ATOM   409  C CE1 . TYR A 1 71 ? 0.740   -10.607 -6.359  1.00 17.22  ? 473 TYR A CE1 1 
ATOM   410  C CE2 . TYR A 1 71 ? 2.811   -11.840 -6.415  1.00 17.06  ? 473 TYR A CE2 1 
ATOM   411  C CZ  . TYR A 1 71 ? 1.631   -11.438 -7.029  1.00 18.80  ? 473 TYR A CZ  1 
ATOM   412  O OH  . TYR A 1 71 ? 1.354   -11.855 -8.309  1.00 19.93  ? 473 TYR A OH  1 
ATOM   413  N N   . ILE A 1 72 ? 3.234   -9.893  0.086   1.00 18.34  ? 474 ILE A N   1 
ATOM   414  C CA  . ILE A 1 72 ? 4.097   -9.308  1.100   1.00 18.91  ? 474 ILE A CA  1 
ATOM   415  C C   . ILE A 1 72 ? 4.783   -10.369 1.948   1.00 22.04  ? 474 ILE A C   1 
ATOM   416  O O   . ILE A 1 72 ? 5.968   -10.245 2.265   1.00 22.52  ? 474 ILE A O   1 
ATOM   417  C CB  . ILE A 1 72 ? 3.344   -8.289  2.003   1.00 17.19  ? 474 ILE A CB  1 
ATOM   418  C CG1 . ILE A 1 72 ? 4.358   -7.327  2.618   1.00 14.66  ? 474 ILE A CG1 1 
ATOM   419  C CG2 . ILE A 1 72 ? 2.568   -8.995  3.092   1.00 18.63  ? 474 ILE A CG2 1 
ATOM   420  C CD1 . ILE A 1 72 ? 5.206   -6.620  1.598   1.00 13.75  ? 474 ILE A CD1 1 
ATOM   421  N N   . LYS A 1 73 ? 4.058   -11.426 2.293   1.00 20.72  ? 475 LYS A N   1 
ATOM   422  C CA  . LYS A 1 73 ? 4.655   -12.492 3.080   1.00 24.95  ? 475 LYS A CA  1 
ATOM   423  C C   . LYS A 1 73 ? 5.838   -13.089 2.322   1.00 23.10  ? 475 LYS A C   1 
ATOM   424  O O   . LYS A 1 73 ? 6.865   -13.407 2.916   1.00 20.83  ? 475 LYS A O   1 
ATOM   425  C CB  . LYS A 1 73 ? 3.615   -13.575 3.397   1.00 29.46  ? 475 LYS A CB  1 
ATOM   426  C CG  . LYS A 1 73 ? 2.598   -13.148 4.456   1.00 38.06  ? 475 LYS A CG  1 
ATOM   427  C CD  . LYS A 1 73 ? 3.289   -12.772 5.772   1.00 37.07  ? 475 LYS A CD  1 
ATOM   428  C CE  . LYS A 1 73 ? 2.314   -12.189 6.777   1.00 37.72  ? 475 LYS A CE  1 
ATOM   429  N NZ  . LYS A 1 73 ? 1.256   -13.162 7.163   1.00 42.47  ? 475 LYS A NZ  1 
ATOM   430  N N   . GLU A 1 74 ? 5.695   -13.229 1.007   1.00 21.87  ? 476 GLU A N   1 
ATOM   431  C CA  . GLU A 1 74 ? 6.773   -13.774 0.187   1.00 21.72  ? 476 GLU A CA  1 
ATOM   432  C C   . GLU A 1 74 ? 7.959   -12.817 0.223   1.00 20.45  ? 476 GLU A C   1 
ATOM   433  O O   . GLU A 1 74 ? 9.108   -13.245 0.379   1.00 20.28  ? 476 GLU A O   1 
ATOM   434  C CB  . GLU A 1 74 ? 6.306   -13.969 -1.259  1.00 24.84  ? 476 GLU A CB  1 
ATOM   435  C CG  . GLU A 1 74 ? 7.349   -14.586 -2.202  1.00 25.67  ? 476 GLU A CG  1 
ATOM   436  C CD  . GLU A 1 74 ? 7.743   -16.015 -1.815  1.00 30.55  ? 476 GLU A CD  1 
ATOM   437  O OE1 . GLU A 1 74 ? 7.048   -16.627 -0.974  1.00 30.28  ? 476 GLU A OE1 1 
ATOM   438  O OE2 . GLU A 1 74 ? 8.743   -16.528 -2.363  1.00 22.90  ? 476 GLU A OE2 1 
ATOM   439  N N   . ALA A 1 75 ? 7.684   -11.523 0.082   1.00 17.20  ? 477 ALA A N   1 
ATOM   440  C CA  . ALA A 1 75 ? 8.747   -10.517 0.108   1.00 16.05  ? 477 ALA A CA  1 
ATOM   441  C C   . ALA A 1 75 ? 9.530   -10.599 1.414   1.00 15.62  ? 477 ALA A C   1 
ATOM   442  O O   . ALA A 1 75 ? 10.756  -10.535 1.413   1.00 13.18  ? 477 ALA A O   1 
ATOM   443  C CB  . ALA A 1 75 ? 8.159   -9.109  -0.046  1.00 13.24  ? 477 ALA A CB  1 
ATOM   444  N N   . GLN A 1 76 ? 8.808   -10.739 2.523   1.00 16.03  ? 478 GLN A N   1 
ATOM   445  C CA  . GLN A 1 76 ? 9.429   -10.815 3.836   1.00 20.31  ? 478 GLN A CA  1 
ATOM   446  C C   . GLN A 1 76 ? 10.227  -12.101 3.986   1.00 21.11  ? 478 GLN A C   1 
ATOM   447  O O   . GLN A 1 76 ? 11.304  -12.108 4.569   1.00 22.28  ? 478 GLN A O   1 
ATOM   448  C CB  . GLN A 1 76 ? 8.363   -10.764 4.933   1.00 20.98  ? 478 GLN A CB  1 
ATOM   449  C CG  . GLN A 1 76 ? 7.479   -9.529  4.913   1.00 22.38  ? 478 GLN A CG  1 
ATOM   450  C CD  . GLN A 1 76 ? 6.389   -9.585  5.976   1.00 27.08  ? 478 GLN A CD  1 
ATOM   451  O OE1 . GLN A 1 76 ? 5.622   -10.547 6.042   1.00 30.63  ? 478 GLN A OE1 1 
ATOM   452  N NE2 . GLN A 1 76 ? 6.313   -8.548  6.811   1.00 30.84  ? 478 GLN A NE2 1 
ATOM   453  N N   . LYS A 1 77 ? 9.685   -13.188 3.457   1.00 22.37  ? 479 LYS A N   1 
ATOM   454  C CA  . LYS A 1 77 ? 10.335  -14.485 3.538   1.00 24.37  ? 479 LYS A CA  1 
ATOM   455  C C   . LYS A 1 77 ? 11.699  -14.401 2.856   1.00 25.86  ? 479 LYS A C   1 
ATOM   456  O O   . LYS A 1 77 ? 12.714  -14.830 3.412   1.00 25.31  ? 479 LYS A O   1 
ATOM   457  C CB  . LYS A 1 77 ? 9.445   -15.540 2.865   1.00 28.89  ? 479 LYS A CB  1 
ATOM   458  C CG  . LYS A 1 77 ? 9.851   -16.999 3.093   1.00 29.06  ? 479 LYS A CG  1 
ATOM   459  C CD  . LYS A 1 77 ? 8.757   -17.970 2.644   1.00 24.80  ? 479 LYS A CD  1 
ATOM   460  C CE  . LYS A 1 77 ? 8.592   -18.003 1.127   1.00 27.89  ? 479 LYS A CE  1 
ATOM   461  N NZ  . LYS A 1 77 ? 9.773   -18.572 0.407   1.00 26.80  ? 479 LYS A NZ  1 
ATOM   462  N N   . ILE A 1 78 ? 11.714  -13.821 1.660   1.00 25.92  ? 480 ILE A N   1 
ATOM   463  C CA  . ILE A 1 78 ? 12.934  -13.666 0.871   1.00 27.28  ? 480 ILE A CA  1 
ATOM   464  C C   . ILE A 1 78 ? 13.952  -12.724 1.514   1.00 27.44  ? 480 ILE A C   1 
ATOM   465  O O   . ILE A 1 78 ? 15.128  -13.061 1.647   1.00 26.06  ? 480 ILE A O   1 
ATOM   466  C CB  . ILE A 1 78 ? 12.614  -13.114 -0.537  1.00 28.81  ? 480 ILE A CB  1 
ATOM   467  C CG1 . ILE A 1 78 ? 11.864  -14.162 -1.362  1.00 31.99  ? 480 ILE A CG1 1 
ATOM   468  C CG2 . ILE A 1 78 ? 13.896  -12.694 -1.231  1.00 31.98  ? 480 ILE A CG2 1 
ATOM   469  C CD1 . ILE A 1 78 ? 11.472  -13.680 -2.767  1.00 32.66  ? 480 ILE A CD1 1 
ATOM   470  N N   . LEU A 1 79 ? 13.492  -11.534 1.886   1.00 27.66  ? 481 LEU A N   1 
ATOM   471  C CA  . LEU A 1 79 ? 14.348  -10.531 2.498   1.00 28.20  ? 481 LEU A CA  1 
ATOM   472  C C   . LEU A 1 79 ? 15.143  -11.126 3.657   1.00 30.50  ? 481 LEU A C   1 
ATOM   473  O O   . LEU A 1 79 ? 16.314  -10.798 3.851   1.00 30.17  ? 481 LEU A O   1 
ATOM   474  C CB  . LEU A 1 79 ? 13.501  -9.352  2.989   1.00 25.74  ? 481 LEU A CB  1 
ATOM   475  C CG  . LEU A 1 79 ? 14.260  -8.120  3.488   1.00 25.14  ? 481 LEU A CG  1 
ATOM   476  C CD1 . LEU A 1 79 ? 15.162  -7.626  2.374   1.00 24.00  ? 481 LEU A CD1 1 
ATOM   477  C CD2 . LEU A 1 79 ? 13.294  -7.020  3.930   1.00 19.24  ? 481 LEU A CD2 1 
ATOM   478  N N   . ASP A 1 80 ? 14.502  -12.005 4.419   1.00 34.66  ? 482 ASP A N   1 
ATOM   479  C CA  . ASP A 1 80 ? 15.144  -12.653 5.560   1.00 39.83  ? 482 ASP A CA  1 
ATOM   480  C C   . ASP A 1 80 ? 16.363  -13.459 5.137   1.00 40.33  ? 482 ASP A C   1 
ATOM   481  O O   . ASP A 1 80 ? 17.263  -13.705 5.936   1.00 42.49  ? 482 ASP A O   1 
ATOM   482  C CB  . ASP A 1 80 ? 14.158  -13.589 6.262   1.00 43.49  ? 482 ASP A CB  1 
ATOM   483  C CG  . ASP A 1 80 ? 13.797  -13.121 7.652   1.00 47.58  ? 482 ASP A CG  1 
ATOM   484  O OD1 . ASP A 1 80 ? 14.711  -12.961 8.489   1.00 50.37  ? 482 ASP A OD1 1 
ATOM   485  O OD2 . ASP A 1 80 ? 12.594  -12.918 7.909   1.00 52.07  ? 482 ASP A OD2 1 
ATOM   486  N N   . THR A 1 81 ? 16.380  -13.876 3.879   1.00 39.26  ? 483 THR A N   1 
ATOM   487  C CA  . THR A 1 81 ? 17.483  -14.667 3.350   1.00 42.06  ? 483 THR A CA  1 
ATOM   488  C C   . THR A 1 81 ? 18.743  -13.838 3.096   1.00 40.72  ? 483 THR A C   1 
ATOM   489  O O   . THR A 1 81 ? 19.827  -14.392 2.929   1.00 41.07  ? 483 THR A O   1 
ATOM   490  C CB  . THR A 1 81 ? 17.065  -15.371 2.039   1.00 42.99  ? 483 THR A CB  1 
ATOM   491  O OG1 . THR A 1 81 ? 15.904  -16.172 2.285   1.00 48.07  ? 483 THR A OG1 1 
ATOM   492  C CG2 . THR A 1 81 ? 18.179  -16.272 1.531   1.00 48.49  ? 483 THR A CG2 1 
ATOM   493  N N   . VAL A 1 82 ? 18.600  -12.515 3.076   1.00 40.13  ? 484 VAL A N   1 
ATOM   494  C CA  . VAL A 1 82 ? 19.734  -11.626 2.836   1.00 38.92  ? 484 VAL A CA  1 
ATOM   495  C C   . VAL A 1 82 ? 20.716  -11.655 4.005   1.00 39.22  ? 484 VAL A C   1 
ATOM   496  O O   . VAL A 1 82 ? 20.323  -11.205 5.100   1.00 38.70  ? 484 VAL A O   1 
ATOM   497  C CB  . VAL A 1 82 ? 19.268  -10.168 2.617   1.00 39.12  ? 484 VAL A CB  1 
ATOM   498  C CG1 . VAL A 1 82 ? 20.438  -9.301  2.190   1.00 34.17  ? 484 VAL A CG1 1 
ATOM   499  C CG2 . VAL A 1 82 ? 18.172  -10.126 1.572   1.00 40.38  ? 484 VAL A CG2 1 
ATOM   500  N N   . ASN B 1 7  ? 24.834  -1.108  -9.120  1.00 30.16  ? 143 ASN B N   1 
ATOM   501  C CA  . ASN B 1 7  ? 23.528  -1.785  -8.871  1.00 34.72  ? 143 ASN B CA  1 
ATOM   502  C C   . ASN B 1 7  ? 22.858  -1.323  -7.575  1.00 33.26  ? 143 ASN B C   1 
ATOM   503  O O   . ASN B 1 7  ? 21.641  -1.136  -7.534  1.00 31.44  ? 143 ASN B O   1 
ATOM   504  C CB  . ASN B 1 7  ? 23.701  -3.310  -8.848  1.00 35.26  ? 143 ASN B CB  1 
ATOM   505  C CG  . ASN B 1 7  ? 23.672  -3.929  -10.242 1.00 38.35  ? 143 ASN B CG  1 
ATOM   506  O OD1 . ASN B 1 7  ? 22.886  -3.523  -11.101 1.00 39.03  ? 143 ASN B OD1 1 
ATOM   507  N ND2 . ASN B 1 7  ? 24.516  -4.930  -10.463 1.00 37.42  ? 143 ASN B ND2 1 
ATOM   508  N N   . ILE B 1 8  ? 23.648  -1.149  -6.521  1.00 30.20  ? 144 ILE B N   1 
ATOM   509  C CA  . ILE B 1 8  ? 23.116  -0.680  -5.248  1.00 31.07  ? 144 ILE B CA  1 
ATOM   510  C C   . ILE B 1 8  ? 22.475  0.695   -5.444  1.00 30.67  ? 144 ILE B C   1 
ATOM   511  O O   . ILE B 1 8  ? 21.433  0.992   -4.862  1.00 30.11  ? 144 ILE B O   1 
ATOM   512  C CB  . ILE B 1 8  ? 24.224  -0.584  -4.184  1.00 34.68  ? 144 ILE B CB  1 
ATOM   513  C CG1 . ILE B 1 8  ? 24.745  -1.985  -3.857  1.00 36.93  ? 144 ILE B CG1 1 
ATOM   514  C CG2 . ILE B 1 8  ? 23.692  0.096   -2.927  1.00 38.75  ? 144 ILE B CG2 1 
ATOM   515  C CD1 . ILE B 1 8  ? 25.878  -1.996  -2.867  1.00 39.00  ? 144 ILE B CD1 1 
ATOM   516  N N   . ASN B 1 9  ? 23.100  1.532   -6.266  1.00 30.09  ? 145 ASN B N   1 
ATOM   517  C CA  . ASN B 1 9  ? 22.551  2.854   -6.546  1.00 31.01  ? 145 ASN B CA  1 
ATOM   518  C C   . ASN B 1 9  ? 21.185  2.690   -7.209  1.00 29.71  ? 145 ASN B C   1 
ATOM   519  O O   . ASN B 1 9  ? 20.269  3.474   -6.984  1.00 28.43  ? 145 ASN B O   1 
ATOM   520  C CB  . ASN B 1 9  ? 23.484  3.637   -7.476  1.00 32.52  ? 145 ASN B CB  1 
ATOM   521  C CG  . ASN B 1 9  ? 24.709  4.192   -6.755  1.00 35.38  ? 145 ASN B CG  1 
ATOM   522  O OD1 . ASN B 1 9  ? 24.967  3.873   -5.593  1.00 34.17  ? 145 ASN B OD1 1 
ATOM   523  N ND2 . ASN B 1 9  ? 25.475  5.020   -7.455  1.00 35.29  ? 145 ASN B ND2 1 
ATOM   524  N N   . LYS B 1 10 ? 21.060  1.651   -8.022  1.00 31.01  ? 146 LYS B N   1 
ATOM   525  C CA  . LYS B 1 10 ? 19.820  1.367   -8.723  1.00 32.70  ? 146 LYS B CA  1 
ATOM   526  C C   . LYS B 1 10 ? 18.758  0.842   -7.764  1.00 32.34  ? 146 LYS B C   1 
ATOM   527  O O   . LYS B 1 10 ? 17.589  1.221   -7.856  1.00 32.66  ? 146 LYS B O   1 
ATOM   528  C CB  . LYS B 1 10 ? 20.071  0.339   -9.822  1.00 34.26  ? 146 LYS B CB  1 
ATOM   529  C CG  . LYS B 1 10 ? 21.073  0.771   -10.873 1.00 37.87  ? 146 LYS B CG  1 
ATOM   530  C CD  . LYS B 1 10 ? 21.269  -0.329  -11.905 1.00 42.27  ? 146 LYS B CD  1 
ATOM   531  C CE  . LYS B 1 10 ? 22.338  0.035   -12.924 1.00 45.46  ? 146 LYS B CE  1 
ATOM   532  N NZ  . LYS B 1 10 ? 22.017  1.282   -13.662 1.00 47.50  ? 146 LYS B NZ  1 
ATOM   533  N N   . LEU B 1 11 ? 19.159  -0.038  -6.850  1.00 29.90  ? 147 LEU B N   1 
ATOM   534  C CA  . LEU B 1 11 ? 18.212  -0.579  -5.884  1.00 29.77  ? 147 LEU B CA  1 
ATOM   535  C C   . LEU B 1 11 ? 17.637  0.548   -5.046  1.00 26.22  ? 147 LEU B C   1 
ATOM   536  O O   . LEU B 1 11 ? 16.442  0.572   -4.765  1.00 30.59  ? 147 LEU B O   1 
ATOM   537  C CB  . LEU B 1 11 ? 18.879  -1.600  -4.961  1.00 32.44  ? 147 LEU B CB  1 
ATOM   538  C CG  . LEU B 1 11 ? 19.100  -3.015  -5.503  1.00 35.44  ? 147 LEU B CG  1 
ATOM   539  C CD1 . LEU B 1 11 ? 19.498  -3.936  -4.357  1.00 36.75  ? 147 LEU B CD1 1 
ATOM   540  C CD2 . LEU B 1 11 ? 17.826  -3.529  -6.154  1.00 35.09  ? 147 LEU B CD2 1 
ATOM   541  N N   . LYS B 1 12 ? 18.489  1.482   -4.648  1.00 24.88  ? 148 LYS B N   1 
ATOM   542  C CA  . LYS B 1 12 ? 18.043  2.609   -3.841  1.00 23.12  ? 148 LYS B CA  1 
ATOM   543  C C   . LYS B 1 12 ? 17.055  3.434   -4.659  1.00 24.55  ? 148 LYS B C   1 
ATOM   544  O O   . LYS B 1 12 ? 16.034  3.896   -4.154  1.00 20.88  ? 148 LYS B O   1 
ATOM   545  C CB  . LYS B 1 12 ? 19.234  3.482   -3.435  1.00 21.02  ? 148 LYS B CB  1 
ATOM   546  C CG  . LYS B 1 12 ? 18.854  4.677   -2.568  1.00 22.35  ? 148 LYS B CG  1 
ATOM   547  C CD  . LYS B 1 12 ? 20.062  5.535   -2.246  1.00 23.81  ? 148 LYS B CD  1 
ATOM   548  C CE  . LYS B 1 12 ? 19.658  6.792   -1.493  1.00 26.16  ? 148 LYS B CE  1 
ATOM   549  N NZ  . LYS B 1 12 ? 20.823  7.672   -1.180  1.00 26.92  ? 148 LYS B NZ  1 
ATOM   550  N N   . SER B 1 13 ? 17.360  3.605   -5.937  1.00 23.61  ? 149 SER B N   1 
ATOM   551  C CA  . SER B 1 13 ? 16.494  4.371   -6.806  1.00 23.80  ? 149 SER B CA  1 
ATOM   552  C C   . SER B 1 13 ? 15.103  3.736   -6.919  1.00 21.61  ? 149 SER B C   1 
ATOM   553  O O   . SER B 1 13 ? 14.090  4.419   -6.769  1.00 23.18  ? 149 SER B O   1 
ATOM   554  C CB  . SER B 1 13 ? 17.133  4.501   -8.187  1.00 23.87  ? 149 SER B CB  1 
ATOM   555  O OG  . SER B 1 13 ? 16.477  5.494   -8.951  1.00 33.01  ? 149 SER B OG  1 
ATOM   556  N N   . SER B 1 14 ? 15.043  2.434   -7.170  1.00 18.13  ? 150 SER B N   1 
ATOM   557  C CA  . SER B 1 14 ? 13.748  1.773   -7.306  1.00 20.17  ? 150 SER B CA  1 
ATOM   558  C C   . SER B 1 14 ? 12.940  1.785   -6.011  1.00 18.44  ? 150 SER B C   1 
ATOM   559  O O   . SER B 1 14 ? 11.758  2.096   -6.022  1.00 17.67  ? 150 SER B O   1 
ATOM   560  C CB  . SER B 1 14 ? 13.929  0.332   -7.772  1.00 20.47  ? 150 SER B CB  1 
ATOM   561  O OG  . SER B 1 14 ? 14.700  -0.388  -6.831  1.00 34.96  ? 150 SER B OG  1 
ATOM   562  N N   . ILE B 1 15 ? 13.584  1.440   -4.903  1.00 18.61  ? 151 ILE B N   1 
ATOM   563  C CA  . ILE B 1 15 ? 12.922  1.403   -3.598  1.00 21.90  ? 151 ILE B CA  1 
ATOM   564  C C   . ILE B 1 15 ? 12.386  2.789   -3.258  1.00 21.19  ? 151 ILE B C   1 
ATOM   565  O O   . ILE B 1 15 ? 11.340  2.934   -2.627  1.00 19.77  ? 151 ILE B O   1 
ATOM   566  C CB  . ILE B 1 15 ? 13.916  0.933   -2.512  1.00 23.99  ? 151 ILE B CB  1 
ATOM   567  C CG1 . ILE B 1 15 ? 14.352  -0.496  -2.820  1.00 26.21  ? 151 ILE B CG1 1 
ATOM   568  C CG2 . ILE B 1 15 ? 13.294  1.046   -1.121  1.00 25.36  ? 151 ILE B CG2 1 
ATOM   569  C CD1 . ILE B 1 15 ? 15.564  -0.941  -2.046  1.00 31.72  ? 151 ILE B CD1 1 
ATOM   570  N N   . GLU B 1 16 ? 13.125  3.802   -3.688  1.00 21.15  ? 152 GLU B N   1 
ATOM   571  C CA  . GLU B 1 16 ? 12.747  5.190   -3.482  1.00 22.17  ? 152 GLU B CA  1 
ATOM   572  C C   . GLU B 1 16 ? 11.345  5.367   -4.066  1.00 20.48  ? 152 GLU B C   1 
ATOM   573  O O   . GLU B 1 16 ? 10.439  5.847   -3.393  1.00 17.97  ? 152 GLU B O   1 
ATOM   574  C CB  . GLU B 1 16 ? 13.726  6.085   -4.230  1.00 27.90  ? 152 GLU B CB  1 
ATOM   575  C CG  . GLU B 1 16 ? 14.150  7.341   -3.512  1.00 31.64  ? 152 GLU B CG  1 
ATOM   576  C CD  . GLU B 1 16 ? 15.401  7.931   -4.138  1.00 35.82  ? 152 GLU B CD  1 
ATOM   577  O OE1 . GLU B 1 16 ? 15.342  8.359   -5.312  1.00 36.20  ? 152 GLU B OE1 1 
ATOM   578  O OE2 . GLU B 1 16 ? 16.447  7.950   -3.457  1.00 38.98  ? 152 GLU B OE2 1 
ATOM   579  N N   . SER B 1 17 ? 11.178  4.964   -5.323  1.00 20.46  ? 153 SER B N   1 
ATOM   580  C CA  . SER B 1 17 ? 9.883   5.065   -5.998  1.00 21.99  ? 153 SER B CA  1 
ATOM   581  C C   . SER B 1 17 ? 8.845   4.214   -5.283  1.00 20.93  ? 153 SER B C   1 
ATOM   582  O O   . SER B 1 17 ? 7.699   4.633   -5.120  1.00 21.37  ? 153 SER B O   1 
ATOM   583  C CB  . SER B 1 17 ? 9.996   4.622   -7.456  1.00 22.52  ? 153 SER B CB  1 
ATOM   584  O OG  . SER B 1 17 ? 10.704  5.584   -8.212  1.00 25.04  ? 153 SER B OG  1 
ATOM   585  N N   . THR B 1 18 ? 9.242   3.017   -4.864  1.00 19.18  ? 154 THR B N   1 
ATOM   586  C CA  . THR B 1 18 ? 8.329   2.147   -4.137  1.00 19.26  ? 154 THR B CA  1 
ATOM   587  C C   . THR B 1 18 ? 7.792   2.889   -2.899  1.00 20.15  ? 154 THR B C   1 
ATOM   588  O O   . THR B 1 18 ? 6.589   2.883   -2.640  1.00 19.72  ? 154 THR B O   1 
ATOM   589  C CB  . THR B 1 18 ? 9.029   0.839   -3.685  1.00 19.74  ? 154 THR B CB  1 
ATOM   590  O OG1 . THR B 1 18 ? 9.392   0.063   -4.836  1.00 20.86  ? 154 THR B OG1 1 
ATOM   591  C CG2 . THR B 1 18 ? 8.103   0.019   -2.805  1.00 16.53  ? 154 THR B CG2 1 
ATOM   592  N N   . ASN B 1 19 ? 8.676   3.541   -2.145  1.00 17.70  ? 155 ASN B N   1 
ATOM   593  C CA  . ASN B 1 19 ? 8.233   4.262   -0.954  1.00 20.38  ? 155 ASN B CA  1 
ATOM   594  C C   . ASN B 1 19 ? 7.267   5.390   -1.295  1.00 19.84  ? 155 ASN B C   1 
ATOM   595  O O   . ASN B 1 19 ? 6.319   5.652   -0.554  1.00 19.94  ? 155 ASN B O   1 
ATOM   596  C CB  . ASN B 1 19 ? 9.426   4.802   -0.160  1.00 17.35  ? 155 ASN B CB  1 
ATOM   597  C CG  . ASN B 1 19 ? 10.210  3.695   0.532   1.00 21.98  ? 155 ASN B CG  1 
ATOM   598  O OD1 . ASN B 1 19 ? 9.691   2.595   0.745   1.00 18.66  ? 155 ASN B OD1 1 
ATOM   599  N ND2 . ASN B 1 19 ? 11.458  3.984   0.897   1.00 15.90  ? 155 ASN B ND2 1 
ATOM   600  N N   . GLU B 1 20 ? 7.506   6.065   -2.410  1.00 20.39  ? 156 GLU B N   1 
ATOM   601  C CA  . GLU B 1 20 ? 6.609   7.138   -2.819  1.00 19.93  ? 156 GLU B CA  1 
ATOM   602  C C   . GLU B 1 20 ? 5.226   6.543   -3.042  1.00 17.79  ? 156 GLU B C   1 
ATOM   603  O O   . GLU B 1 20 ? 4.232   7.061   -2.540  1.00 16.40  ? 156 GLU B O   1 
ATOM   604  C CB  . GLU B 1 20 ? 7.103   7.793   -4.105  1.00 22.59  ? 156 GLU B CB  1 
ATOM   605  C CG  . GLU B 1 20 ? 8.306   8.690   -3.908  1.00 25.35  ? 156 GLU B CG  1 
ATOM   606  C CD  . GLU B 1 20 ? 7.971   9.937   -3.116  1.00 31.00  ? 156 GLU B CD  1 
ATOM   607  O OE1 . GLU B 1 20 ? 7.450   9.816   -1.988  1.00 37.40  ? 156 GLU B OE1 1 
ATOM   608  O OE2 . GLU B 1 20 ? 8.231   11.045  -3.624  1.00 31.59  ? 156 GLU B OE2 1 
ATOM   609  N N   . ALA B 1 21 ? 5.172   5.438   -3.778  1.00 16.44  ? 157 ALA B N   1 
ATOM   610  C CA  . ALA B 1 21 ? 3.898   4.785   -4.060  1.00 15.12  ? 157 ALA B CA  1 
ATOM   611  C C   . ALA B 1 21 ? 3.126   4.448   -2.779  1.00 16.10  ? 157 ALA B C   1 
ATOM   612  O O   . ALA B 1 21 ? 1.905   4.609   -2.716  1.00 19.34  ? 157 ALA B O   1 
ATOM   613  C CB  . ALA B 1 21 ? 4.135   3.532   -4.870  1.00 13.53  ? 157 ALA B CB  1 
ATOM   614  N N   . VAL B 1 22 ? 3.844   3.982   -1.760  1.00 15.28  ? 158 VAL B N   1 
ATOM   615  C CA  . VAL B 1 22 ? 3.225   3.618   -0.490  1.00 13.80  ? 158 VAL B CA  1 
ATOM   616  C C   . VAL B 1 22 ? 2.645   4.849   0.184   1.00 12.49  ? 158 VAL B C   1 
ATOM   617  O O   . VAL B 1 22 ? 1.550   4.795   0.754   1.00 10.42  ? 158 VAL B O   1 
ATOM   618  C CB  . VAL B 1 22 ? 4.250   2.952   0.446   1.00 13.47  ? 158 VAL B CB  1 
ATOM   619  C CG1 . VAL B 1 22 ? 3.666   2.757   1.832   1.00 8.17   ? 158 VAL B CG1 1 
ATOM   620  C CG2 . VAL B 1 22 ? 4.663   1.640   -0.136  1.00 7.83   ? 158 VAL B CG2 1 
ATOM   621  N N   . VAL B 1 23 ? 3.394   5.953   0.119   1.00 13.55  ? 159 VAL B N   1 
ATOM   622  C CA  . VAL B 1 23 ? 2.959   7.217   0.700   1.00 11.20  ? 159 VAL B CA  1 
ATOM   623  C C   . VAL B 1 23 ? 1.648   7.657   0.039   1.00 14.25  ? 159 VAL B C   1 
ATOM   624  O O   . VAL B 1 23 ? 0.754   8.194   0.699   1.00 12.36  ? 159 VAL B O   1 
ATOM   625  C CB  . VAL B 1 23 ? 4.033   8.327   0.517   1.00 14.59  ? 159 VAL B CB  1 
ATOM   626  C CG1 . VAL B 1 23 ? 3.423   9.696   0.743   1.00 9.53   ? 159 VAL B CG1 1 
ATOM   627  C CG2 . VAL B 1 23 ? 5.171   8.120   1.514   1.00 13.72  ? 159 VAL B CG2 1 
ATOM   628  N N   . LYS B 1 24 ? 1.530   7.427   -1.266  1.00 13.13  ? 160 LYS B N   1 
ATOM   629  C CA  . LYS B 1 24 ? 0.314   7.814   -1.964  1.00 15.51  ? 160 LYS B CA  1 
ATOM   630  C C   . LYS B 1 24 ? -0.852  6.910   -1.596  1.00 15.51  ? 160 LYS B C   1 
ATOM   631  O O   . LYS B 1 24 ? -1.998  7.352   -1.576  1.00 14.04  ? 160 LYS B O   1 
ATOM   632  C CB  . LYS B 1 24 ? 0.528   7.811   -3.475  1.00 14.36  ? 160 LYS B CB  1 
ATOM   633  C CG  . LYS B 1 24 ? 1.417   8.951   -3.963  1.00 14.93  ? 160 LYS B CG  1 
ATOM   634  C CD  . LYS B 1 24 ? 0.831   10.311  -3.581  1.00 15.61  ? 160 LYS B CD  1 
ATOM   635  C CE  . LYS B 1 24 ? 1.842   11.426  -3.786  1.00 19.38  ? 160 LYS B CE  1 
ATOM   636  N NZ  . LYS B 1 24 ? 1.340   12.745  -3.313  1.00 22.15  ? 160 LYS B NZ  1 
ATOM   637  N N   . LEU B 1 25 ? -0.569  5.642   -1.306  1.00 17.01  ? 161 LEU B N   1 
ATOM   638  C CA  . LEU B 1 25 ? -1.652  4.751   -0.912  1.00 17.16  ? 161 LEU B CA  1 
ATOM   639  C C   . LEU B 1 25 ? -2.133  5.207   0.466   1.00 16.33  ? 161 LEU B C   1 
ATOM   640  O O   . LEU B 1 25 ? -3.328  5.150   0.760   1.00 17.54  ? 161 LEU B O   1 
ATOM   641  C CB  . LEU B 1 25 ? -1.192  3.287   -0.867  1.00 15.72  ? 161 LEU B CB  1 
ATOM   642  C CG  . LEU B 1 25 ? -1.093  2.538   -2.208  1.00 19.30  ? 161 LEU B CG  1 
ATOM   643  C CD1 . LEU B 1 25 ? -0.565  1.136   -1.977  1.00 17.76  ? 161 LEU B CD1 1 
ATOM   644  C CD2 . LEU B 1 25 ? -2.470  2.470   -2.880  1.00 17.47  ? 161 LEU B CD2 1 
ATOM   645  N N   . GLN B 1 26 ? -1.201  5.677   1.295   1.00 14.50  ? 162 GLN B N   1 
ATOM   646  C CA  . GLN B 1 26 ? -1.542  6.141   2.638   1.00 16.21  ? 162 GLN B CA  1 
ATOM   647  C C   . GLN B 1 26 ? -2.408  7.397   2.567   1.00 18.51  ? 162 GLN B C   1 
ATOM   648  O O   . GLN B 1 26 ? -3.286  7.606   3.410   1.00 20.49  ? 162 GLN B O   1 
ATOM   649  C CB  . GLN B 1 26 ? -0.275  6.419   3.461   1.00 17.13  ? 162 GLN B CB  1 
ATOM   650  C CG  . GLN B 1 26 ? 0.655   5.214   3.621   1.00 15.09  ? 162 GLN B CG  1 
ATOM   651  C CD  . GLN B 1 26 ? 1.904   5.513   4.439   1.00 14.20  ? 162 GLN B CD  1 
ATOM   652  O OE1 . GLN B 1 26 ? 2.364   6.654   4.496   1.00 18.82  ? 162 GLN B OE1 1 
ATOM   653  N NE2 . GLN B 1 26 ? 2.475   4.483   5.052   1.00 11.90  ? 162 GLN B NE2 1 
ATOM   654  N N   . GLU B 1 27 ? -2.163  8.231   1.560   1.00 15.75  ? 163 GLU B N   1 
ATOM   655  C CA  . GLU B 1 27 ? -2.938  9.452   1.390   1.00 17.01  ? 163 GLU B CA  1 
ATOM   656  C C   . GLU B 1 27 ? -4.343  9.082   0.949   1.00 17.58  ? 163 GLU B C   1 
ATOM   657  O O   . GLU B 1 27 ? -5.316  9.728   1.331   1.00 17.19  ? 163 GLU B O   1 
ATOM   658  C CB  . GLU B 1 27 ? -2.274  10.369  0.357   1.00 19.94  ? 163 GLU B CB  1 
ATOM   659  C CG  . GLU B 1 27 ? -1.076  11.153  0.912   1.00 19.85  ? 163 GLU B CG  1 
ATOM   660  C CD  . GLU B 1 27 ? -0.277  11.892  -0.164  1.00 22.06  ? 163 GLU B CD  1 
ATOM   661  O OE1 . GLU B 1 27 ? -0.839  12.207  -1.242  1.00 22.12  ? 163 GLU B OE1 1 
ATOM   662  O OE2 . GLU B 1 27 ? 0.915   12.176  0.083   1.00 23.43  ? 163 GLU B OE2 1 
ATOM   663  N N   . THR B 1 28 ? -4.430  8.022   0.150   1.00 21.15  ? 164 THR B N   1 
ATOM   664  C CA  . THR B 1 28 ? -5.696  7.511   -0.361  1.00 20.47  ? 164 THR B CA  1 
ATOM   665  C C   . THR B 1 28 ? -6.500  6.869   0.768   1.00 20.70  ? 164 THR B C   1 
ATOM   666  O O   . THR B 1 28 ? -7.725  6.967   0.806   1.00 24.05  ? 164 THR B O   1 
ATOM   667  C CB  . THR B 1 28 ? -5.457  6.442   -1.443  1.00 22.59  ? 164 THR B CB  1 
ATOM   668  O OG1 . THR B 1 28 ? -4.725  7.016   -2.535  1.00 25.36  ? 164 THR B OG1 1 
ATOM   669  C CG2 . THR B 1 28 ? -6.782  5.880   -1.942  1.00 20.80  ? 164 THR B CG2 1 
ATOM   670  N N   . ALA B 1 29 ? -5.802  6.199   1.680   1.00 18.92  ? 165 ALA B N   1 
ATOM   671  C CA  . ALA B 1 29 ? -6.449  5.535   2.807   1.00 18.18  ? 165 ALA B CA  1 
ATOM   672  C C   . ALA B 1 29 ? -7.020  6.580   3.757   1.00 19.19  ? 165 ALA B C   1 
ATOM   673  O O   . ALA B 1 29 ? -8.100  6.399   4.323   1.00 16.09  ? 165 ALA B O   1 
ATOM   674  C CB  . ALA B 1 29 ? -5.450  4.658   3.533   1.00 13.72  ? 165 ALA B CB  1 
ATOM   675  N N   . GLU B 1 30 ? -6.286  7.676   3.916   1.00 20.88  ? 166 GLU B N   1 
ATOM   676  C CA  . GLU B 1 30 ? -6.707  8.766   4.784   1.00 22.30  ? 166 GLU B CA  1 
ATOM   677  C C   . GLU B 1 30 ? -8.042  9.322   4.282   1.00 22.91  ? 166 GLU B C   1 
ATOM   678  O O   . GLU B 1 30 ? -8.968  9.539   5.067   1.00 22.22  ? 166 GLU B O   1 
ATOM   679  C CB  . GLU B 1 30 ? -5.634  9.862   4.794   1.00 25.93  ? 166 GLU B CB  1 
ATOM   680  C CG  . GLU B 1 30 ? -5.757  10.850  5.947   1.00 31.29  ? 166 GLU B CG  1 
ATOM   681  C CD  . GLU B 1 30 ? -4.590  11.818  6.014   1.00 38.78  ? 166 GLU B CD  1 
ATOM   682  O OE1 . GLU B 1 30 ? -4.357  12.540  5.019   1.00 40.72  ? 166 GLU B OE1 1 
ATOM   683  O OE2 . GLU B 1 30 ? -3.907  11.859  7.060   1.00 39.24  ? 166 GLU B OE2 1 
ATOM   684  N N   . LYS B 1 31 ? -8.143  9.534   2.972   1.00 19.38  ? 167 LYS B N   1 
ATOM   685  C CA  . LYS B 1 31 ? -9.373  10.053  2.376   1.00 19.56  ? 167 LYS B CA  1 
ATOM   686  C C   . LYS B 1 31 ? -10.536 9.069   2.534   1.00 19.52  ? 167 LYS B C   1 
ATOM   687  O O   . LYS B 1 31 ? -11.698 9.473   2.580   1.00 17.26  ? 167 LYS B O   1 
ATOM   688  C CB  . LYS B 1 31 ? -9.164  10.347  0.886   1.00 20.75  ? 167 LYS B CB  1 
ATOM   689  C CG  . LYS B 1 31 ? -8.035  11.328  0.575   1.00 25.24  ? 167 LYS B CG  1 
ATOM   690  C CD  . LYS B 1 31 ? -8.254  12.677  1.257   1.00 26.81  ? 167 LYS B CD  1 
ATOM   691  C CE  . LYS B 1 31 ? -7.206  13.692  0.828   1.00 31.04  ? 167 LYS B CE  1 
ATOM   692  N NZ  . LYS B 1 31 ? -7.356  14.977  1.557   1.00 31.59  ? 167 LYS B NZ  1 
ATOM   693  N N   . THR B 1 32 ? -10.220 7.776   2.604   1.00 21.39  ? 168 THR B N   1 
ATOM   694  C CA  . THR B 1 32 ? -11.251 6.748   2.753   1.00 20.85  ? 168 THR B CA  1 
ATOM   695  C C   . THR B 1 32 ? -11.851 6.818   4.155   1.00 19.93  ? 168 THR B C   1 
ATOM   696  O O   . THR B 1 32 ? -13.069 6.765   4.328   1.00 19.30  ? 168 THR B O   1 
ATOM   697  C CB  . THR B 1 32 ? -10.672 5.344   2.505   1.00 25.14  ? 168 THR B CB  1 
ATOM   698  O OG1 . THR B 1 32 ? -10.040 5.312   1.221   1.00 23.19  ? 168 THR B OG1 1 
ATOM   699  C CG2 . THR B 1 32 ? -11.777 4.295   2.535   1.00 22.40  ? 168 THR B CG2 1 
ATOM   700  N N   . VAL B 1 33 ? -10.993 6.947   5.158   1.00 21.00  ? 169 VAL B N   1 
ATOM   701  C CA  . VAL B 1 33 ? -11.469 7.053   6.533   1.00 22.54  ? 169 VAL B CA  1 
ATOM   702  C C   . VAL B 1 33 ? -12.417 8.249   6.634   1.00 22.68  ? 169 VAL B C   1 
ATOM   703  O O   . VAL B 1 33 ? -13.511 8.150   7.204   1.00 22.72  ? 169 VAL B O   1 
ATOM   704  C CB  . VAL B 1 33 ? -10.295 7.248   7.514   1.00 20.52  ? 169 VAL B CB  1 
ATOM   705  C CG1 . VAL B 1 33 ? -10.813 7.718   8.871   1.00 24.40  ? 169 VAL B CG1 1 
ATOM   706  C CG2 . VAL B 1 33 ? -9.535  5.947   7.667   1.00 21.32  ? 169 VAL B CG2 1 
ATOM   707  N N   . TYR B 1 34 ? -11.993 9.373   6.065   1.00 23.48  ? 170 TYR B N   1 
ATOM   708  C CA  . TYR B 1 34 ? -12.801 10.587  6.076   1.00 28.00  ? 170 TYR B CA  1 
ATOM   709  C C   . TYR B 1 34 ? -14.176 10.307  5.480   1.00 25.66  ? 170 TYR B C   1 
ATOM   710  O O   . TYR B 1 34 ? -15.196 10.600  6.092   1.00 23.41  ? 170 TYR B O   1 
ATOM   711  C CB  . TYR B 1 34 ? -12.109 11.690  5.269   1.00 33.10  ? 170 TYR B CB  1 
ATOM   712  C CG  . TYR B 1 34 ? -10.833 12.223  5.890   1.00 38.73  ? 170 TYR B CG  1 
ATOM   713  C CD1 . TYR B 1 34 ? -9.831  12.791  5.097   1.00 39.22  ? 170 TYR B CD1 1 
ATOM   714  C CD2 . TYR B 1 34 ? -10.622 12.162  7.271   1.00 43.02  ? 170 TYR B CD2 1 
ATOM   715  C CE1 . TYR B 1 34 ? -8.656  13.280  5.659   1.00 39.78  ? 170 TYR B CE1 1 
ATOM   716  C CE2 . TYR B 1 34 ? -9.445  12.653  7.844   1.00 42.14  ? 170 TYR B CE2 1 
ATOM   717  C CZ  . TYR B 1 34 ? -8.468  13.206  7.033   1.00 42.71  ? 170 TYR B CZ  1 
ATOM   718  O OH  . TYR B 1 34 ? -7.303  13.674  7.594   1.00 46.07  ? 170 TYR B OH  1 
ATOM   719  N N   . VAL B 1 35 ? -14.195 9.722   4.289   1.00 25.01  ? 171 VAL B N   1 
ATOM   720  C CA  . VAL B 1 35 ? -15.457 9.421   3.625   1.00 26.95  ? 171 VAL B CA  1 
ATOM   721  C C   . VAL B 1 35 ? -16.311 8.461   4.451   1.00 28.38  ? 171 VAL B C   1 
ATOM   722  O O   . VAL B 1 35 ? -17.511 8.681   4.626   1.00 23.77  ? 171 VAL B O   1 
ATOM   723  C CB  . VAL B 1 35 ? -15.220 8.820   2.218   1.00 27.59  ? 171 VAL B CB  1 
ATOM   724  C CG1 . VAL B 1 35 ? -16.559 8.571   1.521   1.00 25.59  ? 171 VAL B CG1 1 
ATOM   725  C CG2 . VAL B 1 35 ? -14.368 9.772   1.387   1.00 21.93  ? 171 VAL B CG2 1 
ATOM   726  N N   . LEU B 1 36 ? -15.696 7.397   4.957   1.00 30.13  ? 172 LEU B N   1 
ATOM   727  C CA  . LEU B 1 36 ? -16.434 6.434   5.768   1.00 29.94  ? 172 LEU B CA  1 
ATOM   728  C C   . LEU B 1 36 ? -17.017 7.113   6.999   1.00 28.11  ? 172 LEU B C   1 
ATOM   729  O O   . LEU B 1 36 ? -18.095 6.759   7.456   1.00 27.12  ? 172 LEU B O   1 
ATOM   730  C CB  . LEU B 1 36 ? -15.528 5.281   6.197   1.00 27.84  ? 172 LEU B CB  1 
ATOM   731  C CG  . LEU B 1 36 ? -15.137 4.327   5.073   1.00 27.26  ? 172 LEU B CG  1 
ATOM   732  C CD1 . LEU B 1 36 ? -14.276 3.212   5.637   1.00 27.60  ? 172 LEU B CD1 1 
ATOM   733  C CD2 . LEU B 1 36 ? -16.385 3.764   4.415   1.00 25.41  ? 172 LEU B CD2 1 
ATOM   734  N N   . THR B 1 37 ? -16.297 8.096   7.526   1.00 30.30  ? 173 THR B N   1 
ATOM   735  C CA  . THR B 1 37 ? -16.759 8.822   8.697   1.00 30.71  ? 173 THR B CA  1 
ATOM   736  C C   . THR B 1 37 ? -17.924 9.726   8.317   1.00 34.33  ? 173 THR B C   1 
ATOM   737  O O   . THR B 1 37 ? -18.800 10.007  9.136   1.00 34.90  ? 173 THR B O   1 
ATOM   738  C CB  . THR B 1 37 ? -15.634 9.681   9.289   1.00 28.97  ? 173 THR B CB  1 
ATOM   739  O OG1 . THR B 1 37 ? -14.622 8.830   9.830   1.00 26.58  ? 173 THR B OG1 1 
ATOM   740  C CG2 . THR B 1 37 ? -16.170 10.586  10.385  1.00 29.27  ? 173 THR B CG2 1 
ATOM   741  N N   . ALA B 1 38 ? -17.926 10.179  7.067   1.00 34.14  ? 174 ALA B N   1 
ATOM   742  C CA  . ALA B 1 38 ? -18.977 11.055  6.581   1.00 35.52  ? 174 ALA B CA  1 
ATOM   743  C C   . ALA B 1 38 ? -20.275 10.285  6.391   1.00 39.31  ? 174 ALA B C   1 
ATOM   744  O O   . ALA B 1 38 ? -21.358 10.867  6.388   1.00 41.43  ? 174 ALA B O   1 
ATOM   745  C CB  . ALA B 1 38 ? -18.552 11.696  5.280   1.00 35.97  ? 174 ALA B CB  1 
ATOM   746  N N   . LEU B 1 39 ? -20.163 8.972   6.231   1.00 41.64  ? 175 LEU B N   1 
ATOM   747  C CA  . LEU B 1 39 ? -21.334 8.124   6.050   1.00 41.40  ? 175 LEU B CA  1 
ATOM   748  C C   . LEU B 1 39 ? -21.685 7.429   7.361   1.00 42.74  ? 175 LEU B C   1 
ATOM   749  O O   . LEU B 1 39 ? -21.023 7.635   8.379   1.00 44.52  ? 175 LEU B O   1 
ATOM   750  C CB  . LEU B 1 39 ? -21.064 7.074   4.977   1.00 41.96  ? 175 LEU B CB  1 
ATOM   751  C CG  . LEU B 1 39 ? -20.497 7.567   3.646   1.00 41.98  ? 175 LEU B CG  1 
ATOM   752  C CD1 . LEU B 1 39 ? -20.344 6.375   2.730   1.00 41.35  ? 175 LEU B CD1 1 
ATOM   753  C CD2 . LEU B 1 39 ? -21.411 8.613   3.019   1.00 43.40  ? 175 LEU B CD2 1 
ATOM   754  N N   . VAL B 1 52 ? -19.130 15.892  4.983   1.00 54.81  ? 454 VAL B N   1 
ATOM   755  C CA  . VAL B 1 52 ? -17.982 16.633  4.482   1.00 53.14  ? 454 VAL B CA  1 
ATOM   756  C C   . VAL B 1 52 ? -18.184 16.983  3.010   1.00 52.83  ? 454 VAL B C   1 
ATOM   757  O O   . VAL B 1 52 ? -19.009 17.838  2.681   1.00 56.53  ? 454 VAL B O   1 
ATOM   758  C CB  . VAL B 1 52 ? -16.676 15.820  4.660   1.00 52.67  ? 454 VAL B CB  1 
ATOM   759  C CG1 . VAL B 1 52 ? -15.477 16.634  4.207   1.00 53.53  ? 454 VAL B CG1 1 
ATOM   760  C CG2 . VAL B 1 52 ? -16.510 15.428  6.116   1.00 52.60  ? 454 VAL B CG2 1 
ATOM   761  N N   . ASP B 1 53 ? -17.444 16.316  2.130   1.00 49.96  ? 455 ASP B N   1 
ATOM   762  C CA  . ASP B 1 53 ? -17.528 16.571  0.692   1.00 45.14  ? 455 ASP B CA  1 
ATOM   763  C C   . ASP B 1 53 ? -17.169 15.285  -0.040  1.00 41.35  ? 455 ASP B C   1 
ATOM   764  O O   . ASP B 1 53 ? -16.217 15.253  -0.819  1.00 40.33  ? 455 ASP B O   1 
ATOM   765  C CB  . ASP B 1 53 ? -16.523 17.655  0.300   1.00 47.50  ? 455 ASP B CB  1 
ATOM   766  C CG  . ASP B 1 53 ? -16.141 18.542  1.466   1.00 47.55  ? 455 ASP B CG  1 
ATOM   767  O OD1 . ASP B 1 53 ? -16.966 19.396  1.854   1.00 50.88  ? 455 ASP B OD1 1 
ATOM   768  O OD2 . ASP B 1 53 ? -15.022 18.375  2.003   1.00 41.43  ? 455 ASP B OD2 1 
ATOM   769  N N   . ILE B 1 54 ? -17.932 14.233  0.220   1.00 37.10  ? 456 ILE B N   1 
ATOM   770  C CA  . ILE B 1 54 ? -17.690 12.929  -0.381  1.00 35.11  ? 456 ILE B CA  1 
ATOM   771  C C   . ILE B 1 54 ? -17.093 12.988  -1.783  1.00 34.50  ? 456 ILE B C   1 
ATOM   772  O O   . ILE B 1 54 ? -16.045 12.397  -2.047  1.00 34.75  ? 456 ILE B O   1 
ATOM   773  C CB  . ILE B 1 54 ? -18.984 12.108  -0.451  1.00 36.07  ? 456 ILE B CB  1 
ATOM   774  C CG1 . ILE B 1 54 ? -19.675 12.106  0.915   1.00 40.76  ? 456 ILE B CG1 1 
ATOM   775  C CG2 . ILE B 1 54 ? -18.666 10.687  -0.873  1.00 32.65  ? 456 ILE B CG2 1 
ATOM   776  C CD1 . ILE B 1 54 ? -21.026 11.411  0.922   1.00 41.37  ? 456 ILE B CD1 1 
ATOM   777  N N   . SER B 1 55 ? -17.769 13.705  -2.673  1.00 31.58  ? 457 SER B N   1 
ATOM   778  C CA  . SER B 1 55 ? -17.335 13.836  -4.059  1.00 31.08  ? 457 SER B CA  1 
ATOM   779  C C   . SER B 1 55 ? -15.890 14.305  -4.163  1.00 28.90  ? 457 SER B C   1 
ATOM   780  O O   . SER B 1 55 ? -15.064 13.658  -4.806  1.00 28.87  ? 457 SER B O   1 
ATOM   781  C CB  . SER B 1 55 ? -18.247 14.815  -4.779  1.00 29.44  ? 457 SER B CB  1 
ATOM   782  O OG  . SER B 1 55 ? -19.527 14.780  -4.181  1.00 39.62  ? 457 SER B OG  1 
ATOM   783  N N   . SER B 1 56 ? -15.596 15.440  -3.538  1.00 28.03  ? 458 SER B N   1 
ATOM   784  C CA  . SER B 1 56 ? -14.253 16.002  -3.545  1.00 25.47  ? 458 SER B CA  1 
ATOM   785  C C   . SER B 1 56 ? -13.303 14.982  -2.949  1.00 24.61  ? 458 SER B C   1 
ATOM   786  O O   . SER B 1 56 ? -12.211 14.749  -3.471  1.00 24.23  ? 458 SER B O   1 
ATOM   787  C CB  . SER B 1 56 ? -14.203 17.267  -2.690  1.00 26.46  ? 458 SER B CB  1 
ATOM   788  O OG  . SER B 1 56 ? -15.199 18.184  -3.088  1.00 37.16  ? 458 SER B OG  1 
ATOM   789  N N   . GLN B 1 57 ? -13.732 14.386  -1.841  1.00 21.95  ? 459 GLN B N   1 
ATOM   790  C CA  . GLN B 1 57 ? -12.926 13.400  -1.148  1.00 23.30  ? 459 GLN B CA  1 
ATOM   791  C C   . GLN B 1 57 ? -12.655 12.205  -2.042  1.00 24.91  ? 459 GLN B C   1 
ATOM   792  O O   . GLN B 1 57 ? -11.516 11.745  -2.143  1.00 25.83  ? 459 GLN B O   1 
ATOM   793  C CB  . GLN B 1 57 ? -13.619 12.955  0.140   1.00 25.74  ? 459 GLN B CB  1 
ATOM   794  C CG  . GLN B 1 57 ? -13.815 14.067  1.175   1.00 30.71  ? 459 GLN B CG  1 
ATOM   795  C CD  . GLN B 1 57 ? -12.574 14.933  1.370   1.00 35.87  ? 459 GLN B CD  1 
ATOM   796  O OE1 . GLN B 1 57 ? -12.300 15.832  0.574   1.00 36.66  ? 459 GLN B OE1 1 
ATOM   797  N NE2 . GLN B 1 57 ? -11.813 14.660  2.425   1.00 34.57  ? 459 GLN B NE2 1 
ATOM   798  N N   . ILE B 1 58 ? -13.690 11.702  -2.706  1.00 23.04  ? 460 ILE B N   1 
ATOM   799  C CA  . ILE B 1 58 ? -13.496 10.557  -3.579  1.00 23.78  ? 460 ILE B CA  1 
ATOM   800  C C   . ILE B 1 58 ? -12.638 10.944  -4.767  1.00 24.39  ? 460 ILE B C   1 
ATOM   801  O O   . ILE B 1 58 ? -11.986 10.096  -5.370  1.00 27.03  ? 460 ILE B O   1 
ATOM   802  C CB  . ILE B 1 58 ? -14.826 9.991   -4.098  1.00 22.75  ? 460 ILE B CB  1 
ATOM   803  C CG1 . ILE B 1 58 ? -15.608 9.371   -2.939  1.00 23.11  ? 460 ILE B CG1 1 
ATOM   804  C CG2 . ILE B 1 58 ? -14.557 8.945   -5.173  1.00 20.77  ? 460 ILE B CG2 1 
ATOM   805  C CD1 . ILE B 1 58 ? -16.940 8.766   -3.347  1.00 27.23  ? 460 ILE B CD1 1 
ATOM   806  N N   . SER B 1 59 ? -12.625 12.229  -5.098  1.00 22.09  ? 461 SER B N   1 
ATOM   807  C CA  . SER B 1 59 ? -11.835 12.687  -6.227  1.00 23.83  ? 461 SER B CA  1 
ATOM   808  C C   . SER B 1 59 ? -10.346 12.768  -5.892  1.00 22.67  ? 461 SER B C   1 
ATOM   809  O O   . SER B 1 59 ? -9.501  12.479  -6.740  1.00 22.80  ? 461 SER B O   1 
ATOM   810  C CB  . SER B 1 59 ? -12.336 14.044  -6.715  1.00 23.61  ? 461 SER B CB  1 
ATOM   811  O OG  . SER B 1 59 ? -11.546 14.485  -7.800  1.00 27.43  ? 461 SER B OG  1 
ATOM   812  N N   . SER B 1 60 ? -10.018 13.163  -4.666  1.00 22.60  ? 462 SER B N   1 
ATOM   813  C CA  . SER B 1 60 ? -8.615  13.235  -4.255  1.00 23.59  ? 462 SER B CA  1 
ATOM   814  C C   . SER B 1 60 ? -8.066  11.821  -4.168  1.00 21.41  ? 462 SER B C   1 
ATOM   815  O O   . SER B 1 60 ? -6.915  11.575  -4.518  1.00 21.03  ? 462 SER B O   1 
ATOM   816  C CB  . SER B 1 60 ? -8.472  13.899  -2.891  1.00 19.85  ? 462 SER B CB  1 
ATOM   817  O OG  . SER B 1 60 ? -9.098  15.163  -2.894  1.00 34.42  ? 462 SER B OG  1 
ATOM   818  N N   . MET B 1 61 ? -8.902  10.904  -3.681  1.00 22.40  ? 463 MET B N   1 
ATOM   819  C CA  . MET B 1 61 ? -8.535  9.492   -3.549  1.00 24.61  ? 463 MET B CA  1 
ATOM   820  C C   . MET B 1 61 ? -7.984  9.035   -4.889  1.00 25.68  ? 463 MET B C   1 
ATOM   821  O O   . MET B 1 61 ? -6.889  8.484   -4.979  1.00 28.01  ? 463 MET B O   1 
ATOM   822  C CB  . MET B 1 61 ? -9.767  8.627   -3.203  1.00 19.33  ? 463 MET B CB  1 
ATOM   823  C CG  . MET B 1 61 ? -10.171 8.603   -1.735  1.00 21.36  ? 463 MET B CG  1 
ATOM   824  S SD  . MET B 1 61 ? -11.564 7.472   -1.349  1.00 10.53  ? 463 MET B SD  1 
ATOM   825  C CE  . MET B 1 61 ? -11.000 6.076   -1.978  1.00 9.32   ? 463 MET B CE  1 
ATOM   826  N N   . ASN B 1 62 ? -8.765  9.284   -5.932  1.00 26.35  ? 464 ASN B N   1 
ATOM   827  C CA  . ASN B 1 62 ? -8.407  8.899   -7.279  1.00 27.88  ? 464 ASN B CA  1 
ATOM   828  C C   . ASN B 1 62 ? -7.077  9.488   -7.738  1.00 26.47  ? 464 ASN B C   1 
ATOM   829  O O   . ASN B 1 62 ? -6.241  8.777   -8.294  1.00 28.29  ? 464 ASN B O   1 
ATOM   830  C CB  . ASN B 1 62 ? -9.518  9.313   -8.241  1.00 29.82  ? 464 ASN B CB  1 
ATOM   831  C CG  . ASN B 1 62 ? -9.735  8.298   -9.329  1.00 35.33  ? 464 ASN B CG  1 
ATOM   832  O OD1 . ASN B 1 62 ? -10.105 7.152   -9.057  1.00 39.62  ? 464 ASN B OD1 1 
ATOM   833  N ND2 . ASN B 1 62 ? -9.497  8.703   -10.572 1.00 39.62  ? 464 ASN B ND2 1 
ATOM   834  N N   . GLN B 1 63 ? -6.879  10.781  -7.507  1.00 25.46  ? 465 GLN B N   1 
ATOM   835  C CA  . GLN B 1 63 ? -5.641  11.436  -7.915  1.00 23.21  ? 465 GLN B CA  1 
ATOM   836  C C   . GLN B 1 63 ? -4.492  10.771  -7.186  1.00 20.31  ? 465 GLN B C   1 
ATOM   837  O O   . GLN B 1 63 ? -3.492  10.392  -7.797  1.00 19.52  ? 465 GLN B O   1 
ATOM   838  C CB  . GLN B 1 63 ? -5.673  12.926  -7.565  1.00 28.92  ? 465 GLN B CB  1 
ATOM   839  C CG  . GLN B 1 63 ? -7.008  13.593  -7.825  1.00 39.75  ? 465 GLN B CG  1 
ATOM   840  C CD  . GLN B 1 63 ? -6.942  15.106  -7.711  1.00 46.72  ? 465 GLN B CD  1 
ATOM   841  O OE1 . GLN B 1 63 ? -6.337  15.648  -6.778  1.00 47.46  ? 465 GLN B OE1 1 
ATOM   842  N NE2 . GLN B 1 63 ? -7.575  15.798  -8.658  1.00 46.43  ? 465 GLN B NE2 1 
ATOM   843  N N   . SER B 1 64 ? -4.649  10.623  -5.872  1.00 15.33  ? 466 SER B N   1 
ATOM   844  C CA  . SER B 1 64 ? -3.629  9.992   -5.039  1.00 14.61  ? 466 SER B CA  1 
ATOM   845  C C   . SER B 1 64 ? -3.268  8.608   -5.543  1.00 13.06  ? 466 SER B C   1 
ATOM   846  O O   . SER B 1 64 ? -2.096  8.268   -5.658  1.00 18.28  ? 466 SER B O   1 
ATOM   847  C CB  . SER B 1 64 ? -4.110  9.893   -3.587  1.00 11.50  ? 466 SER B CB  1 
ATOM   848  O OG  . SER B 1 64 ? -3.720  11.040  -2.849  1.00 19.08  ? 466 SER B OG  1 
ATOM   849  N N   . LEU B 1 65 ? -4.283  7.811   -5.842  1.00 13.78  ? 467 LEU B N   1 
ATOM   850  C CA  . LEU B 1 65 ? -4.066  6.455   -6.319  1.00 18.17  ? 467 LEU B CA  1 
ATOM   851  C C   . LEU B 1 65 ? -3.333  6.441   -7.656  1.00 22.90  ? 467 LEU B C   1 
ATOM   852  O O   . LEU B 1 65 ? -2.470  5.590   -7.885  1.00 22.25  ? 467 LEU B O   1 
ATOM   853  C CB  . LEU B 1 65 ? -5.408  5.728   -6.449  1.00 21.99  ? 467 LEU B CB  1 
ATOM   854  C CG  . LEU B 1 65 ? -5.383  4.218   -6.720  1.00 26.21  ? 467 LEU B CG  1 
ATOM   855  C CD1 . LEU B 1 65 ? -4.661  3.517   -5.583  1.00 24.20  ? 467 LEU B CD1 1 
ATOM   856  C CD2 . LEU B 1 65 ? -6.810  3.686   -6.845  1.00 26.94  ? 467 LEU B CD2 1 
ATOM   857  N N   . GLN B 1 66 ? -3.670  7.380   -8.542  1.00 23.69  ? 468 GLN B N   1 
ATOM   858  C CA  . GLN B 1 66 ? -3.017  7.432   -9.847  1.00 25.19  ? 468 GLN B CA  1 
ATOM   859  C C   . GLN B 1 66 ? -1.521  7.651   -9.706  1.00 23.40  ? 468 GLN B C   1 
ATOM   860  O O   . GLN B 1 66 ? -0.726  6.992   -10.378 1.00 24.16  ? 468 GLN B O   1 
ATOM   861  C CB  . GLN B 1 66 ? -3.606  8.543   -10.728 1.00 29.82  ? 468 GLN B CB  1 
ATOM   862  C CG  . GLN B 1 66 ? -5.009  8.269   -11.249 1.00 36.47  ? 468 GLN B CG  1 
ATOM   863  C CD  . GLN B 1 66 ? -5.460  9.292   -12.284 1.00 42.37  ? 468 GLN B CD  1 
ATOM   864  O OE1 . GLN B 1 66 ? -5.480  10.499  -12.021 1.00 42.72  ? 468 GLN B OE1 1 
ATOM   865  N NE2 . GLN B 1 66 ? -5.825  8.811   -13.471 1.00 45.50  ? 468 GLN B NE2 1 
ATOM   866  N N   . GLN B 1 67 ? -1.138  8.586   -8.843  1.00 22.09  ? 469 GLN B N   1 
ATOM   867  C CA  . GLN B 1 67 ? 0.273   8.871   -8.618  1.00 21.40  ? 469 GLN B CA  1 
ATOM   868  C C   . GLN B 1 67 ? 0.945   7.625   -8.073  1.00 19.30  ? 469 GLN B C   1 
ATOM   869  O O   . GLN B 1 67 ? 2.015   7.241   -8.532  1.00 21.09  ? 469 GLN B O   1 
ATOM   870  C CB  . GLN B 1 67 ? 0.439   10.006  -7.618  1.00 25.68  ? 469 GLN B CB  1 
ATOM   871  C CG  . GLN B 1 67 ? 0.045   11.353  -8.153  1.00 29.35  ? 469 GLN B CG  1 
ATOM   872  C CD  . GLN B 1 67 ? 0.188   12.430  -7.107  1.00 35.90  ? 469 GLN B CD  1 
ATOM   873  O OE1 . GLN B 1 67 ? 1.239   12.561  -6.476  1.00 41.42  ? 469 GLN B OE1 1 
ATOM   874  N NE2 . GLN B 1 67 ? -0.867  13.208  -6.912  1.00 34.63  ? 469 GLN B NE2 1 
ATOM   875  N N   . SER B 1 68 ? 0.310   7.005   -7.082  1.00 19.10  ? 470 SER B N   1 
ATOM   876  C CA  . SER B 1 68 ? 0.837   5.787   -6.482  1.00 19.02  ? 470 SER B CA  1 
ATOM   877  C C   . SER B 1 68 ? 1.151   4.817   -7.616  1.00 17.91  ? 470 SER B C   1 
ATOM   878  O O   . SER B 1 68 ? 2.237   4.248   -7.660  1.00 14.39  ? 470 SER B O   1 
ATOM   879  C CB  . SER B 1 68 ? -0.200  5.174   -5.533  1.00 22.68  ? 470 SER B CB  1 
ATOM   880  O OG  . SER B 1 68 ? 0.343   4.095   -4.799  1.00 20.69  ? 470 SER B OG  1 
ATOM   881  N N   . LYS B 1 69 ? 0.198   4.656   -8.535  1.00 20.18  ? 471 LYS B N   1 
ATOM   882  C CA  . LYS B 1 69 ? 0.357   3.778   -9.692  1.00 20.56  ? 471 LYS B CA  1 
ATOM   883  C C   . LYS B 1 69 ? 1.547   4.192   -10.556 1.00 21.54  ? 471 LYS B C   1 
ATOM   884  O O   . LYS B 1 69 ? 2.310   3.341   -11.014 1.00 19.82  ? 471 LYS B O   1 
ATOM   885  C CB  . LYS B 1 69 ? -0.905  3.780   -10.558 1.00 24.16  ? 471 LYS B CB  1 
ATOM   886  C CG  . LYS B 1 69 ? -2.106  3.054   -9.970  1.00 29.92  ? 471 LYS B CG  1 
ATOM   887  C CD  . LYS B 1 69 ? -3.286  3.068   -10.942 1.00 32.00  ? 471 LYS B CD  1 
ATOM   888  C CE  . LYS B 1 69 ? -3.753  4.493   -11.235 1.00 37.78  ? 471 LYS B CE  1 
ATOM   889  N NZ  . LYS B 1 69 ? -4.886  4.569   -12.208 1.00 33.70  ? 471 LYS B NZ  1 
ATOM   890  N N   . ASP B 1 70 ? 1.699   5.494   -10.791 1.00 20.27  ? 472 ASP B N   1 
ATOM   891  C CA  . ASP B 1 70 ? 2.821   5.988   -11.587 1.00 21.03  ? 472 ASP B CA  1 
ATOM   892  C C   . ASP B 1 70 ? 4.136   5.648   -10.885 1.00 20.45  ? 472 ASP B C   1 
ATOM   893  O O   . ASP B 1 70 ? 5.098   5.198   -11.516 1.00 17.23  ? 472 ASP B O   1 
ATOM   894  C CB  . ASP B 1 70 ? 2.732   7.507   -11.781 1.00 19.39  ? 472 ASP B CB  1 
ATOM   895  C CG  . ASP B 1 70 ? 1.679   7.914   -12.812 1.00 27.43  ? 472 ASP B CG  1 
ATOM   896  O OD1 . ASP B 1 70 ? 1.135   7.027   -13.509 1.00 24.41  ? 472 ASP B OD1 1 
ATOM   897  O OD2 . ASP B 1 70 ? 1.407   9.131   -12.930 1.00 29.73  ? 472 ASP B OD2 1 
ATOM   898  N N   . TYR B 1 71 ? 4.166   5.871   -9.575  1.00 18.05  ? 473 TYR B N   1 
ATOM   899  C CA  . TYR B 1 71 ? 5.355   5.590   -8.783  1.00 18.26  ? 473 TYR B CA  1 
ATOM   900  C C   . TYR B 1 71 ? 5.753   4.108   -8.768  1.00 18.03  ? 473 TYR B C   1 
ATOM   901  O O   . TYR B 1 71 ? 6.937   3.782   -8.863  1.00 17.95  ? 473 TYR B O   1 
ATOM   902  C CB  . TYR B 1 71 ? 5.164   6.092   -7.348  1.00 18.74  ? 473 TYR B CB  1 
ATOM   903  C CG  . TYR B 1 71 ? 5.424   7.578   -7.150  1.00 18.34  ? 473 TYR B CG  1 
ATOM   904  C CD1 . TYR B 1 71 ? 4.537   8.364   -6.417  1.00 17.86  ? 473 TYR B CD1 1 
ATOM   905  C CD2 . TYR B 1 71 ? 6.581   8.184   -7.649  1.00 21.04  ? 473 TYR B CD2 1 
ATOM   906  C CE1 . TYR B 1 71 ? 4.788   9.709   -6.182  1.00 14.32  ? 473 TYR B CE1 1 
ATOM   907  C CE2 . TYR B 1 71 ? 6.846   9.538   -7.416  1.00 15.73  ? 473 TYR B CE2 1 
ATOM   908  C CZ  . TYR B 1 71 ? 5.942   10.288  -6.677  1.00 18.49  ? 473 TYR B CZ  1 
ATOM   909  O OH  . TYR B 1 71 ? 6.188   11.613  -6.413  1.00 18.45  ? 473 TYR B OH  1 
ATOM   910  N N   . ILE B 1 72 ? 4.791   3.201   -8.656  1.00 17.54  ? 474 ILE B N   1 
ATOM   911  C CA  . ILE B 1 72 ? 5.162   1.792   -8.618  1.00 17.69  ? 474 ILE B CA  1 
ATOM   912  C C   . ILE B 1 72 ? 5.718   1.333   -9.965  1.00 19.43  ? 474 ILE B C   1 
ATOM   913  O O   . ILE B 1 72 ? 6.674   0.557   -10.012 1.00 16.76  ? 474 ILE B O   1 
ATOM   914  C CB  . ILE B 1 72 ? 3.980   0.882   -8.162  1.00 17.67  ? 474 ILE B CB  1 
ATOM   915  C CG1 . ILE B 1 72 ? 4.520   -0.484  -7.737  1.00 20.07  ? 474 ILE B CG1 1 
ATOM   916  C CG2 . ILE B 1 72 ? 2.964   0.713   -9.274  1.00 15.04  ? 474 ILE B CG2 1 
ATOM   917  C CD1 . ILE B 1 72 ? 5.521   -0.422  -6.603  1.00 20.93  ? 474 ILE B CD1 1 
ATOM   918  N N   . LYS B 1 73 ? 5.136   1.828   -11.056 1.00 19.14  ? 475 LYS B N   1 
ATOM   919  C CA  . LYS B 1 73 ? 5.610   1.477   -12.396 1.00 23.33  ? 475 LYS B CA  1 
ATOM   920  C C   . LYS B 1 73 ? 7.055   1.955   -12.595 1.00 20.36  ? 475 LYS B C   1 
ATOM   921  O O   . LYS B 1 73 ? 7.865   1.272   -13.211 1.00 22.38  ? 475 LYS B O   1 
ATOM   922  C CB  . LYS B 1 73 ? 4.670   2.067   -13.455 1.00 25.45  ? 475 LYS B CB  1 
ATOM   923  C CG  . LYS B 1 73 ? 3.266   1.479   -13.343 1.00 36.60  ? 475 LYS B CG  1 
ATOM   924  C CD  . LYS B 1 73 ? 2.327   1.898   -14.463 1.00 41.97  ? 475 LYS B CD  1 
ATOM   925  C CE  . LYS B 1 73 ? 0.989   1.184   -14.315 1.00 43.93  ? 475 LYS B CE  1 
ATOM   926  N NZ  . LYS B 1 73 ? 0.097   1.389   -15.490 1.00 53.96  ? 475 LYS B NZ  1 
ATOM   927  N N   . GLU B 1 74 ? 7.383   3.127   -12.070 1.00 19.78  ? 476 GLU B N   1 
ATOM   928  C CA  . GLU B 1 74 ? 8.752   3.614   -12.165 1.00 22.84  ? 476 GLU B CA  1 
ATOM   929  C C   . GLU B 1 74 ? 9.657   2.691   -11.320 1.00 21.72  ? 476 GLU B C   1 
ATOM   930  O O   . GLU B 1 74 ? 10.791  2.399   -11.704 1.00 17.65  ? 476 GLU B O   1 
ATOM   931  C CB  . GLU B 1 74 ? 8.838   5.056   -11.650 1.00 24.88  ? 476 GLU B CB  1 
ATOM   932  C CG  . GLU B 1 74 ? 10.257  5.592   -11.514 1.00 28.73  ? 476 GLU B CG  1 
ATOM   933  C CD  . GLU B 1 74 ? 10.972  5.743   -12.847 1.00 33.64  ? 476 GLU B CD  1 
ATOM   934  O OE1 . GLU B 1 74 ? 10.437  5.278   -13.879 1.00 37.11  ? 476 GLU B OE1 1 
ATOM   935  O OE2 . GLU B 1 74 ? 12.082  6.322   -12.860 1.00 32.27  ? 476 GLU B OE2 1 
ATOM   936  N N   . ALA B 1 75 ? 9.147   2.235   -10.173 1.00 18.92  ? 477 ALA B N   1 
ATOM   937  C CA  . ALA B 1 75 ? 9.898   1.329   -9.297  1.00 19.08  ? 477 ALA B CA  1 
ATOM   938  C C   . ALA B 1 75 ? 10.219  0.033   -10.031 1.00 20.27  ? 477 ALA B C   1 
ATOM   939  O O   . ALA B 1 75 ? 11.363  -0.426  -10.028 1.00 19.63  ? 477 ALA B O   1 
ATOM   940  C CB  . ALA B 1 75 ? 9.100   1.010   -8.040  1.00 12.49  ? 477 ALA B CB  1 
ATOM   941  N N   . GLN B 1 76 ? 9.194   -0.549  -10.655 1.00 21.23  ? 478 GLN B N   1 
ATOM   942  C CA  . GLN B 1 76 ? 9.338   -1.792  -11.397 1.00 21.71  ? 478 GLN B CA  1 
ATOM   943  C C   . GLN B 1 76 ? 10.327  -1.602  -12.549 1.00 22.10  ? 478 GLN B C   1 
ATOM   944  O O   . GLN B 1 76 ? 11.120  -2.490  -12.856 1.00 22.46  ? 478 GLN B O   1 
ATOM   945  C CB  . GLN B 1 76 ? 7.971   -2.246  -11.938 1.00 22.13  ? 478 GLN B CB  1 
ATOM   946  C CG  . GLN B 1 76 ? 6.855   -2.304  -10.874 1.00 29.48  ? 478 GLN B CG  1 
ATOM   947  C CD  . GLN B 1 76 ? 5.522   -2.847  -11.403 1.00 34.74  ? 478 GLN B CD  1 
ATOM   948  O OE1 . GLN B 1 76 ? 5.255   -4.055  -11.348 1.00 40.23  ? 478 GLN B OE1 1 
ATOM   949  N NE2 . GLN B 1 76 ? 4.684   -1.955  -11.925 1.00 33.97  ? 478 GLN B NE2 1 
ATOM   950  N N   . LYS B 1 77 ? 10.275  -0.438  -13.184 1.00 24.86  ? 479 LYS B N   1 
ATOM   951  C CA  . LYS B 1 77 ? 11.169  -0.138  -14.295 1.00 27.64  ? 479 LYS B CA  1 
ATOM   952  C C   . LYS B 1 77 ? 12.622  -0.127  -13.814 1.00 27.77  ? 479 LYS B C   1 
ATOM   953  O O   . LYS B 1 77 ? 13.458  -0.872  -14.330 1.00 27.02  ? 479 LYS B O   1 
ATOM   954  C CB  . LYS B 1 77 ? 10.796  1.213   -14.912 1.00 30.67  ? 479 LYS B CB  1 
ATOM   955  C CG  . LYS B 1 77 ? 11.834  1.794   -15.867 1.00 37.34  ? 479 LYS B CG  1 
ATOM   956  C CD  . LYS B 1 77 ? 11.385  3.159   -16.380 1.00 38.44  ? 479 LYS B CD  1 
ATOM   957  C CE  . LYS B 1 77 ? 12.533  3.952   -16.986 1.00 40.60  ? 479 LYS B CE  1 
ATOM   958  N NZ  . LYS B 1 77 ? 13.498  4.431   -15.957 1.00 39.14  ? 479 LYS B NZ  1 
ATOM   959  N N   . ILE B 1 78 ? 12.921  0.715   -12.831 1.00 28.09  ? 480 ILE B N   1 
ATOM   960  C CA  . ILE B 1 78 ? 14.272  0.785   -12.285 1.00 27.50  ? 480 ILE B CA  1 
ATOM   961  C C   . ILE B 1 78 ? 14.725  -0.609  -11.860 1.00 28.41  ? 480 ILE B C   1 
ATOM   962  O O   . ILE B 1 78 ? 15.766  -1.087  -12.302 1.00 29.04  ? 480 ILE B O   1 
ATOM   963  C CB  . ILE B 1 78 ? 14.354  1.702   -11.039 1.00 28.53  ? 480 ILE B CB  1 
ATOM   964  C CG1 . ILE B 1 78 ? 14.180  3.172   -11.431 1.00 31.25  ? 480 ILE B CG1 1 
ATOM   965  C CG2 . ILE B 1 78 ? 15.699  1.521   -10.350 1.00 33.62  ? 480 ILE B CG2 1 
ATOM   966  C CD1 . ILE B 1 78 ? 15.255  3.706   -12.373 1.00 33.56  ? 480 ILE B CD1 1 
ATOM   967  N N   . LEU B 1 79 ? 13.936  -1.259  -11.008 1.00 28.23  ? 481 LEU B N   1 
ATOM   968  C CA  . LEU B 1 79 ? 14.277  -2.587  -10.514 1.00 24.00  ? 481 LEU B CA  1 
ATOM   969  C C   . LEU B 1 79 ? 14.733  -3.543  -11.612 1.00 28.11  ? 481 LEU B C   1 
ATOM   970  O O   . LEU B 1 79 ? 15.627  -4.358  -11.385 1.00 30.07  ? 481 LEU B O   1 
ATOM   971  C CB  . LEU B 1 79 ? 13.096  -3.197  -9.754  1.00 21.86  ? 481 LEU B CB  1 
ATOM   972  C CG  . LEU B 1 79 ? 13.425  -4.471  -8.962  1.00 20.73  ? 481 LEU B CG  1 
ATOM   973  C CD1 . LEU B 1 79 ? 14.546  -4.172  -7.969  1.00 16.60  ? 481 LEU B CD1 1 
ATOM   974  C CD2 . LEU B 1 79 ? 12.193  -4.973  -8.235  1.00 17.79  ? 481 LEU B CD2 1 
ATOM   975  N N   . ASP B 1 80 ? 14.125  -3.451  -12.794 1.00 29.66  ? 482 ASP B N   1 
ATOM   976  C CA  . ASP B 1 80 ? 14.502  -4.319  -13.913 1.00 31.20  ? 482 ASP B CA  1 
ATOM   977  C C   . ASP B 1 80 ? 15.907  -4.022  -14.418 1.00 31.32  ? 482 ASP B C   1 
ATOM   978  O O   . ASP B 1 80 ? 16.519  -4.843  -15.100 1.00 31.13  ? 482 ASP B O   1 
ATOM   979  C CB  . ASP B 1 80 ? 13.514  -4.171  -15.073 1.00 34.54  ? 482 ASP B CB  1 
ATOM   980  C CG  . ASP B 1 80 ? 12.373  -5.165  -14.996 1.00 41.53  ? 482 ASP B CG  1 
ATOM   981  O OD1 . ASP B 1 80 ? 12.632  -6.387  -15.071 1.00 41.99  ? 482 ASP B OD1 1 
ATOM   982  O OD2 . ASP B 1 80 ? 11.212  -4.724  -14.860 1.00 48.14  ? 482 ASP B OD2 1 
ATOM   983  N N   . THR B 1 81 ? 16.415  -2.844  -14.084 1.00 30.89  ? 483 THR B N   1 
ATOM   984  C CA  . THR B 1 81 ? 17.752  -2.446  -14.502 1.00 34.24  ? 483 THR B CA  1 
ATOM   985  C C   . THR B 1 81 ? 18.818  -3.133  -13.656 1.00 33.16  ? 483 THR B C   1 
ATOM   986  O O   . THR B 1 81 ? 19.996  -3.141  -14.011 1.00 33.95  ? 483 THR B O   1 
ATOM   987  C CB  . THR B 1 81 ? 17.938  -0.916  -14.395 1.00 34.77  ? 483 THR B CB  1 
ATOM   988  O OG1 . THR B 1 81 ? 16.989  -0.262  -15.246 1.00 37.61  ? 483 THR B OG1 1 
ATOM   989  C CG2 . THR B 1 81 ? 19.346  -0.517  -14.822 1.00 40.93  ? 483 THR B CG2 1 
ATOM   990  N N   . VAL B 1 82 ? 18.396  -3.709  -12.535 1.00 33.08  ? 484 VAL B N   1 
ATOM   991  C CA  . VAL B 1 82 ? 19.315  -4.401  -11.641 1.00 32.78  ? 484 VAL B CA  1 
ATOM   992  C C   . VAL B 1 82 ? 19.780  -5.699  -12.291 1.00 34.12  ? 484 VAL B C   1 
ATOM   993  O O   . VAL B 1 82 ? 18.957  -6.630  -12.382 1.00 34.46  ? 484 VAL B O   1 
ATOM   994  C CB  . VAL B 1 82 ? 18.646  -4.730  -10.284 1.00 32.58  ? 484 VAL B CB  1 
ATOM   995  C CG1 . VAL B 1 82 ? 19.679  -5.276  -9.308  1.00 27.73  ? 484 VAL B CG1 1 
ATOM   996  C CG2 . VAL B 1 82 ? 17.988  -3.490  -9.714  1.00 33.21  ? 484 VAL B CG2 1 
ATOM   997  N N   . ASN C 1 7  ? 26.288  -0.904  2.959   1.00 34.10  ? 143 ASN C N   1 
ATOM   998  C CA  . ASN C 1 7  ? 25.030  -0.474  2.287   1.00 33.54  ? 143 ASN C CA  1 
ATOM   999  C C   . ASN C 1 7  ? 23.991  -1.598  2.162   1.00 33.27  ? 143 ASN C C   1 
ATOM   1000 O O   . ASN C 1 7  ? 22.805  -1.341  2.344   1.00 33.53  ? 143 ASN C O   1 
ATOM   1001 C CB  . ASN C 1 7  ? 25.327  0.089   0.887   1.00 34.90  ? 143 ASN C CB  1 
ATOM   1002 C CG  . ASN C 1 7  ? 25.887  1.506   0.926   1.00 36.29  ? 143 ASN C CG  1 
ATOM   1003 O OD1 . ASN C 1 7  ? 25.317  2.397   1.560   1.00 38.33  ? 143 ASN C OD1 1 
ATOM   1004 N ND2 . ASN C 1 7  ? 27.006  1.720   0.239   1.00 38.25  ? 143 ASN C ND2 1 
ATOM   1005 N N   . ILE C 1 8  ? 24.412  -2.826  1.847   1.00 29.67  ? 144 ILE C N   1 
ATOM   1006 C CA  . ILE C 1 8  ? 23.464  -3.931  1.704   1.00 29.91  ? 144 ILE C CA  1 
ATOM   1007 C C   . ILE C 1 8  ? 22.593  -4.085  2.964   1.00 28.12  ? 144 ILE C C   1 
ATOM   1008 O O   . ILE C 1 8  ? 21.365  -4.201  2.848   1.00 27.24  ? 144 ILE C O   1 
ATOM   1009 C CB  . ILE C 1 8  ? 24.209  -5.264  1.344   1.00 30.91  ? 144 ILE C CB  1 
ATOM   1010 C CG1 . ILE C 1 8  ? 24.696  -5.198  -0.108  1.00 32.35  ? 144 ILE C CG1 1 
ATOM   1011 C CG2 . ILE C 1 8  ? 23.314  -6.469  1.551   1.00 33.31  ? 144 ILE C CG2 1 
ATOM   1012 C CD1 . ILE C 1 8  ? 25.255  -6.511  -0.652  1.00 33.07  ? 144 ILE C CD1 1 
ATOM   1013 N N   . ASN C 1 9  ? 23.216  -4.051  4.149   1.00 28.20  ? 145 ASN C N   1 
ATOM   1014 C CA  . ASN C 1 9  ? 22.495  -4.181  5.419   1.00 26.13  ? 145 ASN C CA  1 
ATOM   1015 C C   . ASN C 1 9  ? 21.597  -2.988  5.667   1.00 26.41  ? 145 ASN C C   1 
ATOM   1016 O O   . ASN C 1 9  ? 20.591  -3.098  6.358   1.00 21.77  ? 145 ASN C O   1 
ATOM   1017 C CB  . ASN C 1 9  ? 23.455  -4.250  6.599   1.00 27.18  ? 145 ASN C CB  1 
ATOM   1018 C CG  . ASN C 1 9  ? 23.901  -5.656  6.891   1.00 20.91  ? 145 ASN C CG  1 
ATOM   1019 O OD1 . ASN C 1 9  ? 23.072  -6.561  6.940   1.00 20.91  ? 145 ASN C OD1 1 
ATOM   1020 N ND2 . ASN C 1 9  ? 25.216  -5.853  7.085   1.00 20.91  ? 145 ASN C ND2 1 
ATOM   1021 N N   . LYS C 1 10 ? 21.993  -1.832  5.158   1.00 27.78  ? 146 LYS C N   1 
ATOM   1022 C CA  . LYS C 1 10 ? 21.187  -0.632  5.328   1.00 29.11  ? 146 LYS C CA  1 
ATOM   1023 C C   . LYS C 1 10 ? 19.941  -0.750  4.446   1.00 27.72  ? 146 LYS C C   1 
ATOM   1024 O O   . LYS C 1 10 ? 18.832  -0.448  4.878   1.00 26.78  ? 146 LYS C O   1 
ATOM   1025 C CB  . LYS C 1 10 ? 22.004  0.607   4.966   1.00 31.30  ? 146 LYS C CB  1 
ATOM   1026 C CG  . LYS C 1 10 ? 23.069  0.952   6.023   1.00 38.62  ? 146 LYS C CG  1 
ATOM   1027 C CD  . LYS C 1 10 ? 23.411  2.448   6.034   1.00 41.29  ? 146 LYS C CD  1 
ATOM   1028 C CE  . LYS C 1 10 ? 24.052  2.859   7.370   1.00 42.02  ? 146 LYS C CE  1 
ATOM   1029 N NZ  . LYS C 1 10 ? 24.193  4.344   7.479   1.00 45.21  ? 146 LYS C NZ  1 
ATOM   1030 N N   . LEU C 1 11 ? 20.131  -1.206  3.214   1.00 25.38  ? 147 LEU C N   1 
ATOM   1031 C CA  . LEU C 1 11 ? 19.017  -1.392  2.289   1.00 25.98  ? 147 LEU C CA  1 
ATOM   1032 C C   . LEU C 1 11 ? 17.999  -2.334  2.919   1.00 24.02  ? 147 LEU C C   1 
ATOM   1033 O O   . LEU C 1 11 ? 16.811  -2.032  2.982   1.00 23.88  ? 147 LEU C O   1 
ATOM   1034 C CB  . LEU C 1 11 ? 19.508  -1.995  0.968   1.00 26.40  ? 147 LEU C CB  1 
ATOM   1035 C CG  . LEU C 1 11 ? 20.009  -1.037  -0.111  1.00 27.82  ? 147 LEU C CG  1 
ATOM   1036 C CD1 . LEU C 1 11 ? 20.376  -1.819  -1.356  1.00 28.42  ? 147 LEU C CD1 1 
ATOM   1037 C CD2 . LEU C 1 11 ? 18.913  -0.039  -0.429  1.00 26.29  ? 147 LEU C CD2 1 
ATOM   1038 N N   . LYS C 1 12 ? 18.483  -3.481  3.382   1.00 22.86  ? 148 LYS C N   1 
ATOM   1039 C CA  . LYS C 1 12 ? 17.636  -4.488  4.023   1.00 21.51  ? 148 LYS C CA  1 
ATOM   1040 C C   . LYS C 1 12 ? 16.823  -3.869  5.164   1.00 22.96  ? 148 LYS C C   1 
ATOM   1041 O O   . LYS C 1 12 ? 15.598  -3.994  5.206   1.00 21.28  ? 148 LYS C O   1 
ATOM   1042 C CB  . LYS C 1 12 ? 18.512  -5.634  4.555   1.00 22.24  ? 148 LYS C CB  1 
ATOM   1043 C CG  . LYS C 1 12 ? 17.796  -6.752  5.334   1.00 25.88  ? 148 LYS C CG  1 
ATOM   1044 C CD  . LYS C 1 12 ? 18.831  -7.757  5.851   1.00 30.75  ? 148 LYS C CD  1 
ATOM   1045 C CE  . LYS C 1 12 ? 18.271  -8.744  6.873   1.00 31.88  ? 148 LYS C CE  1 
ATOM   1046 N NZ  . LYS C 1 12 ? 17.360  -9.748  6.273   1.00 36.99  ? 148 LYS C NZ  1 
ATOM   1047 N N   . SER C 1 13 ? 17.505  -3.186  6.077   1.00 23.46  ? 149 SER C N   1 
ATOM   1048 C CA  . SER C 1 13 ? 16.833  -2.562  7.212   1.00 26.26  ? 149 SER C CA  1 
ATOM   1049 C C   . SER C 1 13 ? 15.771  -1.576  6.740   1.00 23.67  ? 149 SER C C   1 
ATOM   1050 O O   . SER C 1 13 ? 14.717  -1.437  7.365   1.00 24.99  ? 149 SER C O   1 
ATOM   1051 C CB  . SER C 1 13 ? 17.852  -1.846  8.101   1.00 29.00  ? 149 SER C CB  1 
ATOM   1052 O OG  . SER C 1 13 ? 17.243  -1.351  9.285   1.00 37.55  ? 149 SER C OG  1 
ATOM   1053 N N   . SER C 1 14 ? 16.049  -0.900  5.633   1.00 22.40  ? 150 SER C N   1 
ATOM   1054 C CA  . SER C 1 14 ? 15.113  0.073   5.073   1.00 22.41  ? 150 SER C CA  1 
ATOM   1055 C C   . SER C 1 14 ? 13.888  -0.625  4.491   1.00 19.76  ? 150 SER C C   1 
ATOM   1056 O O   . SER C 1 14 ? 12.765  -0.172  4.675   1.00 17.04  ? 150 SER C O   1 
ATOM   1057 C CB  . SER C 1 14 ? 15.798  0.891   3.969   1.00 27.02  ? 150 SER C CB  1 
ATOM   1058 O OG  . SER C 1 14 ? 14.913  1.839   3.396   1.00 24.68  ? 150 SER C OG  1 
ATOM   1059 N N   . ILE C 1 15 ? 14.120  -1.726  3.784   1.00 19.73  ? 151 ILE C N   1 
ATOM   1060 C CA  . ILE C 1 15 ? 13.040  -2.487  3.162   1.00 21.30  ? 151 ILE C CA  1 
ATOM   1061 C C   . ILE C 1 15 ? 12.113  -3.114  4.184   1.00 19.53  ? 151 ILE C C   1 
ATOM   1062 O O   . ILE C 1 15 ? 10.909  -3.179  3.967   1.00 20.57  ? 151 ILE C O   1 
ATOM   1063 C CB  . ILE C 1 15 ? 13.584  -3.614  2.259   1.00 22.41  ? 151 ILE C CB  1 
ATOM   1064 C CG1 . ILE C 1 15 ? 14.538  -3.031  1.227   1.00 22.81  ? 151 ILE C CG1 1 
ATOM   1065 C CG2 . ILE C 1 15 ? 12.443  -4.307  1.544   1.00 21.93  ? 151 ILE C CG2 1 
ATOM   1066 C CD1 . ILE C 1 15 ? 13.961  -1.848  0.501   1.00 33.08  ? 151 ILE C CD1 1 
ATOM   1067 N N   . GLU C 1 16 ? 12.668  -3.588  5.295   1.00 18.83  ? 152 GLU C N   1 
ATOM   1068 C CA  . GLU C 1 16 ? 11.833  -4.196  6.328   1.00 18.89  ? 152 GLU C CA  1 
ATOM   1069 C C   . GLU C 1 16 ? 10.762  -3.209  6.786   1.00 15.98  ? 152 GLU C C   1 
ATOM   1070 O O   . GLU C 1 16 ? 9.626   -3.597  7.038   1.00 16.55  ? 152 GLU C O   1 
ATOM   1071 C CB  . GLU C 1 16 ? 12.683  -4.639  7.525   1.00 22.24  ? 152 GLU C CB  1 
ATOM   1072 C CG  . GLU C 1 16 ? 13.709  -5.700  7.180   1.00 30.69  ? 152 GLU C CG  1 
ATOM   1073 C CD  . GLU C 1 16 ? 14.587  -6.088  8.360   1.00 35.77  ? 152 GLU C CD  1 
ATOM   1074 O OE1 . GLU C 1 16 ? 15.099  -5.179  9.052   1.00 37.98  ? 152 GLU C OE1 1 
ATOM   1075 O OE2 . GLU C 1 16 ? 14.777  -7.301  8.586   1.00 36.11  ? 152 GLU C OE2 1 
ATOM   1076 N N   . SER C 1 17 ? 11.125  -1.934  6.902   1.00 18.28  ? 153 SER C N   1 
ATOM   1077 C CA  . SER C 1 17 ? 10.155  -0.919  7.313   1.00 20.50  ? 153 SER C CA  1 
ATOM   1078 C C   . SER C 1 17 ? 9.100   -0.707  6.223   1.00 17.16  ? 153 SER C C   1 
ATOM   1079 O O   . SER C 1 17 ? 7.918   -0.528  6.515   1.00 15.12  ? 153 SER C O   1 
ATOM   1080 C CB  . SER C 1 17 ? 10.852  0.407   7.616   1.00 22.51  ? 153 SER C CB  1 
ATOM   1081 O OG  . SER C 1 17 ? 11.403  0.403   8.919   1.00 29.51  ? 153 SER C OG  1 
ATOM   1082 N N   . THR C 1 18 ? 9.540   -0.710  4.970   1.00 18.29  ? 154 THR C N   1 
ATOM   1083 C CA  . THR C 1 18 ? 8.628   -0.551  3.850   1.00 15.51  ? 154 THR C CA  1 
ATOM   1084 C C   . THR C 1 18 ? 7.598   -1.675  3.915   1.00 12.78  ? 154 THR C C   1 
ATOM   1085 O O   . THR C 1 18 ? 6.396   -1.431  3.828   1.00 10.87  ? 154 THR C O   1 
ATOM   1086 C CB  . THR C 1 18 ? 9.365   -0.648  2.495   1.00 19.43  ? 154 THR C CB  1 
ATOM   1087 O OG1 . THR C 1 18 ? 10.210  0.498   2.315   1.00 21.49  ? 154 THR C OG1 1 
ATOM   1088 C CG2 . THR C 1 18 ? 8.358   -0.737  1.351   1.00 13.30  ? 154 THR C CG2 1 
ATOM   1089 N N   . ASN C 1 19 ? 8.076   -2.905  4.067   1.00 13.82  ? 155 ASN C N   1 
ATOM   1090 C CA  . ASN C 1 19 ? 7.177   -4.053  4.146   1.00 16.09  ? 155 ASN C CA  1 
ATOM   1091 C C   . ASN C 1 19 ? 6.255   -3.977  5.353   1.00 16.34  ? 155 ASN C C   1 
ATOM   1092 O O   . ASN C 1 19 ? 5.130   -4.463  5.303   1.00 18.85  ? 155 ASN C O   1 
ATOM   1093 C CB  . ASN C 1 19 ? 7.967   -5.365  4.162   1.00 14.51  ? 155 ASN C CB  1 
ATOM   1094 C CG  . ASN C 1 19 ? 8.677   -5.627  2.848   1.00 18.81  ? 155 ASN C CG  1 
ATOM   1095 O OD1 . ASN C 1 19 ? 8.311   -5.058  1.812   1.00 10.76  ? 155 ASN C OD1 1 
ATOM   1096 N ND2 . ASN C 1 19 ? 9.688   -6.499  2.873   1.00 15.21  ? 155 ASN C ND2 1 
ATOM   1097 N N   . GLU C 1 20 ? 6.715   -3.373  6.442   1.00 16.89  ? 156 GLU C N   1 
ATOM   1098 C CA  . GLU C 1 20 ? 5.845   -3.251  7.607   1.00 17.92  ? 156 GLU C CA  1 
ATOM   1099 C C   . GLU C 1 20 ? 4.770   -2.236  7.251   1.00 17.93  ? 156 GLU C C   1 
ATOM   1100 O O   . GLU C 1 20 ? 3.608   -2.396  7.611   1.00 16.10  ? 156 GLU C O   1 
ATOM   1101 C CB  . GLU C 1 20 ? 6.621   -2.784  8.837   1.00 19.07  ? 156 GLU C CB  1 
ATOM   1102 C CG  . GLU C 1 20 ? 7.076   -3.917  9.740   1.00 29.53  ? 156 GLU C CG  1 
ATOM   1103 C CD  . GLU C 1 20 ? 5.958   -4.914  10.027  1.00 36.01  ? 156 GLU C CD  1 
ATOM   1104 O OE1 . GLU C 1 20 ? 4.819   -4.479  10.315  1.00 38.18  ? 156 GLU C OE1 1 
ATOM   1105 O OE2 . GLU C 1 20 ? 6.218   -6.136  9.966   1.00 38.20  ? 156 GLU C OE2 1 
ATOM   1106 N N   . ALA C 1 21 ? 5.172   -1.200  6.524   1.00 15.99  ? 157 ALA C N   1 
ATOM   1107 C CA  . ALA C 1 21 ? 4.246   -0.164  6.095   1.00 17.19  ? 157 ALA C CA  1 
ATOM   1108 C C   . ALA C 1 21 ? 3.109   -0.779  5.280   1.00 17.48  ? 157 ALA C C   1 
ATOM   1109 O O   . ALA C 1 21 ? 1.936   -0.430  5.460   1.00 18.58  ? 157 ALA C O   1 
ATOM   1110 C CB  . ALA C 1 21 ? 4.980   0.878   5.255   1.00 16.34  ? 157 ALA C CB  1 
ATOM   1111 N N   . VAL C 1 22 ? 3.465   -1.702  4.393   1.00 14.84  ? 158 VAL C N   1 
ATOM   1112 C CA  . VAL C 1 22 ? 2.484   -2.365  3.543   1.00 17.35  ? 158 VAL C CA  1 
ATOM   1113 C C   . VAL C 1 22 ? 1.549   -3.258  4.347   1.00 14.92  ? 158 VAL C C   1 
ATOM   1114 O O   . VAL C 1 22 ? 0.354   -3.330  4.055   1.00 17.28  ? 158 VAL C O   1 
ATOM   1115 C CB  . VAL C 1 22 ? 3.177   -3.196  2.432   1.00 13.51  ? 158 VAL C CB  1 
ATOM   1116 C CG1 . VAL C 1 22 ? 2.145   -3.938  1.593   1.00 16.39  ? 158 VAL C CG1 1 
ATOM   1117 C CG2 . VAL C 1 22 ? 3.986   -2.273  1.554   1.00 14.68  ? 158 VAL C CG2 1 
ATOM   1118 N N   . VAL C 1 23 ? 2.086   -3.933  5.360   1.00 14.36  ? 159 VAL C N   1 
ATOM   1119 C CA  . VAL C 1 23 ? 1.257   -4.795  6.192   1.00 11.82  ? 159 VAL C CA  1 
ATOM   1120 C C   . VAL C 1 23 ? 0.189   -3.941  6.863   1.00 10.74  ? 159 VAL C C   1 
ATOM   1121 O O   . VAL C 1 23 ? -0.970  -4.336  6.954   1.00 15.17  ? 159 VAL C O   1 
ATOM   1122 C CB  . VAL C 1 23 ? 2.096   -5.526  7.258   1.00 12.89  ? 159 VAL C CB  1 
ATOM   1123 C CG1 . VAL C 1 23 ? 1.186   -6.207  8.283   1.00 10.12  ? 159 VAL C CG1 1 
ATOM   1124 C CG2 . VAL C 1 23 ? 2.972   -6.564  6.580   1.00 12.83  ? 159 VAL C CG2 1 
ATOM   1125 N N   . LYS C 1 24 ? 0.582   -2.757  7.313   1.00 13.71  ? 160 LYS C N   1 
ATOM   1126 C CA  . LYS C 1 24 ? -0.355  -1.856  7.964   1.00 16.75  ? 160 LYS C CA  1 
ATOM   1127 C C   . LYS C 1 24 ? -1.453  -1.406  7.020   1.00 16.92  ? 160 LYS C C   1 
ATOM   1128 O O   . LYS C 1 24 ? -2.611  -1.332  7.417   1.00 20.08  ? 160 LYS C O   1 
ATOM   1129 C CB  . LYS C 1 24 ? 0.377   -0.644  8.532   1.00 20.33  ? 160 LYS C CB  1 
ATOM   1130 C CG  . LYS C 1 24 ? 0.681   -0.753  10.014  1.00 26.41  ? 160 LYS C CG  1 
ATOM   1131 C CD  . LYS C 1 24 ? 1.440   -2.017  10.361  1.00 30.59  ? 160 LYS C CD  1 
ATOM   1132 C CE  . LYS C 1 24 ? 1.567   -2.162  11.876  1.00 34.96  ? 160 LYS C CE  1 
ATOM   1133 N NZ  . LYS C 1 24 ? 2.233   -3.432  12.268  1.00 37.16  ? 160 LYS C NZ  1 
ATOM   1134 N N   . LEU C 1 25 ? -1.106  -1.096  5.774   1.00 18.17  ? 161 LEU C N   1 
ATOM   1135 C CA  . LEU C 1 25 ? -2.141  -0.687  4.828   1.00 16.68  ? 161 LEU C CA  1 
ATOM   1136 C C   . LEU C 1 25 ? -3.091  -1.854  4.585   1.00 14.05  ? 161 LEU C C   1 
ATOM   1137 O O   . LEU C 1 25 ? -4.294  -1.656  4.448   1.00 14.56  ? 161 LEU C O   1 
ATOM   1138 C CB  . LEU C 1 25 ? -1.538  -0.224  3.500   1.00 13.46  ? 161 LEU C CB  1 
ATOM   1139 C CG  . LEU C 1 25 ? -0.851  1.148   3.490   1.00 15.50  ? 161 LEU C CG  1 
ATOM   1140 C CD1 . LEU C 1 25 ? -0.269  1.408   2.104   1.00 12.68  ? 161 LEU C CD1 1 
ATOM   1141 C CD2 . LEU C 1 25 ? -1.845  2.241   3.867   1.00 14.03  ? 161 LEU C CD2 1 
ATOM   1142 N N   . GLN C 1 26 ? -2.553  -3.070  4.528   1.00 16.78  ? 162 GLN C N   1 
ATOM   1143 C CA  . GLN C 1 26 ? -3.398  -4.248  4.311   1.00 19.74  ? 162 GLN C CA  1 
ATOM   1144 C C   . GLN C 1 26 ? -4.387  -4.386  5.476   1.00 22.00  ? 162 GLN C C   1 
ATOM   1145 O O   . GLN C 1 26 ? -5.564  -4.702  5.275   1.00 22.65  ? 162 GLN C O   1 
ATOM   1146 C CB  . GLN C 1 26 ? -2.538  -5.513  4.188   1.00 19.97  ? 162 GLN C CB  1 
ATOM   1147 C CG  . GLN C 1 26 ? -1.390  -5.365  3.185   1.00 19.44  ? 162 GLN C CG  1 
ATOM   1148 C CD  . GLN C 1 26 ? -0.591  -6.636  2.981   1.00 18.39  ? 162 GLN C CD  1 
ATOM   1149 O OE1 . GLN C 1 26 ? -0.309  -7.374  3.928   1.00 18.01  ? 162 GLN C OE1 1 
ATOM   1150 N NE2 . GLN C 1 26 ? -0.202  -6.893  1.732   1.00 16.73  ? 162 GLN C NE2 1 
ATOM   1151 N N   . GLU C 1 27 ? -3.906  -4.132  6.692   1.00 20.08  ? 163 GLU C N   1 
ATOM   1152 C CA  . GLU C 1 27 ? -4.756  -4.218  7.872   1.00 21.20  ? 163 GLU C CA  1 
ATOM   1153 C C   . GLU C 1 27 ? -5.823  -3.135  7.787   1.00 22.30  ? 163 GLU C C   1 
ATOM   1154 O O   . GLU C 1 27 ? -6.965  -3.326  8.223   1.00 19.24  ? 163 GLU C O   1 
ATOM   1155 C CB  . GLU C 1 27 ? -3.936  -4.015  9.143   1.00 24.12  ? 163 GLU C CB  1 
ATOM   1156 C CG  . GLU C 1 27 ? -3.032  -5.169  9.524   1.00 24.81  ? 163 GLU C CG  1 
ATOM   1157 C CD  . GLU C 1 27 ? -2.246  -4.859  10.782  1.00 30.58  ? 163 GLU C CD  1 
ATOM   1158 O OE1 . GLU C 1 27 ? -2.710  -3.988  11.554  1.00 33.38  ? 163 GLU C OE1 1 
ATOM   1159 O OE2 . GLU C 1 27 ? -1.182  -5.480  11.008  1.00 30.37  ? 163 GLU C OE2 1 
ATOM   1160 N N   . THR C 1 28 ? -5.430  -1.995  7.228   1.00 20.86  ? 164 THR C N   1 
ATOM   1161 C CA  . THR C 1 28 ? -6.338  -0.874  7.068   1.00 20.81  ? 164 THR C CA  1 
ATOM   1162 C C   . THR C 1 28 ? -7.390  -1.209  6.028   1.00 18.72  ? 164 THR C C   1 
ATOM   1163 O O   . THR C 1 28 ? -8.548  -0.811  6.144   1.00 18.79  ? 164 THR C O   1 
ATOM   1164 C CB  . THR C 1 28 ? -5.592  0.399   6.636   1.00 21.40  ? 164 THR C CB  1 
ATOM   1165 O OG1 . THR C 1 28 ? -4.625  0.743   7.636   1.00 19.34  ? 164 THR C OG1 1 
ATOM   1166 C CG2 . THR C 1 28 ? -6.570  1.556   6.455   1.00 16.75  ? 164 THR C CG2 1 
ATOM   1167 N N   . ALA C 1 29 ? -6.974  -1.958  5.014   1.00 18.28  ? 165 ALA C N   1 
ATOM   1168 C CA  . ALA C 1 29 ? -7.874  -2.366  3.944   1.00 18.04  ? 165 ALA C CA  1 
ATOM   1169 C C   . ALA C 1 29 ? -8.817  -3.460  4.445   1.00 19.33  ? 165 ALA C C   1 
ATOM   1170 O O   . ALA C 1 29 ? -9.936  -3.593  3.953   1.00 17.57  ? 165 ALA C O   1 
ATOM   1171 C CB  . ALA C 1 29 ? -7.070  -2.858  2.751   1.00 13.95  ? 165 ALA C CB  1 
ATOM   1172 N N   . GLU C 1 30 ? -8.366  -4.247  5.419   1.00 19.28  ? 166 GLU C N   1 
ATOM   1173 C CA  . GLU C 1 30 ? -9.212  -5.300  5.975   1.00 20.21  ? 166 GLU C CA  1 
ATOM   1174 C C   . GLU C 1 30 ? -10.430 -4.660  6.612   1.00 16.14  ? 166 GLU C C   1 
ATOM   1175 O O   . GLU C 1 30 ? -11.561 -5.074  6.377   1.00 18.87  ? 166 GLU C O   1 
ATOM   1176 C CB  . GLU C 1 30 ? -8.486  -6.091  7.065   1.00 23.85  ? 166 GLU C CB  1 
ATOM   1177 C CG  . GLU C 1 30 ? -7.647  -7.251  6.589   1.00 33.79  ? 166 GLU C CG  1 
ATOM   1178 C CD  . GLU C 1 30 ? -7.063  -8.030  7.751   1.00 39.98  ? 166 GLU C CD  1 
ATOM   1179 O OE1 . GLU C 1 30 ? -7.856  -8.569  8.557   1.00 44.59  ? 166 GLU C OE1 1 
ATOM   1180 O OE2 . GLU C 1 30 ? -5.818  -8.093  7.864   1.00 42.58  ? 166 GLU C OE2 1 
ATOM   1181 N N   . LYS C 1 31 ? -10.174 -3.654  7.439   1.00 17.08  ? 167 LYS C N   1 
ATOM   1182 C CA  . LYS C 1 31 ? -11.234 -2.953  8.148   1.00 15.77  ? 167 LYS C CA  1 
ATOM   1183 C C   . LYS C 1 31 ? -12.109 -2.182  7.174   1.00 19.36  ? 167 LYS C C   1 
ATOM   1184 O O   . LYS C 1 31 ? -13.309 -2.027  7.409   1.00 21.76  ? 167 LYS C O   1 
ATOM   1185 C CB  . LYS C 1 31 ? -10.639 -2.007  9.188   1.00 16.93  ? 167 LYS C CB  1 
ATOM   1186 C CG  . LYS C 1 31 ? -9.641  -2.670  10.141  1.00 25.63  ? 167 LYS C CG  1 
ATOM   1187 C CD  . LYS C 1 31 ? -9.167  -1.673  11.198  1.00 34.43  ? 167 LYS C CD  1 
ATOM   1188 C CE  . LYS C 1 31 ? -7.693  -1.862  11.558  1.00 34.44  ? 167 LYS C CE  1 
ATOM   1189 N NZ  . LYS C 1 31 ? -7.428  -3.173  12.199  1.00 39.67  ? 167 LYS C NZ  1 
ATOM   1190 N N   . THR C 1 32 ? -11.511 -1.698  6.086   1.00 15.30  ? 168 THR C N   1 
ATOM   1191 C CA  . THR C 1 32 ? -12.271 -0.969  5.078   1.00 18.79  ? 168 THR C CA  1 
ATOM   1192 C C   . THR C 1 32 ? -13.290 -1.938  4.476   1.00 17.64  ? 168 THR C C   1 
ATOM   1193 O O   . THR C 1 32 ? -14.461 -1.602  4.312   1.00 20.61  ? 168 THR C O   1 
ATOM   1194 C CB  . THR C 1 32 ? -11.357 -0.431  3.950   1.00 22.24  ? 168 THR C CB  1 
ATOM   1195 O OG1 . THR C 1 32 ? -10.371 0.447   4.510   1.00 25.37  ? 168 THR C OG1 1 
ATOM   1196 C CG2 . THR C 1 32 ? -12.174 0.335   2.916   1.00 21.42  ? 168 THR C CG2 1 
ATOM   1197 N N   . VAL C 1 33 ? -12.845 -3.144  4.151   1.00 16.54  ? 169 VAL C N   1 
ATOM   1198 C CA  . VAL C 1 33 ? -13.751 -4.139  3.589   1.00 15.82  ? 169 VAL C CA  1 
ATOM   1199 C C   . VAL C 1 33 ? -14.865 -4.492  4.577   1.00 19.25  ? 169 VAL C C   1 
ATOM   1200 O O   . VAL C 1 33 ? -16.004 -4.730  4.179   1.00 18.71  ? 169 VAL C O   1 
ATOM   1201 C CB  . VAL C 1 33 ? -13.003 -5.430  3.216   1.00 17.51  ? 169 VAL C CB  1 
ATOM   1202 C CG1 . VAL C 1 33 ? -14.003 -6.537  2.916   1.00 14.88  ? 169 VAL C CG1 1 
ATOM   1203 C CG2 . VAL C 1 33 ? -12.108 -5.182  2.006   1.00 13.27  ? 169 VAL C CG2 1 
ATOM   1204 N N   . TYR C 1 34 ? -14.535 -4.526  5.865   1.00 20.86  ? 170 TYR C N   1 
ATOM   1205 C CA  . TYR C 1 34 ? -15.521 -4.852  6.893   1.00 23.88  ? 170 TYR C CA  1 
ATOM   1206 C C   . TYR C 1 34 ? -16.662 -3.852  6.868   1.00 21.56  ? 170 TYR C C   1 
ATOM   1207 O O   . TYR C 1 34 ? -17.824 -4.213  6.694   1.00 18.64  ? 170 TYR C O   1 
ATOM   1208 C CB  . TYR C 1 34 ? -14.878 -4.823  8.278   1.00 32.29  ? 170 TYR C CB  1 
ATOM   1209 C CG  . TYR C 1 34 ? -13.848 -5.898  8.525   1.00 39.42  ? 170 TYR C CG  1 
ATOM   1210 C CD1 . TYR C 1 34 ? -12.736 -5.647  9.331   1.00 41.89  ? 170 TYR C CD1 1 
ATOM   1211 C CD2 . TYR C 1 34 ? -13.991 -7.172  7.976   1.00 44.50  ? 170 TYR C CD2 1 
ATOM   1212 C CE1 . TYR C 1 34 ? -11.791 -6.633  9.584   1.00 44.76  ? 170 TYR C CE1 1 
ATOM   1213 C CE2 . TYR C 1 34 ? -13.051 -8.171  8.222   1.00 46.19  ? 170 TYR C CE2 1 
ATOM   1214 C CZ  . TYR C 1 34 ? -11.955 -7.895  9.027   1.00 47.24  ? 170 TYR C CZ  1 
ATOM   1215 O OH  . TYR C 1 34 ? -11.018 -8.878  9.268   1.00 52.20  ? 170 TYR C OH  1 
ATOM   1216 N N   . VAL C 1 35 ? -16.309 -2.585  7.049   1.00 22.42  ? 171 VAL C N   1 
ATOM   1217 C CA  . VAL C 1 35 ? -17.279 -1.508  7.064   1.00 22.16  ? 171 VAL C CA  1 
ATOM   1218 C C   . VAL C 1 35 ? -18.103 -1.471  5.788   1.00 24.94  ? 171 VAL C C   1 
ATOM   1219 O O   . VAL C 1 35 ? -19.315 -1.293  5.842   1.00 23.52  ? 171 VAL C O   1 
ATOM   1220 C CB  . VAL C 1 35 ? -16.592 -0.148  7.251   1.00 24.00  ? 171 VAL C CB  1 
ATOM   1221 C CG1 . VAL C 1 35 ? -15.805 -0.133  8.561   1.00 23.64  ? 171 VAL C CG1 1 
ATOM   1222 C CG2 . VAL C 1 35 ? -15.672 0.120   6.089   1.00 27.66  ? 171 VAL C CG2 1 
ATOM   1223 N N   . LEU C 1 36 ? -17.460 -1.636  4.635   1.00 24.03  ? 172 LEU C N   1 
ATOM   1224 C CA  . LEU C 1 36 ? -18.214 -1.617  3.394   1.00 25.00  ? 172 LEU C CA  1 
ATOM   1225 C C   . LEU C 1 36 ? -19.172 -2.798  3.354   1.00 24.09  ? 172 LEU C C   1 
ATOM   1226 O O   . LEU C 1 36 ? -20.294 -2.665  2.868   1.00 23.65  ? 172 LEU C O   1 
ATOM   1227 C CB  . LEU C 1 36 ? -17.284 -1.655  2.178   1.00 21.04  ? 172 LEU C CB  1 
ATOM   1228 C CG  . LEU C 1 36 ? -16.471 -0.387  1.926   1.00 22.73  ? 172 LEU C CG  1 
ATOM   1229 C CD1 . LEU C 1 36 ? -15.624 -0.590  0.690   1.00 16.24  ? 172 LEU C CD1 1 
ATOM   1230 C CD2 . LEU C 1 36 ? -17.392 0.820   1.761   1.00 20.12  ? 172 LEU C CD2 1 
ATOM   1231 N N   . THR C 1 37 ? -18.737 -3.949  3.861   1.00 28.66  ? 173 THR C N   1 
ATOM   1232 C CA  . THR C 1 37 ? -19.597 -5.134  3.867   1.00 31.76  ? 173 THR C CA  1 
ATOM   1233 C C   . THR C 1 37 ? -20.767 -4.877  4.809   1.00 34.35  ? 173 THR C C   1 
ATOM   1234 O O   . THR C 1 37 ? -21.917 -5.173  4.480   1.00 35.06  ? 173 THR C O   1 
ATOM   1235 C CB  . THR C 1 37 ? -18.855 -6.405  4.353   1.00 29.83  ? 173 THR C CB  1 
ATOM   1236 O OG1 . THR C 1 37 ? -17.746 -6.687  3.493   1.00 32.17  ? 173 THR C OG1 1 
ATOM   1237 C CG2 . THR C 1 37 ? -19.795 -7.589  4.334   1.00 31.51  ? 173 THR C CG2 1 
ATOM   1238 N N   . ALA C 1 38 ? -20.464 -4.319  5.979   1.00 33.57  ? 174 ALA C N   1 
ATOM   1239 C CA  . ALA C 1 38 ? -21.484 -4.017  6.979   1.00 36.86  ? 174 ALA C CA  1 
ATOM   1240 C C   . ALA C 1 38 ? -22.527 -3.087  6.395   1.00 37.83  ? 174 ALA C C   1 
ATOM   1241 O O   . ALA C 1 38 ? -23.729 -3.282  6.584   1.00 40.07  ? 174 ALA C O   1 
ATOM   1242 C CB  . ALA C 1 38 ? -20.846 -3.366  8.207   1.00 36.27  ? 174 ALA C CB  1 
ATOM   1243 N N   . LEU C 1 39 ? -22.051 -2.076  5.684   1.00 37.34  ? 175 LEU C N   1 
ATOM   1244 C CA  . LEU C 1 39 ? -22.926 -1.087  5.079   1.00 38.05  ? 175 LEU C CA  1 
ATOM   1245 C C   . LEU C 1 39 ? -23.871 -1.619  4.011   1.00 38.42  ? 175 LEU C C   1 
ATOM   1246 O O   . LEU C 1 39 ? -24.968 -1.086  3.841   1.00 39.93  ? 175 LEU C O   1 
ATOM   1247 C CB  . LEU C 1 39 ? -22.105 0.055   4.469   1.00 38.22  ? 175 LEU C CB  1 
ATOM   1248 C CG  . LEU C 1 39 ? -21.400 1.008   5.429   1.00 38.72  ? 175 LEU C CG  1 
ATOM   1249 C CD1 . LEU C 1 39 ? -20.745 2.134   4.645   1.00 37.98  ? 175 LEU C CD1 1 
ATOM   1250 C CD2 . LEU C 1 39 ? -22.420 1.573   6.406   1.00 38.90  ? 175 LEU C CD2 1 
ATOM   1251 N N   . GLN C 1 40 ? -23.465 -2.637  3.260   1.00 39.24  ? 176 GLN C N   1 
ATOM   1252 C CA  . GLN C 1 40 ? -24.368 -3.104  2.222   1.00 43.25  ? 176 GLN C CA  1 
ATOM   1253 C C   . GLN C 1 40 ? -25.174 -4.346  2.603   1.00 45.16  ? 176 GLN C C   1 
ATOM   1254 O O   . GLN C 1 40 ? -25.495 -5.194  1.775   1.00 45.67  ? 176 GLN C O   1 
ATOM   1255 C CB  . GLN C 1 40 ? -23.593 -3.282  0.904   1.00 42.69  ? 176 GLN C CB  1 
ATOM   1256 C CG  . GLN C 1 40 ? -24.274 -2.669  -0.319  1.00 20.91  ? 176 GLN C CG  1 
ATOM   1257 C CD  . GLN C 1 40 ? -24.754 -3.722  -1.304  1.00 20.91  ? 176 GLN C CD  1 
ATOM   1258 O OE1 . GLN C 1 40 ? -24.939 -4.877  -0.956  1.00 20.91  ? 176 GLN C OE1 1 
ATOM   1259 N NE2 . GLN C 1 40 ? -25.005 -3.304  -2.525  1.00 20.91  ? 176 GLN C NE2 1 
ATOM   1260 N N   . ASP C 1 41 ? -25.534 -4.420  3.881   1.00 48.22  ? 177 ASP C N   1 
ATOM   1261 C CA  . ASP C 1 41 ? -26.327 -5.536  4.381   1.00 51.26  ? 177 ASP C CA  1 
ATOM   1262 C C   . ASP C 1 41 ? -27.077 -5.077  5.634   1.00 51.01  ? 177 ASP C C   1 
ATOM   1263 O O   . ASP C 1 41 ? -27.695 -3.997  5.624   1.00 52.14  ? 177 ASP C O   1 
ATOM   1264 C CB  . ASP C 1 41 ? -25.406 -6.739  4.670   1.00 54.34  ? 177 ASP C CB  1 
ATOM   1265 C CG  . ASP C 1 41 ? -26.147 -8.093  4.677   1.00 58.27  ? 177 ASP C CG  1 
ATOM   1266 O OD1 . ASP C 1 41 ? -26.915 -8.410  3.731   1.00 60.51  ? 177 ASP C OD1 1 
ATOM   1267 O OD2 . ASP C 1 41 ? -25.925 -8.859  5.639   1.00 57.62  ? 177 ASP C OD2 1 
ATOM   1268 N N   . SER C 1 55 ? -17.832 2.783   14.103  1.00 35.35  ? 457 SER C N   1 
ATOM   1269 C CA  . SER C 1 55 ? -17.077 3.868   14.734  1.00 37.33  ? 457 SER C CA  1 
ATOM   1270 C C   . SER C 1 55 ? -15.742 3.368   15.282  1.00 35.40  ? 457 SER C C   1 
ATOM   1271 O O   . SER C 1 55 ? -14.728 4.063   15.204  1.00 34.38  ? 457 SER C O   1 
ATOM   1272 C CB  . SER C 1 55 ? -17.880 4.495   15.877  1.00 37.83  ? 457 SER C CB  1 
ATOM   1273 O OG  . SER C 1 55 ? -17.932 3.631   17.002  1.00 42.52  ? 457 SER C OG  1 
ATOM   1274 N N   . SER C 1 56 ? -15.751 2.163   15.842  1.00 34.34  ? 458 SER C N   1 
ATOM   1275 C CA  . SER C 1 56 ? -14.534 1.577   16.393  1.00 33.34  ? 458 SER C CA  1 
ATOM   1276 C C   . SER C 1 56 ? -13.732 0.933   15.267  1.00 31.75  ? 458 SER C C   1 
ATOM   1277 O O   . SER C 1 56 ? -12.516 0.799   15.357  1.00 31.31  ? 458 SER C O   1 
ATOM   1278 C CB  . SER C 1 56 ? -14.877 0.540   17.462  1.00 31.91  ? 458 SER C CB  1 
ATOM   1279 O OG  . SER C 1 56 ? -15.573 -0.554  16.906  1.00 27.99  ? 458 SER C OG  1 
ATOM   1280 N N   . GLN C 1 57 ? -14.425 0.522   14.211  1.00 30.56  ? 459 GLN C N   1 
ATOM   1281 C CA  . GLN C 1 57 ? -13.749 -0.057  13.064  1.00 31.86  ? 459 GLN C CA  1 
ATOM   1282 C C   . GLN C 1 57 ? -12.955 1.110   12.484  1.00 31.30  ? 459 GLN C C   1 
ATOM   1283 O O   . GLN C 1 57 ? -11.840 0.949   11.993  1.00 30.18  ? 459 GLN C O   1 
ATOM   1284 C CB  . GLN C 1 57 ? -14.761 -0.563  12.036  1.00 35.02  ? 459 GLN C CB  1 
ATOM   1285 C CG  . GLN C 1 57 ? -15.596 -1.770  12.469  1.00 39.63  ? 459 GLN C CG  1 
ATOM   1286 C CD  . GLN C 1 57 ? -16.603 -1.456  13.569  1.00 42.35  ? 459 GLN C CD  1 
ATOM   1287 O OE1 . GLN C 1 57 ? -17.361 -0.488  13.480  1.00 44.32  ? 459 GLN C OE1 1 
ATOM   1288 N NE2 . GLN C 1 57 ? -16.625 -2.292  14.604  1.00 44.62  ? 459 GLN C NE2 1 
ATOM   1289 N N   . ILE C 1 58 ? -13.546 2.299   12.571  1.00 29.71  ? 460 ILE C N   1 
ATOM   1290 C CA  . ILE C 1 58 ? -12.912 3.511   12.076  1.00 31.42  ? 460 ILE C CA  1 
ATOM   1291 C C   . ILE C 1 58 ? -11.719 3.888   12.953  1.00 31.29  ? 460 ILE C C   1 
ATOM   1292 O O   . ILE C 1 58 ? -10.643 4.194   12.439  1.00 28.83  ? 460 ILE C O   1 
ATOM   1293 C CB  . ILE C 1 58 ? -13.927 4.684   12.023  1.00 33.62  ? 460 ILE C CB  1 
ATOM   1294 C CG1 . ILE C 1 58 ? -14.877 4.483   10.835  1.00 35.82  ? 460 ILE C CG1 1 
ATOM   1295 C CG2 . ILE C 1 58 ? -13.199 6.017   11.902  1.00 33.37  ? 460 ILE C CG2 1 
ATOM   1296 C CD1 . ILE C 1 58 ? -15.980 5.516   10.736  1.00 37.62  ? 460 ILE C CD1 1 
ATOM   1297 N N   . SER C 1 59 ? -11.906 3.859   14.273  1.00 30.03  ? 461 SER C N   1 
ATOM   1298 C CA  . SER C 1 59 ? -10.819 4.190   15.195  1.00 29.40  ? 461 SER C CA  1 
ATOM   1299 C C   . SER C 1 59 ? -9.665  3.249   14.900  1.00 26.87  ? 461 SER C C   1 
ATOM   1300 O O   . SER C 1 59 ? -8.497  3.637   14.903  1.00 22.42  ? 461 SER C O   1 
ATOM   1301 C CB  . SER C 1 59 ? -11.258 4.000   16.653  1.00 29.84  ? 461 SER C CB  1 
ATOM   1302 O OG  . SER C 1 59 ? -12.274 4.921   17.018  1.00 37.48  ? 461 SER C OG  1 
ATOM   1303 N N   . SER C 1 60 ? -10.023 2.002   14.633  1.00 26.12  ? 462 SER C N   1 
ATOM   1304 C CA  . SER C 1 60 ? -9.052  0.965   14.335  1.00 25.43  ? 462 SER C CA  1 
ATOM   1305 C C   . SER C 1 60 ? -8.308  1.254   13.021  1.00 22.95  ? 462 SER C C   1 
ATOM   1306 O O   . SER C 1 60 ? -7.110  0.983   12.908  1.00 20.52  ? 462 SER C O   1 
ATOM   1307 C CB  . SER C 1 60 ? -9.770  -0.380  14.272  1.00 25.25  ? 462 SER C CB  1 
ATOM   1308 O OG  . SER C 1 60 ? -8.857  -1.454  14.328  1.00 33.63  ? 462 SER C OG  1 
ATOM   1309 N N   . MET C 1 61 ? -9.009  1.807   12.033  1.00 18.79  ? 463 MET C N   1 
ATOM   1310 C CA  . MET C 1 61 ? -8.367  2.121   10.760  1.00 19.38  ? 463 MET C CA  1 
ATOM   1311 C C   . MET C 1 61 ? -7.300  3.193   10.968  1.00 18.49  ? 463 MET C C   1 
ATOM   1312 O O   . MET C 1 61 ? -6.219  3.130   10.381  1.00 20.41  ? 463 MET C O   1 
ATOM   1313 C CB  . MET C 1 61 ? -9.398  2.592   9.713   1.00 17.14  ? 463 MET C CB  1 
ATOM   1314 C CG  . MET C 1 61 ? -10.315 1.468   9.183   1.00 19.20  ? 463 MET C CG  1 
ATOM   1315 S SD  . MET C 1 61 ? -11.586 1.949   7.957   1.00 8.82   ? 463 MET C SD  1 
ATOM   1316 C CE  . MET C 1 61 ? -10.592 2.654   6.735   1.00 16.59  ? 463 MET C CE  1 
ATOM   1317 N N   . ASN C 1 62 ? -7.601  4.163   11.822  1.00 18.72  ? 464 ASN C N   1 
ATOM   1318 C CA  . ASN C 1 62 ? -6.674  5.251   12.103  1.00 21.38  ? 464 ASN C CA  1 
ATOM   1319 C C   . ASN C 1 62 ? -5.389  4.788   12.750  1.00 20.94  ? 464 ASN C C   1 
ATOM   1320 O O   . ASN C 1 62 ? -4.312  5.273   12.415  1.00 18.42  ? 464 ASN C O   1 
ATOM   1321 C CB  . ASN C 1 62 ? -7.335  6.297   12.993  1.00 19.63  ? 464 ASN C CB  1 
ATOM   1322 C CG  . ASN C 1 62 ? -8.197  7.238   12.209  1.00 22.51  ? 464 ASN C CG  1 
ATOM   1323 O OD1 . ASN C 1 62 ? -9.395  7.359   12.458  1.00 21.86  ? 464 ASN C OD1 1 
ATOM   1324 N ND2 . ASN C 1 62 ? -7.590  7.915   11.239  1.00 21.90  ? 464 ASN C ND2 1 
ATOM   1325 N N   . GLN C 1 63 ? -5.516  3.864   13.695  1.00 23.57  ? 465 GLN C N   1 
ATOM   1326 C CA  . GLN C 1 63 ? -4.360  3.326   14.385  1.00 23.46  ? 465 GLN C CA  1 
ATOM   1327 C C   . GLN C 1 63 ? -3.440  2.654   13.379  1.00 22.52  ? 465 GLN C C   1 
ATOM   1328 O O   . GLN C 1 63 ? -2.248  2.966   13.307  1.00 25.52  ? 465 GLN C O   1 
ATOM   1329 C CB  . GLN C 1 63 ? -4.796  2.300   15.434  1.00 24.59  ? 465 GLN C CB  1 
ATOM   1330 C CG  . GLN C 1 63 ? -4.801  2.817   16.859  1.00 31.81  ? 465 GLN C CG  1 
ATOM   1331 C CD  . GLN C 1 63 ? -3.411  3.165   17.358  1.00 32.78  ? 465 GLN C CD  1 
ATOM   1332 O OE1 . GLN C 1 63 ? -2.494  2.349   17.302  1.00 36.85  ? 465 GLN C OE1 1 
ATOM   1333 N NE2 . GLN C 1 63 ? -3.254  4.383   17.854  1.00 36.06  ? 465 GLN C NE2 1 
ATOM   1334 N N   . SER C 1 64 ? -4.001  1.737   12.594  1.00 20.66  ? 466 SER C N   1 
ATOM   1335 C CA  . SER C 1 64 ? -3.219  0.994   11.612  1.00 20.06  ? 466 SER C CA  1 
ATOM   1336 C C   . SER C 1 64 ? -2.672  1.857   10.485  1.00 16.93  ? 466 SER C C   1 
ATOM   1337 O O   . SER C 1 64 ? -1.632  1.547   9.916   1.00 18.41  ? 466 SER C O   1 
ATOM   1338 C CB  . SER C 1 64 ? -4.045  -0.168  11.039  1.00 19.07  ? 466 SER C CB  1 
ATOM   1339 O OG  . SER C 1 64 ? -5.107  0.294   10.234  1.00 22.22  ? 466 SER C OG  1 
ATOM   1340 N N   . LEU C 1 65 ? -3.362  2.940   10.155  1.00 19.47  ? 467 LEU C N   1 
ATOM   1341 C CA  . LEU C 1 65 ? -2.867  3.807   9.102   1.00 19.55  ? 467 LEU C CA  1 
ATOM   1342 C C   . LEU C 1 65 ? -1.684  4.620   9.619   1.00 20.87  ? 467 LEU C C   1 
ATOM   1343 O O   . LEU C 1 65 ? -0.683  4.784   8.923   1.00 21.03  ? 467 LEU C O   1 
ATOM   1344 C CB  . LEU C 1 65 ? -3.959  4.756   8.613   1.00 20.91  ? 467 LEU C CB  1 
ATOM   1345 C CG  . LEU C 1 65 ? -3.503  5.716   7.503   1.00 21.29  ? 467 LEU C CG  1 
ATOM   1346 C CD1 . LEU C 1 65 ? -3.084  4.928   6.267   1.00 19.42  ? 467 LEU C CD1 1 
ATOM   1347 C CD2 . LEU C 1 65 ? -4.630  6.679   7.161   1.00 20.13  ? 467 LEU C CD2 1 
ATOM   1348 N N   . GLN C 1 66 ? -1.800  5.130   10.839  1.00 18.49  ? 468 GLN C N   1 
ATOM   1349 C CA  . GLN C 1 66 ? -0.729  5.932   11.423  1.00 18.31  ? 468 GLN C CA  1 
ATOM   1350 C C   . GLN C 1 66 ? 0.557   5.117   11.576  1.00 16.61  ? 468 GLN C C   1 
ATOM   1351 O O   . GLN C 1 66 ? 1.654   5.633   11.387  1.00 12.60  ? 468 GLN C O   1 
ATOM   1352 C CB  . GLN C 1 66 ? -1.162  6.498   12.779  1.00 15.56  ? 468 GLN C CB  1 
ATOM   1353 C CG  . GLN C 1 66 ? -0.116  7.394   13.430  1.00 17.14  ? 468 GLN C CG  1 
ATOM   1354 C CD  . GLN C 1 66 ? 0.280   8.576   12.557  1.00 19.30  ? 468 GLN C CD  1 
ATOM   1355 O OE1 . GLN C 1 66 ? 1.461   8.868   12.395  1.00 23.58  ? 468 GLN C OE1 1 
ATOM   1356 N NE2 . GLN C 1 66 ? -0.706  9.265   12.004  1.00 20.90  ? 468 GLN C NE2 1 
ATOM   1357 N N   . GLN C 1 67 ? 0.420   3.842   11.922  1.00 18.43  ? 469 GLN C N   1 
ATOM   1358 C CA  . GLN C 1 67 ? 1.588   2.985   12.064  1.00 17.97  ? 469 GLN C CA  1 
ATOM   1359 C C   . GLN C 1 67 ? 2.219   2.806   10.693  1.00 17.92  ? 469 GLN C C   1 
ATOM   1360 O O   . GLN C 1 67 ? 3.433   2.673   10.574  1.00 15.92  ? 469 GLN C O   1 
ATOM   1361 C CB  . GLN C 1 67 ? 1.191   1.620   12.626  1.00 20.64  ? 469 GLN C CB  1 
ATOM   1362 C CG  . GLN C 1 67 ? 0.451   1.701   13.947  1.00 27.30  ? 469 GLN C CG  1 
ATOM   1363 C CD  . GLN C 1 67 ? 0.326   0.353   14.611  1.00 30.41  ? 469 GLN C CD  1 
ATOM   1364 O OE1 . GLN C 1 67 ? 1.306   -0.189  15.111  1.00 36.60  ? 469 GLN C OE1 1 
ATOM   1365 N NE2 . GLN C 1 67 ? -0.881  -0.203  14.612  1.00 33.11  ? 469 GLN C NE2 1 
ATOM   1366 N N   . SER C 1 68 ? 1.384   2.791   9.657   1.00 18.13  ? 470 SER C N   1 
ATOM   1367 C CA  . SER C 1 68 ? 1.874   2.642   8.297   1.00 17.92  ? 470 SER C CA  1 
ATOM   1368 C C   . SER C 1 68 ? 2.748   3.854   7.993   1.00 18.35  ? 470 SER C C   1 
ATOM   1369 O O   . SER C 1 68 ? 3.834   3.725   7.438   1.00 17.90  ? 470 SER C O   1 
ATOM   1370 C CB  . SER C 1 68 ? 0.705   2.571   7.310   1.00 20.85  ? 470 SER C CB  1 
ATOM   1371 O OG  . SER C 1 68 ? 1.155   2.251   6.004   1.00 18.01  ? 470 SER C OG  1 
ATOM   1372 N N   . LYS C 1 69 ? 2.279   5.033   8.388   1.00 19.29  ? 471 LYS C N   1 
ATOM   1373 C CA  . LYS C 1 69 ? 3.039   6.251   8.161   1.00 19.01  ? 471 LYS C CA  1 
ATOM   1374 C C   . LYS C 1 69 ? 4.368   6.203   8.906   1.00 18.03  ? 471 LYS C C   1 
ATOM   1375 O O   . LYS C 1 69 ? 5.426   6.442   8.324   1.00 18.21  ? 471 LYS C O   1 
ATOM   1376 C CB  . LYS C 1 69 ? 2.223   7.470   8.590   1.00 23.76  ? 471 LYS C CB  1 
ATOM   1377 C CG  . LYS C 1 69 ? 1.052   7.751   7.661   1.00 25.42  ? 471 LYS C CG  1 
ATOM   1378 C CD  . LYS C 1 69 ? 0.247   8.958   8.098   1.00 27.67  ? 471 LYS C CD  1 
ATOM   1379 C CE  . LYS C 1 69 ? -0.873  9.246   7.102   1.00 31.37  ? 471 LYS C CE  1 
ATOM   1380 N NZ  . LYS C 1 69 ? -1.721  10.403  7.515   1.00 34.82  ? 471 LYS C NZ  1 
ATOM   1381 N N   . ASP C 1 70 ? 4.323   5.889   10.194  1.00 16.42  ? 472 ASP C N   1 
ATOM   1382 C CA  . ASP C 1 70 ? 5.556   5.802   10.963  1.00 15.43  ? 472 ASP C CA  1 
ATOM   1383 C C   . ASP C 1 70 ? 6.535   4.830   10.314  1.00 14.33  ? 472 ASP C C   1 
ATOM   1384 O O   . ASP C 1 70 ? 7.724   5.129   10.181  1.00 14.00  ? 472 ASP C O   1 
ATOM   1385 C CB  . ASP C 1 70 ? 5.262   5.376   12.398  1.00 18.29  ? 472 ASP C CB  1 
ATOM   1386 C CG  . ASP C 1 70 ? 4.572   6.468   13.190  1.00 22.99  ? 472 ASP C CG  1 
ATOM   1387 O OD1 . ASP C 1 70 ? 4.708   7.656   12.803  1.00 21.03  ? 472 ASP C OD1 1 
ATOM   1388 O OD2 . ASP C 1 70 ? 3.913   6.145   14.199  1.00 23.09  ? 472 ASP C OD2 1 
ATOM   1389 N N   . TYR C 1 71 ? 6.032   3.672   9.897   1.00 14.91  ? 473 TYR C N   1 
ATOM   1390 C CA  . TYR C 1 71 ? 6.879   2.675   9.252   1.00 17.08  ? 473 TYR C CA  1 
ATOM   1391 C C   . TYR C 1 71 ? 7.519   3.205   7.963   1.00 17.07  ? 473 TYR C C   1 
ATOM   1392 O O   . TYR C 1 71 ? 8.733   3.127   7.793   1.00 18.83  ? 473 TYR C O   1 
ATOM   1393 C CB  . TYR C 1 71 ? 6.075   1.390   8.974   1.00 20.15  ? 473 TYR C CB  1 
ATOM   1394 C CG  . TYR C 1 71 ? 6.033   0.417   10.155  1.00 20.84  ? 473 TYR C CG  1 
ATOM   1395 C CD1 . TYR C 1 71 ? 4.838   -0.194  10.548  1.00 21.87  ? 473 TYR C CD1 1 
ATOM   1396 C CD2 . TYR C 1 71 ? 7.185   0.137   10.893  1.00 20.39  ? 473 TYR C CD2 1 
ATOM   1397 C CE1 . TYR C 1 71 ? 4.795   -1.065  11.648  1.00 21.52  ? 473 TYR C CE1 1 
ATOM   1398 C CE2 . TYR C 1 71 ? 7.154   -0.732  11.991  1.00 22.67  ? 473 TYR C CE2 1 
ATOM   1399 C CZ  . TYR C 1 71 ? 5.957   -1.321  12.368  1.00 26.07  ? 473 TYR C CZ  1 
ATOM   1400 O OH  . TYR C 1 71 ? 5.927   -2.138  13.481  1.00 24.42  ? 473 TYR C OH  1 
ATOM   1401 N N   . ILE C 1 72 ? 6.714   3.766   7.069   1.00 16.17  ? 474 ILE C N   1 
ATOM   1402 C CA  . ILE C 1 72 ? 7.244   4.283   5.817   1.00 15.81  ? 474 ILE C CA  1 
ATOM   1403 C C   . ILE C 1 72 ? 8.255   5.400   6.090   1.00 19.14  ? 474 ILE C C   1 
ATOM   1404 O O   . ILE C 1 72 ? 9.298   5.502   5.440   1.00 19.22  ? 474 ILE C O   1 
ATOM   1405 C CB  . ILE C 1 72 ? 6.105   4.802   4.915   1.00 17.17  ? 474 ILE C CB  1 
ATOM   1406 C CG1 . ILE C 1 72 ? 6.387   4.421   3.458   1.00 17.11  ? 474 ILE C CG1 1 
ATOM   1407 C CG2 . ILE C 1 72 ? 5.917   6.293   5.105   1.00 9.06   ? 474 ILE C CG2 1 
ATOM   1408 C CD1 . ILE C 1 72 ? 7.838   4.473   3.072   1.00 20.60  ? 474 ILE C CD1 1 
ATOM   1409 N N   . LYS C 1 73 ? 7.933   6.236   7.063   1.00 17.89  ? 475 LYS C N   1 
ATOM   1410 C CA  . LYS C 1 73 ? 8.803   7.327   7.452   1.00 19.87  ? 475 LYS C CA  1 
ATOM   1411 C C   . LYS C 1 73 ? 10.156  6.750   7.849   1.00 21.09  ? 475 LYS C C   1 
ATOM   1412 O O   . LYS C 1 73 ? 11.209  7.216   7.405   1.00 20.28  ? 475 LYS C O   1 
ATOM   1413 C CB  . LYS C 1 73 ? 8.186   8.066   8.639   1.00 23.85  ? 475 LYS C CB  1 
ATOM   1414 C CG  . LYS C 1 73 ? 8.984   9.247   9.157   1.00 28.76  ? 475 LYS C CG  1 
ATOM   1415 C CD  . LYS C 1 73 ? 8.249   9.917   10.312  1.00 32.74  ? 475 LYS C CD  1 
ATOM   1416 C CE  . LYS C 1 73 ? 6.876   10.430  9.882   1.00 40.59  ? 475 LYS C CE  1 
ATOM   1417 N NZ  . LYS C 1 73 ? 5.798   10.100  10.877  1.00 40.93  ? 475 LYS C NZ  1 
ATOM   1418 N N   . GLU C 1 74 ? 10.120  5.724   8.689   1.00 19.42  ? 476 GLU C N   1 
ATOM   1419 C CA  . GLU C 1 74 ? 11.346  5.101   9.148   1.00 19.52  ? 476 GLU C CA  1 
ATOM   1420 C C   . GLU C 1 74 ? 12.108  4.552   7.950   1.00 18.89  ? 476 GLU C C   1 
ATOM   1421 O O   . GLU C 1 74 ? 13.328  4.694   7.865   1.00 21.06  ? 476 GLU C O   1 
ATOM   1422 C CB  . GLU C 1 74 ? 11.016  3.982   10.139  1.00 21.40  ? 476 GLU C CB  1 
ATOM   1423 C CG  . GLU C 1 74 ? 12.213  3.390   10.841  1.00 21.08  ? 476 GLU C CG  1 
ATOM   1424 C CD  . GLU C 1 74 ? 12.933  4.397   11.716  1.00 23.69  ? 476 GLU C CD  1 
ATOM   1425 O OE1 . GLU C 1 74 ? 12.353  5.455   12.013  1.00 26.71  ? 476 GLU C OE1 1 
ATOM   1426 O OE2 . GLU C 1 74 ? 14.082  4.124   12.115  1.00 25.12  ? 476 GLU C OE2 1 
ATOM   1427 N N   . ALA C 1 75 ? 11.388  3.935   7.016   1.00 17.97  ? 477 ALA C N   1 
ATOM   1428 C CA  . ALA C 1 75 ? 12.013  3.371   5.815   1.00 18.63  ? 477 ALA C CA  1 
ATOM   1429 C C   . ALA C 1 75 ? 12.795  4.424   5.028   1.00 18.47  ? 477 ALA C C   1 
ATOM   1430 O O   . ALA C 1 75 ? 13.913  4.179   4.585   1.00 20.69  ? 477 ALA C O   1 
ATOM   1431 C CB  . ALA C 1 75 ? 10.953  2.743   4.916   1.00 16.55  ? 477 ALA C CB  1 
ATOM   1432 N N   . GLN C 1 76 ? 12.209  5.599   4.856   1.00 19.36  ? 478 GLN C N   1 
ATOM   1433 C CA  . GLN C 1 76 ? 12.879  6.657   4.117   1.00 21.57  ? 478 GLN C CA  1 
ATOM   1434 C C   . GLN C 1 76 ? 14.130  7.142   4.855   1.00 24.68  ? 478 GLN C C   1 
ATOM   1435 O O   . GLN C 1 76 ? 15.137  7.465   4.226   1.00 24.42  ? 478 GLN C O   1 
ATOM   1436 C CB  . GLN C 1 76 ? 11.926  7.831   3.903   1.00 20.70  ? 478 GLN C CB  1 
ATOM   1437 C CG  . GLN C 1 76 ? 10.606  7.466   3.239   1.00 23.34  ? 478 GLN C CG  1 
ATOM   1438 C CD  . GLN C 1 76 ? 9.584   8.584   3.357   1.00 28.52  ? 478 GLN C CD  1 
ATOM   1439 O OE1 . GLN C 1 76 ? 9.338   9.103   4.451   1.00 30.08  ? 478 GLN C OE1 1 
ATOM   1440 N NE2 . GLN C 1 76 ? 8.979   8.959   2.237   1.00 30.14  ? 478 GLN C NE2 1 
ATOM   1441 N N   . LYS C 1 77 ? 14.066  7.190   6.184   1.00 26.25  ? 479 LYS C N   1 
ATOM   1442 C CA  . LYS C 1 77 ? 15.198  7.663   6.986   1.00 26.65  ? 479 LYS C CA  1 
ATOM   1443 C C   . LYS C 1 77 ? 16.423  6.757   6.837   1.00 28.23  ? 479 LYS C C   1 
ATOM   1444 O O   . LYS C 1 77 ? 17.540  7.229   6.598   1.00 27.48  ? 479 LYS C O   1 
ATOM   1445 C CB  . LYS C 1 77 ? 14.799  7.765   8.462   1.00 31.13  ? 479 LYS C CB  1 
ATOM   1446 C CG  . LYS C 1 77 ? 15.686  8.697   9.283   1.00 36.16  ? 479 LYS C CG  1 
ATOM   1447 C CD  . LYS C 1 77 ? 15.174  8.904   10.706  1.00 38.39  ? 479 LYS C CD  1 
ATOM   1448 C CE  . LYS C 1 77 ? 15.532  7.737   11.611  1.00 41.00  ? 479 LYS C CE  1 
ATOM   1449 N NZ  . LYS C 1 77 ? 14.842  6.481   11.218  1.00 45.99  ? 479 LYS C NZ  1 
ATOM   1450 N N   . ILE C 1 78 ? 16.221  5.454   6.982   1.00 27.57  ? 480 ILE C N   1 
ATOM   1451 C CA  . ILE C 1 78 ? 17.323  4.517   6.841   1.00 30.11  ? 480 ILE C CA  1 
ATOM   1452 C C   . ILE C 1 78 ? 17.800  4.507   5.391   1.00 30.27  ? 480 ILE C C   1 
ATOM   1453 O O   . ILE C 1 78 ? 18.987  4.366   5.114   1.00 28.96  ? 480 ILE C O   1 
ATOM   1454 C CB  . ILE C 1 78 ? 16.891  3.089   7.264   1.00 34.41  ? 480 ILE C CB  1 
ATOM   1455 C CG1 . ILE C 1 78 ? 17.088  2.910   8.775   1.00 33.70  ? 480 ILE C CG1 1 
ATOM   1456 C CG2 . ILE C 1 78 ? 17.691  2.043   6.504   1.00 38.98  ? 480 ILE C CG2 1 
ATOM   1457 C CD1 . ILE C 1 78 ? 16.285  3.861   9.610   1.00 34.25  ? 480 ILE C CD1 1 
ATOM   1458 N N   . LEU C 1 79 ? 16.863  4.672   4.465   1.00 30.50  ? 481 LEU C N   1 
ATOM   1459 C CA  . LEU C 1 79 ? 17.202  4.679   3.053   1.00 30.46  ? 481 LEU C CA  1 
ATOM   1460 C C   . LEU C 1 79 ? 18.160  5.820   2.731   1.00 30.15  ? 481 LEU C C   1 
ATOM   1461 O O   . LEU C 1 79 ? 19.057  5.670   1.903   1.00 27.26  ? 481 LEU C O   1 
ATOM   1462 C CB  . LEU C 1 79 ? 15.935  4.808   2.207   1.00 29.19  ? 481 LEU C CB  1 
ATOM   1463 C CG  . LEU C 1 79 ? 16.190  4.839   0.702   1.00 30.57  ? 481 LEU C CG  1 
ATOM   1464 C CD1 . LEU C 1 79 ? 17.035  3.647   0.314   1.00 30.46  ? 481 LEU C CD1 1 
ATOM   1465 C CD2 . LEU C 1 79 ? 14.864  4.832   -0.044  1.00 33.36  ? 481 LEU C CD2 1 
ATOM   1466 N N   . ASP C 1 80 ? 17.966  6.958   3.390   1.00 30.65  ? 482 ASP C N   1 
ATOM   1467 C CA  . ASP C 1 80 ? 18.822  8.115   3.160   1.00 34.52  ? 482 ASP C CA  1 
ATOM   1468 C C   . ASP C 1 80 ? 20.267  7.875   3.590   1.00 34.50  ? 482 ASP C C   1 
ATOM   1469 O O   . ASP C 1 80 ? 21.168  8.579   3.141   1.00 35.16  ? 482 ASP C O   1 
ATOM   1470 C CB  . ASP C 1 80 ? 18.288  9.362   3.894   1.00 36.13  ? 482 ASP C CB  1 
ATOM   1471 C CG  . ASP C 1 80 ? 17.102  10.010  3.187   1.00 38.25  ? 482 ASP C CG  1 
ATOM   1472 O OD1 . ASP C 1 80 ? 17.048  9.982   1.939   1.00 42.81  ? 482 ASP C OD1 1 
ATOM   1473 O OD2 . ASP C 1 80 ? 16.230  10.572  3.883   1.00 40.08  ? 482 ASP C OD2 1 
ATOM   1474 N N   . THR C 1 81 ? 20.497  6.892   4.453   1.00 32.29  ? 483 THR C N   1 
ATOM   1475 C CA  . THR C 1 81 ? 21.856  6.628   4.915   1.00 32.95  ? 483 THR C CA  1 
ATOM   1476 C C   . THR C 1 81 ? 22.658  5.795   3.920   1.00 34.05  ? 483 THR C C   1 
ATOM   1477 O O   . THR C 1 81 ? 23.883  5.723   3.996   1.00 30.89  ? 483 THR C O   1 
ATOM   1478 C CB  . THR C 1 81 ? 21.859  5.913   6.280   1.00 33.31  ? 483 THR C CB  1 
ATOM   1479 O OG1 . THR C 1 81 ? 21.251  4.624   6.153   1.00 32.58  ? 483 THR C OG1 1 
ATOM   1480 C CG2 . THR C 1 81 ? 21.089  6.731   7.307   1.00 35.79  ? 483 THR C CG2 1 
ATOM   1481 N N   . VAL C 1 82 ? 21.961  5.166   2.986   1.00 35.31  ? 484 VAL C N   1 
ATOM   1482 C CA  . VAL C 1 82 ? 22.621  4.347   1.983   1.00 36.59  ? 484 VAL C CA  1 
ATOM   1483 C C   . VAL C 1 82 ? 23.452  5.220   1.052   1.00 38.91  ? 484 VAL C C   1 
ATOM   1484 O O   . VAL C 1 82 ? 22.852  5.840   0.148   1.00 36.87  ? 484 VAL C O   1 
ATOM   1485 C CB  . VAL C 1 82 ? 21.596  3.551   1.158   1.00 35.08  ? 484 VAL C CB  1 
ATOM   1486 C CG1 . VAL C 1 82 ? 22.290  2.846   0.000   1.00 31.57  ? 484 VAL C CG1 1 
ATOM   1487 C CG2 . VAL C 1 82 ? 20.895  2.540   2.055   1.00 32.24  ? 484 VAL C CG2 1 
HETATM 1488 O O   . HOH D 2 .  ? -23.054 -7.861  -6.990  1.00 41.01  ? 492 HOH A O   1 
HETATM 1489 O O   . HOH D 2 .  ? 9.278   -4.586  -9.365  1.00 19.81  ? 493 HOH A O   1 
HETATM 1490 O O   . HOH D 2 .  ? -6.188  -0.839  -0.695  1.00 18.17  ? 494 HOH A O   1 
HETATM 1491 O O   . HOH D 2 .  ? 6.854   -6.685  -9.401  1.00 26.28  ? 495 HOH A O   1 
HETATM 1492 O O   . HOH D 2 .  ? -7.477  -10.443 -8.543  1.00 33.66  ? 496 HOH A O   1 
HETATM 1493 O O   . HOH D 2 .  ? 11.493  -9.914  6.405   1.00 23.84  ? 497 HOH A O   1 
HETATM 1494 O O   . HOH D 2 .  ? 3.424   -9.520  7.348   1.00 87.64  ? 498 HOH A O   1 
HETATM 1495 O O   . HOH D 2 .  ? -0.253  -0.211  -10.739 1.00 29.09  ? 499 HOH A O   1 
HETATM 1496 O O   . HOH D 2 .  ? 11.156  -6.753  0.178   1.00 30.63  ? 500 HOH A O   1 
HETATM 1497 O O   . HOH D 2 .  ? 0.441   -10.885 4.974   1.00 33.66  ? 501 HOH A O   1 
HETATM 1498 O O   . HOH D 2 .  ? -7.126  -14.728 -2.818  1.00 24.26  ? 502 HOH A O   1 
HETATM 1499 O O   . HOH D 2 .  ? 2.839   -16.229 -0.218  1.00 29.42  ? 503 HOH A O   1 
HETATM 1500 O O   . HOH D 2 .  ? -11.848 -15.111 -4.930  1.00 41.06  ? 504 HOH A O   1 
HETATM 1501 O O   . HOH D 2 .  ? 0.292   -12.348 9.603   1.00 53.75  ? 505 HOH A O   1 
HETATM 1502 O O   . HOH D 2 .  ? -20.316 -4.150  -10.633 1.00 41.51  ? 506 HOH A O   1 
HETATM 1503 O O   . HOH D 2 .  ? -8.886  0.259   -0.067  1.00 27.10  ? 507 HOH A O   1 
HETATM 1504 O O   . HOH D 2 .  ? -27.582 5.398   -2.920  1.00 63.85  ? 508 HOH A O   1 
HETATM 1505 O O   . HOH D 2 .  ? 5.523   -16.358 1.288   1.00 32.93  ? 509 HOH A O   1 
HETATM 1506 O O   . HOH D 2 .  ? 12.810  -16.765 5.620   1.00 30.24  ? 510 HOH A O   1 
HETATM 1507 O O   . HOH D 2 .  ? -27.878 8.797   -3.295  1.00 38.48  ? 511 HOH A O   1 
HETATM 1508 O O   . HOH D 2 .  ? 14.438  -15.953 8.414   1.00 64.87  ? 512 HOH A O   1 
HETATM 1509 O O   . HOH D 2 .  ? 2.518   -5.230  -11.624 1.00 37.07  ? 513 HOH A O   1 
HETATM 1510 O O   . HOH D 2 .  ? -0.910  -14.732 3.085   1.00 42.58  ? 514 HOH A O   1 
HETATM 1511 O O   . HOH D 2 .  ? 9.439   -12.303 -6.421  1.00 42.64  ? 515 HOH A O   1 
HETATM 1512 O O   . HOH D 2 .  ? 7.114   -14.092 5.626   1.00 32.05  ? 516 HOH A O   1 
HETATM 1513 O O   . HOH D 2 .  ? 22.779  -14.430 2.242   1.00 46.64  ? 517 HOH A O   1 
HETATM 1514 O O   . HOH D 2 .  ? 6.347   -13.065 -5.381  1.00 41.41  ? 518 HOH A O   1 
HETATM 1515 O O   . HOH D 2 .  ? -14.963 -0.563  -2.083  1.00 117.47 ? 519 HOH A O   1 
HETATM 1516 O O   . HOH D 2 .  ? 23.827  -11.275 -6.134  1.00 42.53  ? 520 HOH A O   1 
HETATM 1517 O O   . HOH D 2 .  ? -3.145  -5.619  0.937   1.00 98.42  ? 521 HOH A O   1 
HETATM 1518 O O   . HOH D 2 .  ? 16.707  -17.344 4.814   1.00 85.69  ? 522 HOH A O   1 
HETATM 1519 O O   . HOH D 2 .  ? -8.440  -3.966  -9.646  1.00 107.30 ? 523 HOH A O   1 
HETATM 1520 O O   . HOH D 2 .  ? -14.684 -11.285 -7.129  1.00 89.76  ? 524 HOH A O   1 
HETATM 1521 O O   . HOH D 2 .  ? -6.559  -13.295 5.464   1.00 50.93  ? 525 HOH A O   1 
HETATM 1522 O O   . HOH D 2 .  ? -16.852 -11.550 -0.152  1.00 38.48  ? 526 HOH A O   1 
HETATM 1523 O O   . HOH D 2 .  ? -4.556  -1.057  -10.845 1.00 62.49  ? 527 HOH A O   1 
HETATM 1524 O O   . HOH D 2 .  ? -22.340 9.783   -6.234  1.00 38.54  ? 528 HOH A O   1 
HETATM 1525 O O   . HOH D 2 .  ? -25.982 -3.213  -5.554  1.00 61.28  ? 529 HOH A O   1 
HETATM 1526 O O   . HOH D 2 .  ? 11.056  -12.306 -11.752 1.00 57.16  ? 530 HOH A O   1 
HETATM 1527 O O   . HOH D 2 .  ? -13.058 -7.184  0.130   1.00 75.37  ? 531 HOH A O   1 
HETATM 1528 O O   . HOH D 2 .  ? 14.630  -6.949  -0.575  1.00 110.26 ? 532 HOH A O   1 
HETATM 1529 O O   . HOH D 2 .  ? 13.219  -13.306 -8.665  1.00 66.64  ? 533 HOH A O   1 
HETATM 1530 O O   . HOH D 2 .  ? 3.327   -13.317 -9.618  1.00 54.23  ? 534 HOH A O   1 
HETATM 1531 O O   . HOH D 2 .  ? -4.589  -11.485 8.737   1.00 54.62  ? 535 HOH A O   1 
HETATM 1532 O O   . HOH D 2 .  ? -10.835 3.803   -9.658  1.00 77.07  ? 536 HOH A O   1 
HETATM 1533 O O   . HOH D 2 .  ? -8.153  -7.077  -9.407  1.00 60.41  ? 537 HOH A O   1 
HETATM 1534 O O   . HOH D 2 .  ? 21.776  -15.624 -9.545  1.00 51.10  ? 538 HOH A O   1 
HETATM 1535 O O   . HOH D 2 .  ? -27.185 6.129   -7.379  1.00 51.78  ? 539 HOH A O   1 
HETATM 1536 O O   . HOH D 2 .  ? -8.840  -10.222 2.125   1.00 68.96  ? 540 HOH A O   1 
HETATM 1537 O O   . HOH D 2 .  ? 12.745  -15.989 -5.691  1.00 42.31  ? 541 HOH A O   1 
HETATM 1538 O O   . HOH D 2 .  ? -13.008 0.225   -14.296 1.00 79.06  ? 542 HOH A O   1 
HETATM 1539 O O   . HOH D 2 .  ? 11.921  -14.750 10.076  1.00 52.01  ? 543 HOH A O   1 
HETATM 1540 O O   . HOH D 2 .  ? 23.279  -10.153 4.683   1.00 64.75  ? 544 HOH A O   1 
HETATM 1541 O O   . HOH D 2 .  ? -11.595 -1.661  -2.596  1.00 104.05 ? 545 HOH A O   1 
HETATM 1542 O O   . HOH D 2 .  ? 4.580   -4.490  -0.437  1.00 117.34 ? 546 HOH A O   1 
HETATM 1543 O O   . HOH D 2 .  ? 18.337  -11.951 8.136   1.00 46.97  ? 547 HOH A O   1 
HETATM 1544 O O   . HOH D 2 .  ? -5.101  1.773   -8.634  1.00 125.76 ? 548 HOH A O   1 
HETATM 1545 O O   . HOH D 2 .  ? 5.188   -16.331 -3.813  1.00 76.16  ? 549 HOH A O   1 
HETATM 1546 O O   . HOH E 2 .  ? -17.857 17.570  -2.495  1.00 26.70  ? 492 HOH B O   1 
HETATM 1547 O O   . HOH E 2 .  ? -5.324  3.529   -0.195  1.00 17.31  ? 493 HOH B O   1 
HETATM 1548 O O   . HOH E 2 .  ? 12.333  6.412   0.407   1.00 25.53  ? 494 HOH B O   1 
HETATM 1549 O O   . HOH E 2 .  ? 11.541  -1.215  -6.286  1.00 27.37  ? 495 HOH B O   1 
HETATM 1550 O O   . HOH E 2 .  ? -2.770  13.975  -5.194  1.00 33.06  ? 496 HOH B O   1 
HETATM 1551 O O   . HOH E 2 .  ? 10.282  -5.025  -12.108 1.00 29.38  ? 497 HOH B O   1 
HETATM 1552 O O   . HOH E 2 .  ? -6.863  5.739   -10.858 1.00 54.25  ? 498 HOH B O   1 
HETATM 1553 O O   . HOH E 2 .  ? 26.764  0.571   -9.554  1.00 35.70  ? 499 HOH B O   1 
HETATM 1554 O O   . HOH E 2 .  ? 13.354  5.225   -9.344  1.00 114.55 ? 500 HOH B O   1 
HETATM 1555 O O   . HOH E 2 .  ? 17.993  -0.904  -11.243 1.00 62.39  ? 501 HOH B O   1 
HETATM 1556 O O   . HOH E 2 .  ? -20.816 15.895  -2.181  1.00 54.49  ? 502 HOH B O   1 
HETATM 1557 O O   . HOH E 2 .  ? 8.556   4.485   -15.556 1.00 45.52  ? 503 HOH B O   1 
HETATM 1558 O O   . HOH E 2 .  ? 0.165   -0.243  -17.893 1.00 39.97  ? 504 HOH B O   1 
HETATM 1559 O O   . HOH E 2 .  ? 2.014   -1.588  -12.206 1.00 34.59  ? 505 HOH B O   1 
HETATM 1560 O O   . HOH E 2 .  ? 3.319   12.945  -7.908  1.00 54.68  ? 506 HOH B O   1 
HETATM 1561 O O   . HOH E 2 .  ? -7.411  17.173  3.126   1.00 21.56  ? 507 HOH B O   1 
HETATM 1562 O O   . HOH E 2 .  ? 9.011   -7.055  -15.286 1.00 38.79  ? 508 HOH B O   1 
HETATM 1563 O O   . HOH E 2 .  ? 20.468  6.168   -5.835  1.00 26.02  ? 509 HOH B O   1 
HETATM 1564 O O   . HOH E 2 .  ? -3.502  12.552  -10.926 1.00 39.27  ? 510 HOH B O   1 
HETATM 1565 O O   . HOH E 2 .  ? 6.016   6.206   -13.804 1.00 35.79  ? 511 HOH B O   1 
HETATM 1566 O O   . HOH E 2 .  ? 15.618  2.973   -2.012  1.00 100.87 ? 512 HOH B O   1 
HETATM 1567 O O   . HOH E 2 .  ? -2.369  14.161  7.274   1.00 34.49  ? 513 HOH B O   1 
HETATM 1568 O O   . HOH E 2 .  ? -3.140  6.395   -13.807 1.00 51.30  ? 514 HOH B O   1 
HETATM 1569 O O   . HOH E 2 .  ? 19.340  9.786   0.078   1.00 53.75  ? 515 HOH B O   1 
HETATM 1570 O O   . HOH E 2 .  ? -6.767  13.350  -11.088 1.00 35.24  ? 516 HOH B O   1 
HETATM 1571 O O   . HOH E 2 .  ? 13.466  7.581   -7.257  1.00 49.47  ? 517 HOH B O   1 
HETATM 1572 O O   . HOH E 2 .  ? 9.668   7.791   -9.008  1.00 42.47  ? 518 HOH B O   1 
HETATM 1573 O O   . HOH E 2 .  ? -13.112 18.307  0.094   1.00 83.79  ? 519 HOH B O   1 
HETATM 1574 O O   . HOH E 2 .  ? 3.126   5.154   -14.680 1.00 110.13 ? 520 HOH B O   1 
HETATM 1575 O O   . HOH E 2 .  ? -21.416 12.987  -3.543  1.00 64.27  ? 521 HOH B O   1 
HETATM 1576 O O   . HOH E 2 .  ? -19.312 18.818  5.934   1.00 51.47  ? 522 HOH B O   1 
HETATM 1577 O O   . HOH E 2 .  ? 21.777  -8.361  -11.792 1.00 49.96  ? 523 HOH B O   1 
HETATM 1578 O O   . HOH E 2 .  ? -4.957  1.584   -13.247 1.00 67.22  ? 524 HOH B O   1 
HETATM 1579 O O   . HOH E 2 .  ? -0.279  4.805   -13.832 1.00 55.84  ? 525 HOH B O   1 
HETATM 1580 O O   . HOH E 2 .  ? -12.971 6.811   -9.994  1.00 76.59  ? 526 HOH B O   1 
HETATM 1581 O O   . HOH E 2 .  ? -0.623  7.693   -15.520 1.00 42.90  ? 527 HOH B O   1 
HETATM 1582 O O   . HOH E 2 .  ? 2.493   9.684   4.976   1.00 82.06  ? 528 HOH B O   1 
HETATM 1583 O O   . HOH E 2 .  ? -8.111  3.349   0.641   1.00 25.18  ? 529 HOH B O   1 
HETATM 1584 O O   . HOH E 2 .  ? -19.639 9.030   11.992  1.00 42.28  ? 530 HOH B O   1 
HETATM 1585 O O   . HOH E 2 .  ? 5.169   -2.073  -15.017 1.00 43.07  ? 531 HOH B O   1 
HETATM 1586 O O   . HOH E 2 .  ? 14.815  1.937   -16.833 1.00 71.34  ? 532 HOH B O   1 
HETATM 1587 O O   . HOH E 2 .  ? 1.338   13.066  2.768   1.00 47.17  ? 533 HOH B O   1 
HETATM 1588 O O   . HOH E 2 .  ? 1.502   11.147  -11.161 1.00 52.19  ? 534 HOH B O   1 
HETATM 1589 O O   . HOH E 2 .  ? -18.535 13.940  3.058   1.00 117.54 ? 535 HOH B O   1 
HETATM 1590 O O   . HOH E 2 .  ? 7.581   1.517   -0.305  1.00 102.82 ? 536 HOH B O   1 
HETATM 1591 O O   . HOH E 2 .  ? -5.546  12.061  -1.071  1.00 44.86  ? 537 HOH B O   1 
HETATM 1592 O O   . HOH E 2 .  ? 6.703   2.572   -6.382  1.00 118.77 ? 538 HOH B O   1 
HETATM 1593 O O   . HOH E 2 .  ? -22.025 12.250  4.139   1.00 104.78 ? 539 HOH B O   1 
HETATM 1594 O O   . HOH E 2 .  ? -6.262  15.384  5.837   1.00 72.12  ? 540 HOH B O   1 
HETATM 1595 O O   . HOH E 2 .  ? 6.098   -5.013  -14.448 1.00 37.46  ? 541 HOH B O   1 
HETATM 1596 O O   . HOH E 2 .  ? 20.799  -2.512  -9.761  1.00 107.89 ? 542 HOH B O   1 
HETATM 1597 O O   . HOH E 2 .  ? -10.212 14.177  -0.280  1.00 93.26  ? 543 HOH B O   1 
HETATM 1598 O O   . HOH E 2 .  ? 4.603   9.866   -2.823  1.00 61.74  ? 544 HOH B O   1 
HETATM 1599 O O   . HOH E 2 .  ? 24.692  -7.489  -11.424 1.00 50.03  ? 545 HOH B O   1 
HETATM 1600 O O   . HOH E 2 .  ? 13.746  -1.138  -17.103 1.00 39.09  ? 546 HOH B O   1 
HETATM 1601 O O   . HOH E 2 .  ? 12.422  3.505   -13.597 1.00 79.60  ? 547 HOH B O   1 
HETATM 1602 O O   . HOH E 2 .  ? 16.613  4.337   -15.632 1.00 48.61  ? 548 HOH B O   1 
HETATM 1603 O O   . HOH E 2 .  ? -4.040  13.171  2.286   1.00 56.17  ? 549 HOH B O   1 
HETATM 1604 O O   . HOH E 2 .  ? -8.473  16.364  -5.703  1.00 57.91  ? 550 HOH B O   1 
HETATM 1605 O O   . HOH E 2 .  ? -3.823  15.556  -7.958  1.00 104.34 ? 551 HOH B O   1 
HETATM 1606 O O   . HOH E 2 .  ? -4.851  11.827  9.488   1.00 50.05  ? 552 HOH B O   1 
HETATM 1607 O O   . HOH E 2 .  ? 12.773  -6.683  -12.094 1.00 44.82  ? 553 HOH B O   1 
HETATM 1608 O O   . HOH E 2 .  ? 23.325  -5.903  -13.829 1.00 45.27  ? 554 HOH B O   1 
HETATM 1609 O O   . HOH E 2 .  ? -15.896 20.034  4.439   1.00 54.96  ? 555 HOH B O   1 
HETATM 1610 O O   . HOH E 2 .  ? 1.967   -1.856  -15.476 1.00 62.75  ? 556 HOH B O   1 
HETATM 1611 O O   . HOH F 2 .  ? 12.888  1.672   1.869   1.00 27.74  ? 492 HOH C O   1 
HETATM 1612 O O   . HOH F 2 .  ? -5.409  0.753   3.443   1.00 10.34  ? 493 HOH C O   1 
HETATM 1613 O O   . HOH F 2 .  ? 8.740   6.732   11.821  1.00 21.83  ? 494 HOH C O   1 
HETATM 1614 O O   . HOH F 2 .  ? 11.430  7.824   11.127  1.00 28.62  ? 495 HOH C O   1 
HETATM 1615 O O   . HOH F 2 .  ? 26.551  6.018   -1.225  1.00 73.15  ? 496 HOH C O   1 
HETATM 1616 O O   . HOH F 2 .  ? -29.818 -2.283  0.325   1.00 25.60  ? 497 HOH C O   1 
HETATM 1617 O O   . HOH F 2 .  ? 16.649  8.009   -0.366  1.00 30.35  ? 498 HOH C O   1 
HETATM 1618 O O   . HOH F 2 .  ? 3.896   3.522   15.165  1.00 28.62  ? 499 HOH C O   1 
HETATM 1619 O O   . HOH F 2 .  ? 10.601  -7.290  5.365   1.00 22.88  ? 500 HOH C O   1 
HETATM 1620 O O   . HOH F 2 .  ? 25.918  4.211   5.257   1.00 45.20  ? 501 HOH C O   1 
HETATM 1621 O O   . HOH F 2 .  ? -5.463  4.261   19.574  1.00 64.94  ? 502 HOH C O   1 
HETATM 1622 O O   . HOH F 2 .  ? 4.522   -4.885  12.954  1.00 40.06  ? 503 HOH C O   1 
HETATM 1623 O O   . HOH F 2 .  ? 4.936   8.972   6.778   1.00 39.20  ? 504 HOH C O   1 
HETATM 1624 O O   . HOH F 2 .  ? -1.480  -1.832  11.967  1.00 75.46  ? 505 HOH C O   1 
HETATM 1625 O O   . HOH F 2 .  ? -13.007 0.031   9.608   1.00 90.37  ? 506 HOH C O   1 
HETATM 1626 O O   . HOH F 2 .  ? 15.692  5.831   13.978  1.00 88.71  ? 507 HOH C O   1 
HETATM 1627 O O   . HOH F 2 .  ? 9.273   12.505  11.355  1.00 58.74  ? 508 HOH C O   1 
HETATM 1628 O O   . HOH F 2 .  ? 14.326  -9.695  7.222   1.00 33.72  ? 509 HOH C O   1 
HETATM 1629 O O   . HOH F 2 .  ? 18.605  5.733   10.419  1.00 81.30  ? 510 HOH C O   1 
HETATM 1630 O O   . HOH F 2 .  ? 25.262  3.326   -1.537  1.00 99.62  ? 511 HOH C O   1 
HETATM 1631 O O   . HOH F 2 .  ? 14.553  8.354   1.677   1.00 45.22  ? 512 HOH C O   1 
HETATM 1632 O O   . HOH F 2 .  ? 11.295  -0.514  11.400  1.00 46.46  ? 513 HOH C O   1 
HETATM 1633 O O   . HOH F 2 .  ? -1.541  -7.971  10.463  1.00 45.50  ? 514 HOH C O   1 
HETATM 1634 O O   . HOH F 2 .  ? -10.241 5.944   19.040  1.00 39.35  ? 515 HOH C O   1 
HETATM 1635 O O   . HOH F 2 .  ? -27.482 -11.156 6.066   1.00 46.74  ? 516 HOH C O   1 
HETATM 1636 O O   . HOH F 2 .  ? -19.089 -0.269  15.528  1.00 58.27  ? 517 HOH C O   1 
HETATM 1637 O O   . HOH F 2 .  ? 10.657  11.362  5.446   1.00 46.69  ? 518 HOH C O   1 
HETATM 1638 O O   . HOH F 2 .  ? -0.478  11.233  4.800   1.00 61.77  ? 519 HOH C O   1 
HETATM 1639 O O   . HOH F 2 .  ? 4.248   11.513  8.469   1.00 69.17  ? 520 HOH C O   1 
HETATM 1640 O O   . HOH F 2 .  ? 14.686  0.844   8.992   1.00 116.80 ? 521 HOH C O   1 
HETATM 1641 O O   . HOH F 2 .  ? 22.347  9.372   0.644   1.00 48.00  ? 522 HOH C O   1 
HETATM 1642 O O   . HOH F 2 .  ? -4.632  8.408   11.699  1.00 38.90  ? 523 HOH C O   1 
HETATM 1643 O O   . HOH F 2 .  ? -25.281 -8.489  1.504   1.00 48.36  ? 524 HOH C O   1 
HETATM 1644 O O   . HOH F 2 .  ? 19.613  -5.520  1.755   1.00 122.07 ? 525 HOH C O   1 
HETATM 1645 O O   . HOH F 2 .  ? -6.180  -6.790  10.325  1.00 49.27  ? 526 HOH C O   1 
HETATM 1646 O O   . HOH F 2 .  ? 3.811   -0.916  14.789  1.00 60.34  ? 527 HOH C O   1 
HETATM 1647 O O   . HOH F 2 .  ? 7.301   10.613  5.871   1.00 42.92  ? 528 HOH C O   1 
HETATM 1648 O O   . HOH F 2 .  ? -16.046 2.832   19.338  1.00 56.94  ? 529 HOH C O   1 
HETATM 1649 O O   . HOH F 2 .  ? -14.089 6.727   15.481  1.00 41.91  ? 530 HOH C O   1 
HETATM 1650 O O   . HOH F 2 .  ? 8.736   -6.161  7.531   1.00 45.53  ? 531 HOH C O   1 
HETATM 1651 O O   . HOH F 2 .  ? 0.438   12.022  7.849   1.00 46.59  ? 532 HOH C O   1 
HETATM 1652 O O   . HOH F 2 .  ? 28.294  -1.241  -0.698  1.00 118.70 ? 533 HOH C O   1 
HETATM 1653 O O   . HOH F 2 .  ? -16.334 -9.027  3.091   1.00 44.51  ? 534 HOH C O   1 
HETATM 1654 O O   . HOH F 2 .  ? -17.065 -5.327  15.191  1.00 49.94  ? 535 HOH C O   1 
HETATM 1655 O O   . HOH F 2 .  ? 17.575  0.048   11.894  1.00 35.89  ? 536 HOH C O   1 
HETATM 1656 O O   . HOH F 2 .  ? -23.124 -10.637 5.174   1.00 48.42  ? 537 HOH C O   1 
HETATM 1657 O O   . HOH F 2 .  ? 2.292   -5.969  3.739   1.00 83.31  ? 538 HOH C O   1 
HETATM 1658 O O   . HOH F 2 .  ? -8.329  1.152   2.842   1.00 31.30  ? 539 HOH C O   1 
HETATM 1659 O O   . HOH F 2 .  ? -30.434 -3.582  5.059   1.00 56.71  ? 540 HOH C O   1 
HETATM 1660 O O   . HOH F 2 .  ? 29.926  2.221   1.453   1.00 57.07  ? 541 HOH C O   1 
HETATM 1661 O O   . HOH F 2 .  ? -11.588 -3.275  13.540  1.00 58.82  ? 542 HOH C O   1 
HETATM 1662 O O   . HOH F 2 .  ? 8.269   7.650   0.122   1.00 93.34  ? 543 HOH C O   1 
HETATM 1663 O O   . HOH F 2 .  ? -16.415 -4.441  1.652   1.00 97.32  ? 544 HOH C O   1 
HETATM 1664 O O   . HOH F 2 .  ? -1.830  4.899   15.427  1.00 83.43  ? 545 HOH C O   1 
HETATM 1665 O O   . HOH F 2 .  ? 22.458  5.145   9.444   1.00 75.76  ? 546 HOH C O   1 
HETATM 1666 O O   . HOH F 2 .  ? 15.478  -2.303  11.429  1.00 65.36  ? 547 HOH C O   1 
HETATM 1667 O O   . HOH F 2 .  ? 18.455  10.366  7.318   1.00 67.98  ? 548 HOH C O   1 
HETATM 1668 O O   . HOH F 2 .  ? -8.063  -0.151  8.962   1.00 96.41  ? 549 HOH C O   1 
HETATM 1669 O O   . HOH F 2 .  ? 15.860  0.813   0.813   1.00 97.26  ? 550 HOH C O   1 
HETATM 1670 O O   . HOH F 2 .  ? 6.749   13.816  9.737   1.00 52.12  ? 551 HOH C O   1 
# 
